data_2K29
#
_entry.id   2K29
#
_cell.length_a   1.000
_cell.length_b   1.000
_cell.length_c   1.000
_cell.angle_alpha   90.00
_cell.angle_beta   90.00
_cell.angle_gamma   90.00
#
_symmetry.space_group_name_H-M   'P 1'
#
_entity_poly.entity_id   1
_entity_poly.type   'polypeptide(L)'
_entity_poly.pdbx_seq_one_letter_code
;GSHMGSINLRIDDELKARSYAALEKMGVTPSEALRLMLEYIADNERLPFKQTL
;
_entity_poly.pdbx_strand_id   A,B
#
# COMPACT_ATOMS: atom_id res chain seq x y z
N MET A 4 12.97 -10.38 -6.26
CA MET A 4 11.82 -9.47 -6.07
C MET A 4 11.36 -8.92 -7.43
N GLY A 5 10.14 -8.38 -7.47
CA GLY A 5 9.60 -7.87 -8.70
C GLY A 5 8.92 -6.52 -8.50
N SER A 6 8.61 -5.86 -9.59
CA SER A 6 7.98 -4.56 -9.56
C SER A 6 6.56 -4.63 -10.09
N ILE A 7 5.68 -3.85 -9.50
CA ILE A 7 4.29 -3.76 -9.89
C ILE A 7 3.93 -2.32 -10.18
N ASN A 8 2.86 -2.11 -10.92
CA ASN A 8 2.37 -0.77 -11.24
C ASN A 8 1.13 -0.48 -10.41
N LEU A 9 1.17 0.63 -9.70
CA LEU A 9 0.07 1.10 -8.88
C LEU A 9 -0.40 2.43 -9.44
N ARG A 10 -1.69 2.73 -9.43
CA ARG A 10 -2.21 3.93 -10.06
C ARG A 10 -3.23 4.60 -9.13
N ILE A 11 -2.99 5.82 -8.70
CA ILE A 11 -3.92 6.55 -7.85
C ILE A 11 -3.98 8.00 -8.27
N ASP A 12 -4.94 8.75 -7.74
CA ASP A 12 -5.02 10.16 -8.04
C ASP A 12 -3.78 10.87 -7.50
N ASP A 13 -3.21 11.76 -8.30
CA ASP A 13 -1.94 12.40 -7.97
C ASP A 13 -2.03 13.18 -6.66
N GLU A 14 -3.20 13.77 -6.41
CA GLU A 14 -3.38 14.62 -5.22
C GLU A 14 -3.25 13.79 -3.96
N LEU A 15 -3.70 12.54 -4.00
CA LEU A 15 -3.68 11.67 -2.83
C LEU A 15 -2.28 11.16 -2.62
N LYS A 16 -1.65 10.76 -3.73
CA LYS A 16 -0.27 10.31 -3.73
C LYS A 16 0.64 11.36 -3.07
N ALA A 17 0.35 12.62 -3.32
CA ALA A 17 1.13 13.70 -2.74
C ALA A 17 1.11 13.65 -1.21
N ARG A 18 -0.09 13.54 -0.65
CA ARG A 18 -0.27 13.52 0.81
C ARG A 18 0.40 12.28 1.43
N SER A 19 0.14 11.12 0.83
CA SER A 19 0.65 9.85 1.32
C SER A 19 2.18 9.87 1.36
N TYR A 20 2.81 10.12 0.21
CA TYR A 20 4.26 10.13 0.10
C TYR A 20 4.87 11.18 1.03
N ALA A 21 4.21 12.32 1.14
CA ALA A 21 4.68 13.40 2.02
C ALA A 21 4.74 12.91 3.48
N ALA A 22 3.72 12.17 3.89
CA ALA A 22 3.64 11.65 5.25
C ALA A 22 4.75 10.63 5.54
N LEU A 23 4.95 9.70 4.61
CA LEU A 23 5.91 8.62 4.84
C LEU A 23 7.36 9.11 4.78
N GLU A 24 7.62 10.06 3.89
CA GLU A 24 8.99 10.57 3.71
C GLU A 24 9.40 11.43 4.89
N LYS A 25 8.40 11.98 5.63
CA LYS A 25 8.70 12.82 6.80
C LYS A 25 9.04 11.93 7.97
N MET A 26 8.38 10.77 8.03
CA MET A 26 8.64 9.77 9.04
C MET A 26 9.93 9.00 8.74
N GLY A 27 10.49 9.26 7.55
CA GLY A 27 11.73 8.63 7.17
C GLY A 27 11.55 7.24 6.63
N VAL A 28 10.30 6.87 6.32
CA VAL A 28 9.99 5.56 5.78
C VAL A 28 9.86 5.62 4.26
N THR A 29 10.63 4.76 3.57
CA THR A 29 10.58 4.68 2.12
C THR A 29 9.19 4.23 1.64
N PRO A 30 8.66 4.87 0.58
CA PRO A 30 7.35 4.48 0.02
C PRO A 30 7.27 2.99 -0.27
N SER A 31 8.32 2.48 -0.93
CA SER A 31 8.39 1.06 -1.27
C SER A 31 8.20 0.20 -0.03
N GLU A 32 8.65 0.72 1.13
CA GLU A 32 8.59 -0.04 2.37
C GLU A 32 7.19 0.02 2.99
N ALA A 33 6.58 1.21 3.00
CA ALA A 33 5.22 1.38 3.54
C ALA A 33 4.24 0.49 2.80
N LEU A 34 4.39 0.38 1.49
CA LEU A 34 3.53 -0.49 0.69
C LEU A 34 3.86 -1.96 0.97
N ARG A 35 5.15 -2.25 1.22
CA ARG A 35 5.61 -3.60 1.52
C ARG A 35 4.91 -4.13 2.78
N LEU A 36 4.91 -3.32 3.85
CA LEU A 36 4.31 -3.75 5.11
C LEU A 36 2.79 -3.79 5.01
N MET A 37 2.25 -3.04 4.06
CA MET A 37 0.83 -3.10 3.76
C MET A 37 0.50 -4.47 3.17
N LEU A 38 1.36 -4.93 2.26
CA LEU A 38 1.16 -6.22 1.61
C LEU A 38 1.20 -7.34 2.63
N GLU A 39 1.95 -7.10 3.71
CA GLU A 39 2.01 -8.04 4.81
C GLU A 39 0.65 -8.14 5.52
N TYR A 40 0.02 -7.00 5.86
CA TYR A 40 -1.21 -7.03 6.65
C TYR A 40 -2.39 -7.52 5.81
N ILE A 41 -2.42 -7.23 4.51
CA ILE A 41 -3.50 -7.73 3.67
C ILE A 41 -3.40 -9.26 3.53
N ALA A 42 -2.18 -9.75 3.37
CA ALA A 42 -1.93 -11.19 3.22
C ALA A 42 -2.28 -11.96 4.51
N ASP A 43 -1.99 -11.36 5.64
CA ASP A 43 -2.23 -12.00 6.94
C ASP A 43 -3.67 -11.85 7.39
N ASN A 44 -4.26 -10.68 7.15
CA ASN A 44 -5.60 -10.37 7.67
C ASN A 44 -6.68 -10.81 6.71
N GLU A 45 -6.39 -10.69 5.40
CA GLU A 45 -7.34 -11.06 4.34
C GLU A 45 -8.71 -10.41 4.58
N ARG A 46 -8.72 -9.11 4.86
CA ARG A 46 -9.98 -8.41 5.15
C ARG A 46 -9.94 -6.92 4.75
N LEU A 47 -8.78 -6.25 5.01
CA LEU A 47 -8.63 -4.82 4.78
C LEU A 47 -9.46 -4.01 5.78
N PRO A 48 -8.95 -2.85 6.24
CA PRO A 48 -9.69 -1.97 7.15
C PRO A 48 -11.01 -1.50 6.56
N PHE A 49 -10.94 -1.02 5.31
CA PHE A 49 -12.09 -0.51 4.61
C PHE A 49 -11.88 -0.78 3.12
N LYS A 50 -12.64 -1.70 2.57
CA LYS A 50 -12.51 -2.10 1.17
C LYS A 50 -13.47 -1.31 0.28
N GLN A 51 -13.78 -0.09 0.68
CA GLN A 51 -14.71 0.76 -0.08
C GLN A 51 -14.25 0.91 -1.53
N THR A 52 -15.22 0.97 -2.43
CA THR A 52 -14.95 1.15 -3.85
C THR A 52 -15.41 2.52 -4.33
N LEU A 53 -15.71 3.40 -3.38
CA LEU A 53 -16.20 4.75 -3.69
C LEU A 53 -17.55 4.67 -4.39
N MET B 4 -4.66 11.07 -12.70
CA MET B 4 -3.98 10.09 -11.82
C MET B 4 -2.65 9.67 -12.45
N GLY B 5 -1.79 9.10 -11.63
CA GLY B 5 -0.48 8.67 -12.09
C GLY B 5 -0.10 7.30 -11.60
N SER B 6 0.94 6.75 -12.19
CA SER B 6 1.41 5.43 -11.82
C SER B 6 2.77 5.50 -11.12
N ILE B 7 2.94 4.60 -10.15
CA ILE B 7 4.18 4.50 -9.40
C ILE B 7 4.71 3.10 -9.48
N ASN B 8 6.00 2.90 -9.20
CA ASN B 8 6.61 1.59 -9.20
C ASN B 8 6.86 1.15 -7.76
N LEU B 9 6.36 -0.03 -7.43
CA LEU B 9 6.52 -0.61 -6.11
C LEU B 9 7.32 -1.92 -6.29
N ARG B 10 8.19 -2.27 -5.34
CA ARG B 10 9.07 -3.43 -5.52
C ARG B 10 9.10 -4.22 -4.22
N ILE B 11 8.68 -5.47 -4.24
CA ILE B 11 8.71 -6.32 -3.04
C ILE B 11 9.13 -7.72 -3.45
N ASP B 12 9.39 -8.57 -2.47
CA ASP B 12 9.74 -9.95 -2.75
C ASP B 12 8.54 -10.65 -3.37
N ASP B 13 8.79 -11.43 -4.42
CA ASP B 13 7.73 -12.04 -5.20
C ASP B 13 6.87 -12.96 -4.35
N GLU B 14 7.49 -13.62 -3.36
CA GLU B 14 6.78 -14.59 -2.53
C GLU B 14 5.71 -13.90 -1.68
N LEU B 15 6.00 -12.66 -1.27
CA LEU B 15 5.09 -11.92 -0.41
C LEU B 15 3.94 -11.38 -1.25
N LYS B 16 4.33 -10.83 -2.40
CA LYS B 16 3.39 -10.33 -3.39
C LYS B 16 2.34 -11.38 -3.71
N ALA B 17 2.76 -12.64 -3.81
CA ALA B 17 1.85 -13.73 -4.11
C ALA B 17 0.75 -13.86 -3.07
N ARG B 18 1.15 -13.84 -1.79
CA ARG B 18 0.18 -13.99 -0.70
C ARG B 18 -0.77 -12.80 -0.65
N SER B 19 -0.22 -11.59 -0.73
CA SER B 19 -1.00 -10.37 -0.66
C SER B 19 -2.06 -10.31 -1.76
N TYR B 20 -1.61 -10.41 -3.00
CA TYR B 20 -2.51 -10.36 -4.15
C TYR B 20 -3.55 -11.45 -4.08
N ALA B 21 -3.13 -12.64 -3.65
CA ALA B 21 -4.04 -13.78 -3.51
C ALA B 21 -5.18 -13.46 -2.54
N ALA B 22 -4.83 -12.80 -1.44
CA ALA B 22 -5.81 -12.42 -0.42
C ALA B 22 -6.81 -11.38 -0.95
N LEU B 23 -6.33 -10.35 -1.59
CA LEU B 23 -7.20 -9.25 -2.04
C LEU B 23 -8.10 -9.68 -3.21
N GLU B 24 -7.58 -10.52 -4.09
CA GLU B 24 -8.34 -10.96 -5.26
C GLU B 24 -9.45 -11.94 -4.86
N LYS B 25 -9.29 -12.59 -3.71
CA LYS B 25 -10.31 -13.53 -3.24
C LYS B 25 -11.46 -12.75 -2.60
N MET B 26 -11.11 -11.64 -1.97
CA MET B 26 -12.07 -10.72 -1.38
C MET B 26 -12.76 -9.89 -2.44
N GLY B 27 -12.23 -9.98 -3.66
CA GLY B 27 -12.81 -9.28 -4.79
C GLY B 27 -12.36 -7.83 -4.87
N VAL B 28 -11.30 -7.51 -4.12
CA VAL B 28 -10.75 -6.15 -4.10
C VAL B 28 -9.56 -6.06 -5.05
N THR B 29 -9.60 -5.09 -5.96
CA THR B 29 -8.53 -4.86 -6.90
C THR B 29 -7.26 -4.42 -6.15
N PRO B 30 -6.07 -4.96 -6.53
CA PRO B 30 -4.80 -4.59 -5.90
C PRO B 30 -4.59 -3.09 -5.89
N SER B 31 -4.85 -2.46 -7.04
CA SER B 31 -4.73 -1.01 -7.16
C SER B 31 -5.55 -0.29 -6.11
N GLU B 32 -6.68 -0.90 -5.73
CA GLU B 32 -7.57 -0.30 -4.76
C GLU B 32 -7.08 -0.48 -3.34
N ALA B 33 -6.64 -1.69 -2.99
CA ALA B 33 -6.11 -1.98 -1.66
C ALA B 33 -4.94 -1.05 -1.31
N LEU B 34 -4.09 -0.78 -2.31
CA LEU B 34 -2.97 0.11 -2.11
C LEU B 34 -3.45 1.56 -2.01
N ARG B 35 -4.50 1.87 -2.78
CA ARG B 35 -5.11 3.20 -2.77
C ARG B 35 -5.60 3.57 -1.37
N LEU B 36 -6.35 2.66 -0.75
CA LEU B 36 -6.90 2.91 0.58
C LEU B 36 -5.80 2.90 1.64
N MET B 37 -4.70 2.21 1.34
CA MET B 37 -3.52 2.25 2.18
C MET B 37 -2.94 3.68 2.17
N LEU B 38 -2.86 4.25 0.99
CA LEU B 38 -2.29 5.59 0.83
C LEU B 38 -3.13 6.59 1.61
N GLU B 39 -4.42 6.29 1.75
CA GLU B 39 -5.32 7.11 2.53
C GLU B 39 -4.95 7.08 4.02
N TYR B 40 -4.71 5.88 4.58
CA TYR B 40 -4.44 5.77 6.02
C TYR B 40 -3.06 6.31 6.39
N ILE B 41 -2.07 6.14 5.51
CA ILE B 41 -0.74 6.68 5.80
C ILE B 41 -0.79 8.21 5.79
N ALA B 42 -1.53 8.77 4.84
CA ALA B 42 -1.65 10.23 4.72
C ALA B 42 -2.39 10.83 5.91
N ASP B 43 -3.40 10.13 6.40
CA ASP B 43 -4.22 10.64 7.49
C ASP B 43 -3.57 10.37 8.86
N ASN B 44 -2.94 9.22 8.99
CA ASN B 44 -2.42 8.78 10.29
C ASN B 44 -0.99 9.29 10.50
N GLU B 45 -0.19 9.32 9.41
CA GLU B 45 1.20 9.77 9.46
C GLU B 45 1.99 9.03 10.54
N ARG B 46 1.67 7.75 10.81
CA ARG B 46 2.35 6.99 11.84
C ARG B 46 2.66 5.55 11.41
N LEU B 47 1.74 4.91 10.67
CA LEU B 47 1.91 3.51 10.25
C LEU B 47 1.90 2.57 11.45
N PRO B 48 1.69 1.26 11.21
CA PRO B 48 1.86 0.24 12.26
C PRO B 48 3.33 0.14 12.67
N PHE B 49 4.21 0.26 11.67
CA PHE B 49 5.65 0.26 11.88
C PHE B 49 6.26 1.29 10.92
N LYS B 50 6.70 2.42 11.43
CA LYS B 50 7.26 3.48 10.59
C LYS B 50 8.76 3.55 10.74
N GLN B 51 9.41 2.39 10.64
CA GLN B 51 10.86 2.29 10.61
C GLN B 51 11.45 3.38 9.70
N THR B 52 12.43 4.11 10.18
CA THR B 52 13.12 5.10 9.38
C THR B 52 14.06 4.38 8.40
N LEU B 53 13.45 3.60 7.49
CA LEU B 53 14.18 2.73 6.58
C LEU B 53 14.04 3.25 5.15
N MET A 4 13.00 -9.80 -5.47
CA MET A 4 12.05 -8.65 -5.38
C MET A 4 11.56 -8.27 -6.77
N GLY A 5 10.28 -7.97 -6.86
CA GLY A 5 9.69 -7.59 -8.14
C GLY A 5 9.07 -6.21 -8.07
N SER A 6 8.98 -5.56 -9.23
CA SER A 6 8.36 -4.24 -9.34
C SER A 6 6.99 -4.33 -10.03
N ILE A 7 6.04 -3.56 -9.50
CA ILE A 7 4.67 -3.53 -10.00
C ILE A 7 4.26 -2.11 -10.29
N ASN A 8 3.18 -1.93 -11.05
CA ASN A 8 2.67 -0.60 -11.37
C ASN A 8 1.43 -0.32 -10.54
N LEU A 9 1.47 0.81 -9.84
CA LEU A 9 0.36 1.25 -8.99
C LEU A 9 -0.18 2.57 -9.57
N ARG A 10 -1.48 2.84 -9.48
CA ARG A 10 -2.07 4.03 -10.10
C ARG A 10 -3.05 4.65 -9.11
N ILE A 11 -2.90 5.91 -8.77
CA ILE A 11 -3.79 6.57 -7.80
C ILE A 11 -4.01 8.03 -8.17
N ASP A 12 -4.95 8.64 -7.43
CA ASP A 12 -5.19 10.08 -7.51
C ASP A 12 -3.89 10.84 -7.28
N ASP A 13 -3.53 11.73 -8.19
CA ASP A 13 -2.29 12.51 -8.09
C ASP A 13 -2.30 13.34 -6.82
N GLU A 14 -3.47 13.79 -6.40
CA GLU A 14 -3.63 14.61 -5.20
C GLU A 14 -3.36 13.78 -3.96
N LEU A 15 -3.82 12.53 -3.96
CA LEU A 15 -3.73 11.69 -2.77
C LEU A 15 -2.29 11.26 -2.60
N LYS A 16 -1.68 10.93 -3.73
CA LYS A 16 -0.26 10.60 -3.80
C LYS A 16 0.57 11.61 -3.02
N ALA A 17 0.35 12.89 -3.33
CA ALA A 17 1.08 14.01 -2.73
C ALA A 17 1.05 13.95 -1.20
N ARG A 18 -0.16 13.79 -0.63
CA ARG A 18 -0.33 13.81 0.81
C ARG A 18 0.29 12.57 1.46
N SER A 19 0.03 11.41 0.87
CA SER A 19 0.55 10.14 1.35
C SER A 19 2.08 10.17 1.45
N TYR A 20 2.72 10.52 0.33
CA TYR A 20 4.16 10.58 0.26
C TYR A 20 4.71 11.60 1.27
N ALA A 21 3.98 12.69 1.44
CA ALA A 21 4.36 13.75 2.36
C ALA A 21 4.43 13.21 3.79
N ALA A 22 3.42 12.43 4.16
CA ALA A 22 3.35 11.85 5.51
C ALA A 22 4.50 10.89 5.78
N LEU A 23 4.78 9.99 4.84
CA LEU A 23 5.79 8.95 5.06
C LEU A 23 7.21 9.53 5.04
N GLU A 24 7.48 10.52 4.20
CA GLU A 24 8.79 11.14 4.14
C GLU A 24 9.05 11.95 5.40
N LYS A 25 7.98 12.31 6.10
CA LYS A 25 8.07 13.00 7.38
C LYS A 25 8.65 12.03 8.42
N MET A 26 8.12 10.82 8.42
CA MET A 26 8.58 9.77 9.32
C MET A 26 9.92 9.21 8.85
N GLY A 27 10.34 9.60 7.67
CA GLY A 27 11.60 9.11 7.11
C GLY A 27 11.45 7.77 6.42
N VAL A 28 10.20 7.39 6.13
CA VAL A 28 9.91 6.12 5.48
C VAL A 28 9.89 6.27 3.96
N THR A 29 10.52 5.35 3.27
CA THR A 29 10.50 5.31 1.83
C THR A 29 9.13 4.82 1.34
N PRO A 30 8.54 5.47 0.31
CA PRO A 30 7.23 5.08 -0.23
C PRO A 30 7.14 3.57 -0.51
N SER A 31 8.15 3.05 -1.20
CA SER A 31 8.21 1.62 -1.54
C SER A 31 8.09 0.74 -0.29
N GLU A 32 8.57 1.26 0.83
CA GLU A 32 8.60 0.53 2.08
C GLU A 32 7.23 0.56 2.77
N ALA A 33 6.60 1.74 2.78
CA ALA A 33 5.27 1.87 3.35
C ALA A 33 4.27 0.96 2.65
N LEU A 34 4.40 0.84 1.34
CA LEU A 34 3.55 -0.05 0.57
C LEU A 34 3.90 -1.53 0.87
N ARG A 35 5.18 -1.76 1.17
CA ARG A 35 5.66 -3.10 1.49
C ARG A 35 4.99 -3.63 2.77
N LEU A 36 4.99 -2.80 3.81
CA LEU A 36 4.38 -3.19 5.09
C LEU A 36 2.86 -3.30 4.96
N MET A 37 2.31 -2.58 3.98
CA MET A 37 0.88 -2.69 3.70
C MET A 37 0.55 -4.09 3.20
N LEU A 38 1.38 -4.61 2.31
CA LEU A 38 1.15 -5.90 1.70
C LEU A 38 1.17 -6.98 2.79
N GLU A 39 1.90 -6.70 3.84
CA GLU A 39 1.97 -7.58 4.99
C GLU A 39 0.63 -7.66 5.71
N TYR A 40 0.00 -6.51 5.97
CA TYR A 40 -1.24 -6.51 6.77
C TYR A 40 -2.43 -7.07 5.99
N ILE A 41 -2.45 -6.87 4.68
CA ILE A 41 -3.57 -7.37 3.86
C ILE A 41 -3.56 -8.90 3.81
N ALA A 42 -2.38 -9.49 3.72
CA ALA A 42 -2.23 -10.94 3.68
C ALA A 42 -2.57 -11.52 5.05
N ASP A 43 -2.31 -10.77 6.10
CA ASP A 43 -2.52 -11.21 7.47
C ASP A 43 -4.00 -11.10 7.86
N ASN A 44 -4.61 -9.98 7.53
CA ASN A 44 -5.95 -9.66 7.99
C ASN A 44 -7.02 -10.07 6.97
N GLU A 45 -6.67 -9.93 5.68
CA GLU A 45 -7.59 -10.22 4.56
C GLU A 45 -8.91 -9.47 4.71
N ARG A 46 -8.85 -8.16 4.98
CA ARG A 46 -10.08 -7.39 5.17
C ARG A 46 -9.92 -5.92 4.71
N LEU A 47 -8.74 -5.34 4.95
CA LEU A 47 -8.46 -3.92 4.56
C LEU A 47 -9.22 -2.96 5.47
N PRO A 48 -8.59 -1.82 5.83
CA PRO A 48 -9.23 -0.78 6.67
C PRO A 48 -10.43 -0.14 5.99
N PHE A 49 -10.28 0.23 4.72
CA PHE A 49 -11.32 0.95 3.98
C PHE A 49 -12.03 -0.02 3.05
N LYS A 50 -11.32 -0.49 2.04
CA LYS A 50 -11.85 -1.39 1.02
C LYS A 50 -12.86 -0.69 0.08
N GLN A 51 -13.54 0.33 0.58
CA GLN A 51 -14.46 1.16 -0.23
C GLN A 51 -15.61 0.29 -0.74
N THR A 52 -15.74 -0.89 -0.15
CA THR A 52 -16.73 -1.89 -0.54
C THR A 52 -16.49 -2.38 -1.98
N LEU A 53 -15.28 -2.16 -2.48
CA LEU A 53 -14.90 -2.62 -3.82
C LEU A 53 -14.66 -4.13 -3.78
N MET B 4 -4.71 10.82 -12.57
CA MET B 4 -4.11 9.64 -11.91
C MET B 4 -2.72 9.35 -12.47
N GLY B 5 -1.79 9.03 -11.58
CA GLY B 5 -0.42 8.73 -11.99
C GLY B 5 -0.01 7.32 -11.59
N SER B 6 0.95 6.76 -12.32
CA SER B 6 1.47 5.45 -12.04
C SER B 6 2.88 5.53 -11.44
N ILE B 7 3.15 4.69 -10.43
CA ILE B 7 4.42 4.67 -9.73
C ILE B 7 4.96 3.24 -9.72
N ASN B 8 6.26 3.10 -9.42
CA ASN B 8 6.89 1.78 -9.35
C ASN B 8 7.07 1.37 -7.88
N LEU B 9 6.54 0.20 -7.56
CA LEU B 9 6.64 -0.35 -6.22
C LEU B 9 7.48 -1.62 -6.29
N ARG B 10 8.27 -1.95 -5.26
CA ARG B 10 9.18 -3.11 -5.32
C ARG B 10 9.10 -3.85 -3.98
N ILE B 11 8.79 -5.13 -4.00
CA ILE B 11 8.66 -5.90 -2.75
C ILE B 11 9.15 -7.34 -2.93
N ASP B 12 9.19 -8.05 -1.80
CA ASP B 12 9.50 -9.47 -1.80
C ASP B 12 8.50 -10.23 -2.69
N ASP B 13 9.00 -11.02 -3.61
CA ASP B 13 8.16 -11.74 -4.56
C ASP B 13 7.23 -12.69 -3.82
N GLU B 14 7.70 -13.21 -2.68
CA GLU B 14 6.91 -14.12 -1.88
C GLU B 14 5.76 -13.40 -1.20
N LEU B 15 6.00 -12.17 -0.75
CA LEU B 15 5.01 -11.44 0.04
C LEU B 15 3.92 -10.97 -0.93
N LYS B 16 4.36 -10.54 -2.09
CA LYS B 16 3.49 -10.14 -3.17
C LYS B 16 2.40 -11.19 -3.40
N ALA B 17 2.85 -12.44 -3.54
CA ALA B 17 1.95 -13.57 -3.78
C ALA B 17 0.81 -13.65 -2.76
N ARG B 18 1.17 -13.59 -1.48
CA ARG B 18 0.16 -13.74 -0.41
C ARG B 18 -0.79 -12.53 -0.38
N SER B 19 -0.21 -11.33 -0.46
CA SER B 19 -0.97 -10.09 -0.43
C SER B 19 -2.04 -10.06 -1.53
N TYR B 20 -1.59 -10.30 -2.77
CA TYR B 20 -2.47 -10.32 -3.93
C TYR B 20 -3.55 -11.38 -3.76
N ALA B 21 -3.15 -12.51 -3.22
CA ALA B 21 -4.07 -13.64 -2.98
C ALA B 21 -5.22 -13.21 -2.05
N ALA B 22 -4.87 -12.51 -0.99
CA ALA B 22 -5.86 -12.04 -0.01
C ALA B 22 -6.87 -11.07 -0.64
N LEU B 23 -6.36 -10.09 -1.39
CA LEU B 23 -7.22 -9.03 -1.92
C LEU B 23 -8.12 -9.54 -3.04
N GLU B 24 -7.60 -10.46 -3.89
CA GLU B 24 -8.38 -11.02 -4.98
C GLU B 24 -9.50 -11.94 -4.43
N LYS B 25 -9.31 -12.39 -3.21
CA LYS B 25 -10.30 -13.17 -2.49
C LYS B 25 -11.52 -12.29 -2.16
N MET B 26 -11.23 -11.10 -1.65
CA MET B 26 -12.26 -10.11 -1.34
C MET B 26 -12.79 -9.45 -2.61
N GLY B 27 -12.13 -9.73 -3.74
CA GLY B 27 -12.55 -9.16 -5.01
C GLY B 27 -11.99 -7.77 -5.24
N VAL B 28 -10.99 -7.41 -4.45
CA VAL B 28 -10.35 -6.10 -4.53
C VAL B 28 -9.19 -6.12 -5.50
N THR B 29 -9.10 -5.11 -6.37
CA THR B 29 -7.98 -4.94 -7.28
C THR B 29 -6.74 -4.47 -6.50
N PRO B 30 -5.54 -5.04 -6.77
CA PRO B 30 -4.31 -4.66 -6.10
C PRO B 30 -4.09 -3.14 -6.09
N SER B 31 -4.26 -2.52 -7.26
CA SER B 31 -4.10 -1.06 -7.39
C SER B 31 -5.00 -0.32 -6.41
N GLU B 32 -6.14 -0.91 -6.10
CA GLU B 32 -7.14 -0.28 -5.24
C GLU B 32 -6.78 -0.43 -3.77
N ALA B 33 -6.35 -1.62 -3.38
CA ALA B 33 -5.91 -1.86 -2.00
C ALA B 33 -4.76 -0.92 -1.63
N LEU B 34 -3.86 -0.68 -2.58
CA LEU B 34 -2.74 0.23 -2.37
C LEU B 34 -3.26 1.68 -2.30
N ARG B 35 -4.32 1.96 -3.05
CA ARG B 35 -4.93 3.28 -3.11
C ARG B 35 -5.48 3.65 -1.73
N LEU B 36 -6.24 2.74 -1.12
CA LEU B 36 -6.83 2.99 0.20
C LEU B 36 -5.76 3.06 1.28
N MET B 37 -4.62 2.41 1.02
CA MET B 37 -3.48 2.49 1.91
C MET B 37 -2.94 3.91 1.97
N LEU B 38 -2.83 4.53 0.80
CA LEU B 38 -2.27 5.88 0.70
C LEU B 38 -3.16 6.85 1.47
N GLU B 39 -4.42 6.48 1.59
CA GLU B 39 -5.37 7.27 2.34
C GLU B 39 -5.05 7.25 3.83
N TYR B 40 -4.79 6.06 4.41
CA TYR B 40 -4.58 5.95 5.85
C TYR B 40 -3.25 6.50 6.28
N ILE B 41 -2.22 6.44 5.44
CA ILE B 41 -0.91 6.97 5.80
C ILE B 41 -0.96 8.49 5.89
N ALA B 42 -1.67 9.12 4.97
CA ALA B 42 -1.80 10.58 4.98
C ALA B 42 -2.63 11.06 6.16
N ASP B 43 -3.58 10.21 6.57
CA ASP B 43 -4.49 10.53 7.66
C ASP B 43 -3.83 10.33 9.03
N ASN B 44 -3.13 9.21 9.20
CA ASN B 44 -2.57 8.79 10.48
C ASN B 44 -1.14 9.27 10.63
N GLU B 45 -0.40 9.26 9.52
CA GLU B 45 1.01 9.63 9.52
C GLU B 45 1.80 8.84 10.57
N ARG B 46 1.66 7.51 10.55
CA ARG B 46 2.39 6.65 11.49
C ARG B 46 2.70 5.27 10.91
N LEU B 47 1.75 4.70 10.14
CA LEU B 47 1.89 3.34 9.60
C LEU B 47 1.89 2.27 10.69
N PRO B 48 1.34 1.07 10.41
CA PRO B 48 1.30 -0.04 11.38
C PRO B 48 2.69 -0.45 11.85
N PHE B 49 3.60 -0.64 10.90
CA PHE B 49 4.99 -1.02 11.20
C PHE B 49 5.94 -0.37 10.20
N LYS B 50 6.34 0.87 10.46
CA LYS B 50 7.18 1.62 9.53
C LYS B 50 8.65 1.27 9.71
N GLN B 51 9.00 0.06 9.30
CA GLN B 51 10.37 -0.41 9.27
C GLN B 51 11.03 -0.14 7.93
N THR B 52 12.34 -0.29 7.87
CA THR B 52 13.10 -0.22 6.63
C THR B 52 14.31 -1.16 6.74
N LEU B 53 14.03 -2.45 6.64
CA LEU B 53 15.05 -3.49 6.79
C LEU B 53 15.61 -3.89 5.43
N MET A 4 12.70 -10.14 -6.25
CA MET A 4 11.92 -8.87 -6.19
C MET A 4 11.49 -8.44 -7.60
N GLY A 5 10.29 -7.89 -7.67
CA GLY A 5 9.81 -7.35 -8.94
C GLY A 5 9.05 -6.06 -8.71
N SER A 6 8.67 -5.43 -9.82
CA SER A 6 7.96 -4.18 -9.80
C SER A 6 6.53 -4.33 -10.31
N ILE A 7 5.61 -3.61 -9.68
CA ILE A 7 4.19 -3.59 -10.08
C ILE A 7 3.77 -2.16 -10.37
N ASN A 8 2.60 -1.99 -10.95
CA ASN A 8 2.09 -0.68 -11.31
C ASN A 8 0.84 -0.36 -10.46
N LEU A 9 0.90 0.76 -9.76
CA LEU A 9 -0.18 1.22 -8.93
C LEU A 9 -0.71 2.53 -9.53
N ARG A 10 -2.03 2.77 -9.47
CA ARG A 10 -2.61 3.94 -10.12
C ARG A 10 -3.64 4.58 -9.19
N ILE A 11 -3.43 5.84 -8.82
CA ILE A 11 -4.36 6.57 -7.94
C ILE A 11 -4.46 8.01 -8.38
N ASP A 12 -5.42 8.75 -7.81
CA ASP A 12 -5.55 10.16 -8.11
C ASP A 12 -4.33 10.90 -7.60
N ASP A 13 -3.78 11.81 -8.43
CA ASP A 13 -2.53 12.48 -8.13
C ASP A 13 -2.61 13.26 -6.82
N GLU A 14 -3.83 13.66 -6.44
CA GLU A 14 -4.04 14.40 -5.21
C GLU A 14 -3.70 13.54 -4.01
N LEU A 15 -4.11 12.28 -4.06
CA LEU A 15 -4.00 11.39 -2.92
C LEU A 15 -2.56 10.95 -2.77
N LYS A 16 -1.95 10.68 -3.94
CA LYS A 16 -0.53 10.39 -4.03
C LYS A 16 0.30 11.39 -3.26
N ALA A 17 0.06 12.67 -3.54
CA ALA A 17 0.85 13.74 -2.96
C ALA A 17 0.83 13.70 -1.43
N ARG A 18 -0.37 13.54 -0.84
CA ARG A 18 -0.50 13.52 0.62
C ARG A 18 0.21 12.31 1.22
N SER A 19 -0.08 11.13 0.68
CA SER A 19 0.50 9.88 1.18
C SER A 19 2.03 9.94 1.16
N TYR A 20 2.57 10.17 -0.03
CA TYR A 20 4.03 10.22 -0.21
C TYR A 20 4.65 11.26 0.72
N ALA A 21 3.96 12.37 0.94
CA ALA A 21 4.46 13.42 1.86
C ALA A 21 4.54 12.90 3.29
N ALA A 22 3.49 12.19 3.71
CA ALA A 22 3.40 11.66 5.07
C ALA A 22 4.52 10.67 5.36
N LEU A 23 4.78 9.78 4.41
CA LEU A 23 5.75 8.70 4.64
C LEU A 23 7.19 9.25 4.58
N GLU A 24 7.43 10.22 3.70
CA GLU A 24 8.76 10.81 3.60
C GLU A 24 9.02 11.69 4.82
N LYS A 25 7.95 12.15 5.44
CA LYS A 25 7.99 12.91 6.68
C LYS A 25 8.45 11.99 7.82
N MET A 26 7.74 10.88 7.92
CA MET A 26 8.02 9.84 8.92
C MET A 26 9.44 9.31 8.76
N GLY A 27 9.92 9.29 7.51
CA GLY A 27 11.25 8.78 7.23
C GLY A 27 11.21 7.38 6.62
N VAL A 28 10.05 6.99 6.14
CA VAL A 28 9.84 5.69 5.50
C VAL A 28 9.82 5.81 3.99
N THR A 29 10.68 5.03 3.32
CA THR A 29 10.73 4.98 1.88
C THR A 29 9.38 4.55 1.29
N PRO A 30 8.89 5.24 0.23
CA PRO A 30 7.59 4.94 -0.39
C PRO A 30 7.43 3.43 -0.67
N SER A 31 8.40 2.85 -1.37
CA SER A 31 8.35 1.42 -1.72
C SER A 31 8.24 0.55 -0.47
N GLU A 32 8.75 1.06 0.65
CA GLU A 32 8.76 0.32 1.92
C GLU A 32 7.39 0.39 2.59
N ALA A 33 6.76 1.58 2.60
CA ALA A 33 5.41 1.73 3.18
C ALA A 33 4.40 0.81 2.49
N LEU A 34 4.55 0.68 1.17
CA LEU A 34 3.68 -0.21 0.39
C LEU A 34 4.09 -1.67 0.63
N ARG A 35 5.39 -1.88 0.89
CA ARG A 35 5.90 -3.21 1.16
C ARG A 35 5.27 -3.81 2.43
N LEU A 36 5.28 -3.04 3.51
CA LEU A 36 4.71 -3.48 4.75
C LEU A 36 3.18 -3.53 4.68
N MET A 37 2.62 -2.80 3.72
CA MET A 37 1.20 -2.87 3.44
C MET A 37 0.85 -4.25 2.92
N LEU A 38 1.68 -4.74 1.98
CA LEU A 38 1.44 -6.04 1.38
C LEU A 38 1.47 -7.13 2.44
N GLU A 39 2.24 -6.87 3.47
CA GLU A 39 2.33 -7.79 4.61
C GLU A 39 1.02 -7.85 5.38
N TYR A 40 0.46 -6.69 5.75
CA TYR A 40 -0.73 -6.68 6.62
C TYR A 40 -1.96 -7.25 5.90
N ILE A 41 -2.06 -7.03 4.59
CA ILE A 41 -3.21 -7.53 3.82
C ILE A 41 -3.14 -9.05 3.70
N ALA A 42 -1.95 -9.56 3.46
CA ALA A 42 -1.77 -11.01 3.30
C ALA A 42 -2.10 -11.75 4.59
N ASP A 43 -1.75 -11.11 5.72
CA ASP A 43 -1.90 -11.73 7.03
C ASP A 43 -3.33 -11.57 7.56
N ASN A 44 -3.88 -10.36 7.44
CA ASN A 44 -5.15 -10.01 8.05
C ASN A 44 -6.33 -10.19 7.08
N GLU A 45 -6.08 -9.94 5.81
CA GLU A 45 -7.11 -10.07 4.76
C GLU A 45 -8.36 -9.25 5.14
N ARG A 46 -8.15 -8.00 5.55
CA ARG A 46 -9.27 -7.15 6.01
C ARG A 46 -9.21 -5.73 5.39
N LEU A 47 -8.02 -5.11 5.41
CA LEU A 47 -7.83 -3.73 4.97
C LEU A 47 -8.55 -2.74 5.90
N PRO A 48 -7.94 -1.58 6.17
CA PRO A 48 -8.51 -0.60 7.09
C PRO A 48 -9.81 0.01 6.54
N PHE A 49 -9.78 0.35 5.25
CA PHE A 49 -10.93 1.00 4.58
C PHE A 49 -11.10 0.42 3.19
N LYS A 50 -11.85 -0.66 3.09
CA LYS A 50 -11.98 -1.40 1.83
C LYS A 50 -13.11 -0.86 0.96
N GLN A 51 -13.07 0.44 0.71
CA GLN A 51 -13.95 1.08 -0.25
C GLN A 51 -13.50 0.75 -1.69
N THR A 52 -14.19 1.32 -2.66
CA THR A 52 -13.81 1.17 -4.06
C THR A 52 -14.26 2.41 -4.85
N LEU A 53 -14.59 3.47 -4.11
CA LEU A 53 -15.16 4.69 -4.67
C LEU A 53 -16.44 4.37 -5.44
N MET B 4 -5.09 11.12 -12.22
CA MET B 4 -4.53 9.81 -11.78
C MET B 4 -3.23 9.50 -12.50
N GLY B 5 -2.30 8.90 -11.78
CA GLY B 5 -1.04 8.52 -12.37
C GLY B 5 -0.60 7.16 -11.84
N SER B 6 0.47 6.65 -12.42
CA SER B 6 1.00 5.34 -12.03
C SER B 6 2.38 5.49 -11.37
N ILE B 7 2.62 4.65 -10.37
CA ILE B 7 3.90 4.62 -9.66
C ILE B 7 4.47 3.21 -9.71
N ASN B 8 5.73 3.05 -9.32
CA ASN B 8 6.38 1.76 -9.36
C ASN B 8 6.68 1.29 -7.93
N LEU B 9 6.19 0.10 -7.62
CA LEU B 9 6.41 -0.50 -6.30
C LEU B 9 7.27 -1.76 -6.50
N ARG B 10 8.16 -2.08 -5.56
CA ARG B 10 9.09 -3.20 -5.73
C ARG B 10 9.20 -3.97 -4.43
N ILE B 11 8.85 -5.27 -4.46
CA ILE B 11 8.92 -6.12 -3.28
C ILE B 11 9.36 -7.51 -3.67
N ASP B 12 9.65 -8.35 -2.68
CA ASP B 12 10.03 -9.73 -2.94
C ASP B 12 8.82 -10.45 -3.54
N ASP B 13 9.08 -11.24 -4.59
CA ASP B 13 8.00 -11.88 -5.33
C ASP B 13 7.16 -12.79 -4.44
N GLU B 14 7.78 -13.32 -3.37
CA GLU B 14 7.08 -14.18 -2.45
C GLU B 14 5.97 -13.43 -1.75
N LEU B 15 6.24 -12.20 -1.35
CA LEU B 15 5.33 -11.44 -0.51
C LEU B 15 4.18 -10.94 -1.39
N LYS B 16 4.56 -10.53 -2.60
CA LYS B 16 3.60 -10.14 -3.64
C LYS B 16 2.51 -11.18 -3.80
N ALA B 17 2.95 -12.44 -3.99
CA ALA B 17 2.02 -13.55 -4.23
C ALA B 17 0.94 -13.63 -3.14
N ARG B 18 1.37 -13.63 -1.86
CA ARG B 18 0.44 -13.77 -0.73
C ARG B 18 -0.54 -12.59 -0.69
N SER B 19 0.00 -11.37 -0.75
CA SER B 19 -0.82 -10.16 -0.65
C SER B 19 -1.88 -10.13 -1.73
N TYR B 20 -1.44 -10.21 -2.97
CA TYR B 20 -2.33 -10.18 -4.14
C TYR B 20 -3.39 -11.29 -4.05
N ALA B 21 -3.01 -12.44 -3.51
CA ALA B 21 -3.95 -13.56 -3.34
C ALA B 21 -5.03 -13.19 -2.33
N ALA B 22 -4.61 -12.59 -1.21
CA ALA B 22 -5.51 -12.22 -0.15
C ALA B 22 -6.57 -11.21 -0.62
N LEU B 23 -6.13 -10.18 -1.34
CA LEU B 23 -7.03 -9.10 -1.76
C LEU B 23 -7.97 -9.58 -2.88
N GLU B 24 -7.50 -10.42 -3.79
CA GLU B 24 -8.34 -10.95 -4.85
C GLU B 24 -9.34 -11.94 -4.27
N LYS B 25 -8.99 -12.52 -3.12
CA LYS B 25 -9.86 -13.40 -2.38
C LYS B 25 -11.03 -12.59 -1.80
N MET B 26 -10.66 -11.54 -1.10
CA MET B 26 -11.60 -10.61 -0.48
C MET B 26 -12.52 -10.01 -1.55
N GLY B 27 -11.98 -9.81 -2.76
CA GLY B 27 -12.73 -9.21 -3.84
C GLY B 27 -12.35 -7.76 -4.07
N VAL B 28 -11.18 -7.37 -3.53
CA VAL B 28 -10.67 -6.02 -3.69
C VAL B 28 -9.59 -5.96 -4.77
N THR B 29 -9.77 -5.09 -5.75
CA THR B 29 -8.79 -4.88 -6.80
C THR B 29 -7.43 -4.46 -6.21
N PRO B 30 -6.29 -5.03 -6.69
CA PRO B 30 -4.96 -4.74 -6.18
C PRO B 30 -4.70 -3.21 -6.09
N SER B 31 -4.92 -2.53 -7.19
CA SER B 31 -4.71 -1.07 -7.25
C SER B 31 -5.56 -0.35 -6.22
N GLU B 32 -6.68 -0.94 -5.81
CA GLU B 32 -7.59 -0.36 -4.86
C GLU B 32 -7.09 -0.56 -3.43
N ALA B 33 -6.62 -1.76 -3.11
CA ALA B 33 -6.06 -2.06 -1.78
C ALA B 33 -4.89 -1.12 -1.47
N LEU B 34 -4.08 -0.84 -2.47
CA LEU B 34 -2.96 0.10 -2.30
C LEU B 34 -3.47 1.53 -2.25
N ARG B 35 -4.57 1.79 -2.96
CA ARG B 35 -5.19 3.11 -3.01
C ARG B 35 -5.65 3.54 -1.60
N LEU B 36 -6.40 2.65 -0.94
CA LEU B 36 -6.89 2.93 0.40
C LEU B 36 -5.74 2.91 1.43
N MET B 37 -4.65 2.24 1.06
CA MET B 37 -3.44 2.28 1.88
C MET B 37 -2.88 3.70 1.89
N LEU B 38 -2.83 4.32 0.74
CA LEU B 38 -2.28 5.66 0.62
C LEU B 38 -3.12 6.64 1.43
N GLU B 39 -4.39 6.31 1.60
CA GLU B 39 -5.27 7.10 2.43
C GLU B 39 -4.87 7.01 3.90
N TYR B 40 -4.69 5.79 4.44
CA TYR B 40 -4.46 5.64 5.87
C TYR B 40 -3.11 6.21 6.30
N ILE B 41 -2.10 6.13 5.42
CA ILE B 41 -0.76 6.66 5.75
C ILE B 41 -0.79 8.18 5.78
N ALA B 42 -1.49 8.79 4.83
CA ALA B 42 -1.58 10.24 4.75
C ALA B 42 -2.29 10.81 5.97
N ASP B 43 -3.30 10.10 6.45
CA ASP B 43 -4.14 10.56 7.56
C ASP B 43 -3.49 10.26 8.92
N ASN B 44 -2.95 9.05 9.07
CA ASN B 44 -2.45 8.57 10.36
C ASN B 44 -0.96 8.80 10.53
N GLU B 45 -0.21 8.74 9.42
CA GLU B 45 1.25 8.92 9.45
C GLU B 45 1.92 8.02 10.48
N ARG B 46 1.47 6.76 10.61
CA ARG B 46 2.04 5.84 11.59
C ARG B 46 2.34 4.47 11.02
N LEU B 47 1.55 4.02 10.05
CA LEU B 47 1.74 2.73 9.40
C LEU B 47 1.52 1.58 10.39
N PRO B 48 1.29 0.33 9.90
CA PRO B 48 1.07 -0.82 10.75
C PRO B 48 2.35 -1.33 11.44
N PHE B 49 3.48 -1.23 10.73
CA PHE B 49 4.73 -1.81 11.26
C PHE B 49 5.83 -0.74 11.36
N LYS B 50 6.29 -0.29 10.19
CA LYS B 50 7.45 0.61 10.06
C LYS B 50 8.76 -0.11 10.34
N GLN B 51 8.72 -1.11 11.24
CA GLN B 51 9.93 -1.83 11.68
C GLN B 51 10.84 -0.89 12.47
N THR B 52 11.64 -0.10 11.77
CA THR B 52 12.50 0.91 12.38
C THR B 52 12.51 2.20 11.55
N LEU B 53 11.65 2.22 10.54
CA LEU B 53 11.51 3.38 9.66
C LEU B 53 10.91 4.54 10.43
N MET A 4 13.07 -10.29 -5.67
CA MET A 4 12.08 -9.17 -5.64
C MET A 4 11.80 -8.64 -7.04
N GLY A 5 10.59 -8.10 -7.23
CA GLY A 5 10.21 -7.54 -8.50
C GLY A 5 9.44 -6.25 -8.32
N SER A 6 9.12 -5.61 -9.44
CA SER A 6 8.43 -4.34 -9.44
C SER A 6 7.03 -4.46 -10.04
N ILE A 7 6.09 -3.70 -9.48
CA ILE A 7 4.71 -3.65 -9.95
C ILE A 7 4.35 -2.20 -10.25
N ASN A 8 3.27 -2.00 -11.01
CA ASN A 8 2.79 -0.66 -11.33
C ASN A 8 1.52 -0.37 -10.51
N LEU A 9 1.54 0.75 -9.81
CA LEU A 9 0.39 1.20 -9.05
C LEU A 9 -0.07 2.52 -9.65
N ARG A 10 -1.38 2.83 -9.63
CA ARG A 10 -1.90 4.03 -10.28
C ARG A 10 -2.90 4.73 -9.35
N ILE A 11 -2.66 6.01 -9.05
CA ILE A 11 -3.57 6.77 -8.19
C ILE A 11 -3.58 8.23 -8.61
N ASP A 12 -4.57 8.98 -8.14
CA ASP A 12 -4.65 10.41 -8.44
C ASP A 12 -3.43 11.11 -7.83
N ASP A 13 -2.88 12.06 -8.57
CA ASP A 13 -1.65 12.73 -8.16
C ASP A 13 -1.86 13.51 -6.87
N GLU A 14 -3.09 14.01 -6.67
CA GLU A 14 -3.41 14.80 -5.49
C GLU A 14 -3.23 13.96 -4.23
N LEU A 15 -3.63 12.69 -4.28
CA LEU A 15 -3.59 11.82 -3.13
C LEU A 15 -2.16 11.35 -2.93
N LYS A 16 -1.52 11.02 -4.05
CA LYS A 16 -0.12 10.59 -4.05
C LYS A 16 0.74 11.62 -3.32
N ALA A 17 0.48 12.90 -3.57
CA ALA A 17 1.26 13.98 -2.99
C ALA A 17 1.23 13.92 -1.48
N ARG A 18 0.02 13.80 -0.91
CA ARG A 18 -0.13 13.81 0.55
C ARG A 18 0.42 12.52 1.18
N SER A 19 0.18 11.38 0.54
CA SER A 19 0.63 10.10 1.05
C SER A 19 2.16 10.03 1.14
N TYR A 20 2.81 10.26 0.01
CA TYR A 20 4.27 10.25 -0.06
C TYR A 20 4.87 11.28 0.87
N ALA A 21 4.16 12.38 1.05
CA ALA A 21 4.58 13.42 1.98
C ALA A 21 4.60 12.89 3.42
N ALA A 22 3.54 12.24 3.83
CA ALA A 22 3.39 11.72 5.19
C ALA A 22 4.50 10.73 5.53
N LEU A 23 4.84 9.87 4.59
CA LEU A 23 5.86 8.84 4.83
C LEU A 23 7.28 9.40 4.76
N GLU A 24 7.53 10.42 3.92
CA GLU A 24 8.84 11.04 3.88
C GLU A 24 9.03 11.96 5.11
N LYS A 25 7.93 12.34 5.71
CA LYS A 25 7.91 13.09 6.96
C LYS A 25 8.52 12.24 8.07
N MET A 26 7.92 11.08 8.32
CA MET A 26 8.46 10.09 9.26
C MET A 26 9.86 9.65 8.83
N GLY A 27 10.12 9.74 7.53
CA GLY A 27 11.43 9.40 7.01
C GLY A 27 11.53 7.98 6.51
N VAL A 28 10.37 7.33 6.35
CA VAL A 28 10.32 5.97 5.83
C VAL A 28 10.40 5.98 4.31
N THR A 29 11.05 4.98 3.74
CA THR A 29 11.10 4.82 2.30
C THR A 29 9.71 4.46 1.77
N PRO A 30 9.25 5.11 0.67
CA PRO A 30 7.94 4.84 0.07
C PRO A 30 7.70 3.35 -0.17
N SER A 31 8.68 2.72 -0.82
CA SER A 31 8.62 1.29 -1.11
C SER A 31 8.37 0.45 0.14
N GLU A 32 8.79 0.98 1.29
CA GLU A 32 8.67 0.28 2.54
C GLU A 32 7.26 0.37 3.12
N ALA A 33 6.69 1.56 3.09
CA ALA A 33 5.32 1.75 3.56
C ALA A 33 4.32 0.91 2.78
N LEU A 34 4.53 0.82 1.46
CA LEU A 34 3.71 -0.02 0.62
C LEU A 34 3.99 -1.51 0.89
N ARG A 35 5.26 -1.83 1.18
CA ARG A 35 5.66 -3.20 1.47
C ARG A 35 4.94 -3.72 2.72
N LEU A 36 4.93 -2.93 3.78
CA LEU A 36 4.27 -3.34 5.02
C LEU A 36 2.76 -3.38 4.87
N MET A 37 2.26 -2.65 3.87
CA MET A 37 0.85 -2.71 3.52
C MET A 37 0.51 -4.08 2.98
N LEU A 38 1.35 -4.56 2.06
CA LEU A 38 1.15 -5.85 1.42
C LEU A 38 1.17 -6.94 2.47
N GLU A 39 1.93 -6.70 3.53
CA GLU A 39 2.00 -7.63 4.65
C GLU A 39 0.65 -7.72 5.37
N TYR A 40 0.05 -6.57 5.71
CA TYR A 40 -1.15 -6.56 6.53
C TYR A 40 -2.36 -7.11 5.75
N ILE A 41 -2.38 -6.89 4.45
CA ILE A 41 -3.48 -7.41 3.62
C ILE A 41 -3.37 -8.93 3.50
N ALA A 42 -2.17 -9.43 3.38
CA ALA A 42 -1.93 -10.88 3.31
C ALA A 42 -2.30 -11.57 4.61
N ASP A 43 -2.04 -10.89 5.72
CA ASP A 43 -2.28 -11.42 7.07
C ASP A 43 -3.77 -11.35 7.45
N ASN A 44 -4.38 -10.19 7.25
CA ASN A 44 -5.74 -9.93 7.72
C ASN A 44 -6.76 -10.29 6.64
N GLU A 45 -6.34 -10.14 5.37
CA GLU A 45 -7.17 -10.49 4.22
C GLU A 45 -8.50 -9.72 4.25
N ARG A 46 -8.52 -8.55 4.88
CA ARG A 46 -9.77 -7.79 5.06
C ARG A 46 -9.59 -6.30 4.79
N LEU A 47 -8.35 -5.81 4.99
CA LEU A 47 -8.05 -4.38 4.86
C LEU A 47 -8.63 -3.62 6.05
N PRO A 48 -8.01 -2.49 6.47
CA PRO A 48 -8.48 -1.70 7.62
C PRO A 48 -9.83 -1.05 7.32
N PHE A 49 -9.95 -0.47 6.14
CA PHE A 49 -11.16 0.17 5.70
C PHE A 49 -11.89 -0.70 4.69
N LYS A 50 -11.35 -0.74 3.47
CA LYS A 50 -11.93 -1.50 2.36
C LYS A 50 -13.20 -0.81 1.81
N GLN A 51 -13.78 0.11 2.62
CA GLN A 51 -15.00 0.81 2.24
C GLN A 51 -16.08 -0.18 1.86
N THR A 52 -17.06 0.25 1.07
CA THR A 52 -18.19 -0.60 0.71
C THR A 52 -17.86 -1.47 -0.51
N LEU A 53 -16.58 -1.73 -0.73
CA LEU A 53 -16.15 -2.62 -1.81
C LEU A 53 -16.33 -4.09 -1.40
N MET B 4 -4.40 11.25 -12.80
CA MET B 4 -3.76 10.10 -12.13
C MET B 4 -2.47 9.71 -12.82
N GLY B 5 -1.54 9.15 -12.07
CA GLY B 5 -0.28 8.67 -12.64
C GLY B 5 0.11 7.35 -12.04
N SER B 6 1.20 6.78 -12.57
CA SER B 6 1.70 5.49 -12.13
C SER B 6 3.04 5.60 -11.44
N ILE B 7 3.24 4.77 -10.42
CA ILE B 7 4.49 4.70 -9.68
C ILE B 7 5.01 3.26 -9.70
N ASN B 8 6.27 3.10 -9.36
CA ASN B 8 6.88 1.76 -9.30
C ASN B 8 7.08 1.36 -7.85
N LEU B 9 6.58 0.19 -7.51
CA LEU B 9 6.73 -0.38 -6.17
C LEU B 9 7.56 -1.65 -6.30
N ARG B 10 8.37 -2.03 -5.30
CA ARG B 10 9.26 -3.17 -5.42
C ARG B 10 9.21 -3.97 -4.13
N ILE B 11 8.89 -5.26 -4.20
CA ILE B 11 8.83 -6.15 -3.04
C ILE B 11 9.23 -7.56 -3.42
N ASP B 12 9.52 -8.39 -2.42
CA ASP B 12 9.85 -9.80 -2.67
C ASP B 12 8.65 -10.50 -3.28
N ASP B 13 8.89 -11.37 -4.24
CA ASP B 13 7.82 -12.01 -4.99
C ASP B 13 6.99 -12.91 -4.06
N GLU B 14 7.64 -13.44 -3.03
CA GLU B 14 6.95 -14.35 -2.11
C GLU B 14 5.83 -13.62 -1.39
N LEU B 15 6.09 -12.38 -0.99
CA LEU B 15 5.15 -11.60 -0.23
C LEU B 15 4.06 -11.09 -1.16
N LYS B 16 4.49 -10.62 -2.33
CA LYS B 16 3.60 -10.16 -3.37
C LYS B 16 2.54 -11.21 -3.67
N ALA B 17 2.95 -12.46 -3.74
CA ALA B 17 2.03 -13.57 -4.04
C ALA B 17 0.89 -13.63 -3.04
N ARG B 18 1.21 -13.61 -1.76
CA ARG B 18 0.19 -13.72 -0.71
C ARG B 18 -0.69 -12.48 -0.63
N SER B 19 -0.09 -11.32 -0.75
CA SER B 19 -0.82 -10.05 -0.66
C SER B 19 -1.86 -9.94 -1.79
N TYR B 20 -1.42 -10.06 -3.02
CA TYR B 20 -2.28 -9.98 -4.18
C TYR B 20 -3.35 -11.07 -4.15
N ALA B 21 -2.99 -12.20 -3.54
CA ALA B 21 -3.94 -13.29 -3.38
C ALA B 21 -5.07 -12.86 -2.45
N ALA B 22 -4.73 -12.30 -1.30
CA ALA B 22 -5.70 -11.92 -0.30
C ALA B 22 -6.73 -10.92 -0.85
N LEU B 23 -6.23 -9.96 -1.65
CA LEU B 23 -7.10 -8.92 -2.19
C LEU B 23 -7.95 -9.42 -3.37
N GLU B 24 -7.43 -10.36 -4.17
CA GLU B 24 -8.21 -10.93 -5.27
C GLU B 24 -9.24 -11.92 -4.70
N LYS B 25 -8.97 -12.39 -3.48
CA LYS B 25 -9.91 -13.25 -2.76
C LYS B 25 -11.19 -12.46 -2.45
N MET B 26 -11.03 -11.35 -1.73
CA MET B 26 -12.14 -10.43 -1.47
C MET B 26 -12.71 -9.90 -2.79
N GLY B 27 -11.87 -9.86 -3.83
CA GLY B 27 -12.32 -9.44 -5.15
C GLY B 27 -12.06 -7.97 -5.41
N VAL B 28 -11.23 -7.36 -4.56
CA VAL B 28 -10.86 -5.95 -4.75
C VAL B 28 -9.74 -5.84 -5.77
N THR B 29 -9.73 -4.75 -6.53
CA THR B 29 -8.68 -4.50 -7.47
C THR B 29 -7.39 -4.16 -6.72
N PRO B 30 -6.23 -4.73 -7.13
CA PRO B 30 -4.95 -4.46 -6.48
C PRO B 30 -4.67 -2.97 -6.33
N SER B 31 -4.84 -2.24 -7.43
CA SER B 31 -4.60 -0.80 -7.45
C SER B 31 -5.45 -0.09 -6.39
N GLU B 32 -6.59 -0.69 -6.03
CA GLU B 32 -7.51 -0.08 -5.10
C GLU B 32 -7.03 -0.28 -3.67
N ALA B 33 -6.60 -1.49 -3.31
CA ALA B 33 -6.08 -1.78 -1.99
C ALA B 33 -4.88 -0.92 -1.66
N LEU B 34 -4.01 -0.70 -2.64
CA LEU B 34 -2.86 0.17 -2.49
C LEU B 34 -3.29 1.64 -2.40
N ARG B 35 -4.34 1.99 -3.16
CA ARG B 35 -4.86 3.34 -3.18
C ARG B 35 -5.39 3.73 -1.79
N LEU B 36 -6.18 2.86 -1.16
CA LEU B 36 -6.74 3.14 0.15
C LEU B 36 -5.65 3.13 1.23
N MET B 37 -4.53 2.46 0.91
CA MET B 37 -3.35 2.50 1.79
C MET B 37 -2.77 3.89 1.80
N LEU B 38 -2.65 4.48 0.61
CA LEU B 38 -2.05 5.80 0.48
C LEU B 38 -2.92 6.82 1.20
N GLU B 39 -4.21 6.51 1.28
CA GLU B 39 -5.15 7.34 2.01
C GLU B 39 -4.84 7.32 3.50
N TYR B 40 -4.69 6.14 4.09
CA TYR B 40 -4.55 6.01 5.54
C TYR B 40 -3.19 6.56 6.02
N ILE B 41 -2.15 6.46 5.18
CA ILE B 41 -0.85 6.99 5.56
C ILE B 41 -0.88 8.53 5.52
N ALA B 42 -1.59 9.10 4.55
CA ALA B 42 -1.73 10.55 4.44
C ALA B 42 -2.51 11.12 5.64
N ASP B 43 -3.52 10.36 6.07
CA ASP B 43 -4.41 10.77 7.15
C ASP B 43 -3.76 10.62 8.53
N ASN B 44 -3.18 9.46 8.76
CA ASN B 44 -2.63 9.10 10.09
C ASN B 44 -1.16 9.51 10.23
N GLU B 45 -0.44 9.46 9.11
CA GLU B 45 1.00 9.80 9.08
C GLU B 45 1.80 9.00 10.13
N ARG B 46 1.55 7.70 10.24
CA ARG B 46 2.22 6.89 11.27
C ARG B 46 2.35 5.43 10.89
N LEU B 47 1.41 4.91 10.08
CA LEU B 47 1.37 3.50 9.71
C LEU B 47 1.06 2.61 10.92
N PRO B 48 0.61 1.37 10.71
CA PRO B 48 0.42 0.41 11.82
C PRO B 48 1.68 0.31 12.66
N PHE B 49 2.78 -0.10 12.03
CA PHE B 49 4.08 -0.20 12.69
C PHE B 49 5.17 0.14 11.71
N LYS B 50 5.36 1.43 11.48
CA LYS B 50 6.32 1.90 10.48
C LYS B 50 7.74 1.45 10.84
N GLN B 51 8.17 0.40 10.18
CA GLN B 51 9.54 -0.08 10.23
C GLN B 51 10.10 -0.19 8.81
N THR B 52 11.30 0.33 8.61
CA THR B 52 11.97 0.26 7.29
C THR B 52 12.86 -0.98 7.23
N LEU B 53 12.76 -1.81 8.27
CA LEU B 53 13.60 -3.01 8.43
C LEU B 53 15.07 -2.61 8.55
N MET A 4 12.62 -10.30 -6.35
CA MET A 4 11.86 -9.02 -6.25
C MET A 4 11.53 -8.48 -7.62
N GLY A 5 10.40 -7.80 -7.72
CA GLY A 5 10.00 -7.17 -8.98
C GLY A 5 9.25 -5.89 -8.74
N SER A 6 8.83 -5.27 -9.83
CA SER A 6 8.09 -4.00 -9.76
C SER A 6 6.67 -4.20 -10.27
N ILE A 7 5.72 -3.58 -9.56
CA ILE A 7 4.29 -3.67 -9.90
C ILE A 7 3.78 -2.28 -10.24
N ASN A 8 2.54 -2.18 -10.74
CA ASN A 8 1.98 -0.90 -11.13
C ASN A 8 0.80 -0.56 -10.22
N LEU A 9 0.84 0.64 -9.66
CA LEU A 9 -0.24 1.16 -8.84
C LEU A 9 -0.76 2.42 -9.49
N ARG A 10 -2.06 2.73 -9.38
CA ARG A 10 -2.64 3.88 -10.03
C ARG A 10 -3.58 4.61 -9.08
N ILE A 11 -3.28 5.85 -8.75
CA ILE A 11 -4.15 6.66 -7.89
C ILE A 11 -4.17 8.09 -8.41
N ASP A 12 -5.04 8.92 -7.84
CA ASP A 12 -5.10 10.30 -8.26
C ASP A 12 -3.89 11.06 -7.74
N ASP A 13 -3.35 11.96 -8.57
CA ASP A 13 -2.15 12.70 -8.27
C ASP A 13 -2.29 13.45 -6.94
N GLU A 14 -3.52 13.82 -6.61
CA GLU A 14 -3.81 14.55 -5.38
C GLU A 14 -3.44 13.71 -4.17
N LEU A 15 -3.80 12.41 -4.22
CA LEU A 15 -3.70 11.54 -3.07
C LEU A 15 -2.25 11.09 -2.94
N LYS A 16 -1.65 10.79 -4.10
CA LYS A 16 -0.24 10.43 -4.18
C LYS A 16 0.62 11.46 -3.45
N ALA A 17 0.43 12.73 -3.78
CA ALA A 17 1.20 13.83 -3.20
C ALA A 17 1.19 13.81 -1.67
N ARG A 18 0.00 13.75 -1.07
CA ARG A 18 -0.15 13.84 0.38
C ARG A 18 0.40 12.59 1.06
N SER A 19 0.16 11.44 0.45
CA SER A 19 0.60 10.16 0.99
C SER A 19 2.12 10.13 1.08
N TYR A 20 2.77 10.37 -0.05
CA TYR A 20 4.23 10.38 -0.13
C TYR A 20 4.82 11.42 0.81
N ALA A 21 4.15 12.56 0.92
CA ALA A 21 4.58 13.62 1.83
C ALA A 21 4.65 13.10 3.27
N ALA A 22 3.62 12.38 3.66
CA ALA A 22 3.50 11.86 5.03
C ALA A 22 4.64 10.90 5.36
N LEU A 23 4.97 10.00 4.42
CA LEU A 23 5.97 8.96 4.69
C LEU A 23 7.38 9.52 4.64
N GLU A 24 7.64 10.46 3.72
CA GLU A 24 8.97 11.07 3.62
C GLU A 24 9.23 11.95 4.85
N LYS A 25 8.15 12.36 5.51
CA LYS A 25 8.23 13.13 6.76
C LYS A 25 8.84 12.25 7.84
N MET A 26 8.30 11.03 7.94
CA MET A 26 8.85 10.02 8.85
C MET A 26 10.20 9.51 8.34
N GLY A 27 10.54 9.91 7.11
CA GLY A 27 11.82 9.57 6.52
C GLY A 27 11.85 8.14 6.01
N VAL A 28 10.67 7.63 5.64
CA VAL A 28 10.54 6.27 5.13
C VAL A 28 10.38 6.31 3.61
N THR A 29 10.94 5.31 2.92
CA THR A 29 10.78 5.17 1.49
C THR A 29 9.40 4.60 1.15
N PRO A 30 8.69 5.16 0.14
CA PRO A 30 7.34 4.70 -0.23
C PRO A 30 7.28 3.18 -0.46
N SER A 31 8.27 2.66 -1.16
CA SER A 31 8.37 1.23 -1.46
C SER A 31 8.35 0.39 -0.16
N GLU A 32 8.83 0.99 0.92
CA GLU A 32 8.85 0.31 2.22
C GLU A 32 7.42 0.27 2.80
N ALA A 33 6.80 1.44 2.90
CA ALA A 33 5.47 1.58 3.46
C ALA A 33 4.45 0.72 2.72
N LEU A 34 4.60 0.63 1.41
CA LEU A 34 3.71 -0.20 0.60
C LEU A 34 4.00 -1.69 0.83
N ARG A 35 5.26 -2.01 1.06
CA ARG A 35 5.65 -3.39 1.30
C ARG A 35 4.98 -3.92 2.57
N LEU A 36 5.03 -3.15 3.65
CA LEU A 36 4.46 -3.58 4.93
C LEU A 36 2.94 -3.64 4.84
N MET A 37 2.38 -2.89 3.89
CA MET A 37 0.95 -2.96 3.59
C MET A 37 0.63 -4.31 2.96
N LEU A 38 1.46 -4.75 2.04
CA LEU A 38 1.22 -6.00 1.34
C LEU A 38 1.28 -7.15 2.33
N GLU A 39 2.04 -6.94 3.40
CA GLU A 39 2.14 -7.92 4.47
C GLU A 39 0.81 -8.06 5.22
N TYR A 40 0.23 -6.94 5.67
CA TYR A 40 -0.94 -7.00 6.54
C TYR A 40 -2.16 -7.55 5.81
N ILE A 41 -2.25 -7.27 4.50
CA ILE A 41 -3.36 -7.78 3.70
C ILE A 41 -3.17 -9.28 3.48
N ALA A 42 -1.95 -9.74 3.36
CA ALA A 42 -1.68 -11.17 3.17
C ALA A 42 -2.01 -11.95 4.44
N ASP A 43 -1.78 -11.34 5.59
CA ASP A 43 -2.04 -11.98 6.89
C ASP A 43 -3.53 -11.94 7.24
N ASN A 44 -4.10 -10.74 7.21
CA ASN A 44 -5.46 -10.52 7.70
C ASN A 44 -6.49 -10.84 6.62
N GLU A 45 -6.10 -10.59 5.37
CA GLU A 45 -6.99 -10.81 4.22
C GLU A 45 -8.37 -10.16 4.49
N ARG A 46 -8.36 -8.88 4.91
CA ARG A 46 -9.61 -8.18 5.23
C ARG A 46 -9.55 -6.68 4.90
N LEU A 47 -8.37 -6.06 5.13
CA LEU A 47 -8.19 -4.61 4.94
C LEU A 47 -8.94 -3.80 6.01
N PRO A 48 -8.30 -2.74 6.57
CA PRO A 48 -8.89 -1.92 7.63
C PRO A 48 -9.90 -0.91 7.10
N PHE A 49 -9.62 -0.36 5.91
CA PHE A 49 -10.41 0.72 5.34
C PHE A 49 -10.80 0.39 3.90
N LYS A 50 -11.41 -0.77 3.71
CA LYS A 50 -11.67 -1.28 2.38
C LYS A 50 -12.94 -0.66 1.75
N GLN A 51 -13.05 0.67 1.83
CA GLN A 51 -14.18 1.37 1.22
C GLN A 51 -14.33 1.03 -0.26
N THR A 52 -13.20 0.79 -0.94
CA THR A 52 -13.17 0.42 -2.36
C THR A 52 -13.93 1.40 -3.25
N LEU A 53 -14.23 2.60 -2.74
CA LEU A 53 -15.00 3.61 -3.47
C LEU A 53 -16.35 3.04 -3.93
N MET B 4 -4.85 11.21 -12.31
CA MET B 4 -4.34 9.91 -11.84
C MET B 4 -3.09 9.51 -12.63
N GLY B 5 -2.19 8.79 -11.97
CA GLY B 5 -1.02 8.28 -12.62
C GLY B 5 -0.61 6.93 -12.06
N SER B 6 0.49 6.41 -12.59
CA SER B 6 1.01 5.12 -12.15
C SER B 6 2.38 5.29 -11.46
N ILE B 7 2.56 4.55 -10.37
CA ILE B 7 3.80 4.60 -9.58
C ILE B 7 4.46 3.24 -9.59
N ASN B 8 5.68 3.14 -9.09
CA ASN B 8 6.43 1.88 -9.10
C ASN B 8 6.61 1.39 -7.66
N LEU B 9 6.25 0.14 -7.44
CA LEU B 9 6.42 -0.51 -6.14
C LEU B 9 7.32 -1.73 -6.36
N ARG B 10 8.16 -2.10 -5.39
CA ARG B 10 9.08 -3.23 -5.57
C ARG B 10 9.11 -4.07 -4.30
N ILE B 11 8.71 -5.33 -4.43
CA ILE B 11 8.72 -6.28 -3.29
C ILE B 11 9.17 -7.63 -3.79
N ASP B 12 9.40 -8.56 -2.88
CA ASP B 12 9.80 -9.90 -3.28
C ASP B 12 8.62 -10.65 -3.87
N ASP B 13 8.88 -11.42 -4.91
CA ASP B 13 7.83 -12.14 -5.61
C ASP B 13 7.01 -13.02 -4.68
N GLU B 14 7.67 -13.51 -3.62
CA GLU B 14 7.02 -14.34 -2.63
C GLU B 14 5.87 -13.62 -1.96
N LEU B 15 6.11 -12.36 -1.60
CA LEU B 15 5.19 -11.61 -0.78
C LEU B 15 4.05 -11.07 -1.66
N LYS B 16 4.44 -10.64 -2.85
CA LYS B 16 3.48 -10.22 -3.89
C LYS B 16 2.40 -11.27 -4.08
N ALA B 17 2.82 -12.51 -4.32
CA ALA B 17 1.91 -13.62 -4.58
C ALA B 17 0.83 -13.76 -3.50
N ARG B 18 1.26 -13.82 -2.24
CA ARG B 18 0.32 -14.06 -1.13
C ARG B 18 -0.58 -12.86 -0.91
N SER B 19 -0.02 -11.66 -1.05
CA SER B 19 -0.78 -10.43 -0.85
C SER B 19 -1.92 -10.33 -1.86
N TYR B 20 -1.56 -10.43 -3.12
CA TYR B 20 -2.52 -10.37 -4.22
C TYR B 20 -3.57 -11.46 -4.10
N ALA B 21 -3.12 -12.63 -3.66
CA ALA B 21 -4.02 -13.77 -3.45
C ALA B 21 -5.12 -13.39 -2.45
N ALA B 22 -4.71 -12.77 -1.35
CA ALA B 22 -5.62 -12.38 -0.28
C ALA B 22 -6.70 -11.41 -0.74
N LEU B 23 -6.29 -10.43 -1.54
CA LEU B 23 -7.21 -9.36 -1.95
C LEU B 23 -8.17 -9.83 -3.05
N GLU B 24 -7.66 -10.67 -3.97
CA GLU B 24 -8.51 -11.21 -5.04
C GLU B 24 -9.52 -12.18 -4.46
N LYS B 25 -9.21 -12.73 -3.29
CA LYS B 25 -10.13 -13.59 -2.55
C LYS B 25 -11.35 -12.80 -2.16
N MET B 26 -11.10 -11.63 -1.56
CA MET B 26 -12.16 -10.70 -1.21
C MET B 26 -12.77 -10.08 -2.47
N GLY B 27 -12.12 -10.33 -3.61
CA GLY B 27 -12.63 -9.86 -4.89
C GLY B 27 -12.33 -8.40 -5.12
N VAL B 28 -11.27 -7.91 -4.48
CA VAL B 28 -10.89 -6.51 -4.61
C VAL B 28 -9.66 -6.39 -5.54
N THR B 29 -9.59 -5.30 -6.30
CA THR B 29 -8.48 -5.03 -7.19
C THR B 29 -7.29 -4.49 -6.38
N PRO B 30 -6.07 -4.98 -6.63
CA PRO B 30 -4.87 -4.55 -5.90
C PRO B 30 -4.74 -3.02 -5.86
N SER B 31 -4.95 -2.39 -6.99
CA SER B 31 -4.86 -0.92 -7.12
C SER B 31 -5.79 -0.23 -6.11
N GLU B 32 -6.88 -0.91 -5.75
CA GLU B 32 -7.84 -0.38 -4.80
C GLU B 32 -7.27 -0.46 -3.37
N ALA B 33 -6.84 -1.66 -3.01
CA ALA B 33 -6.30 -1.94 -1.68
C ALA B 33 -5.09 -1.04 -1.37
N LEU B 34 -4.26 -0.82 -2.39
CA LEU B 34 -3.09 0.04 -2.24
C LEU B 34 -3.52 1.52 -2.11
N ARG B 35 -4.60 1.88 -2.79
CA ARG B 35 -5.11 3.26 -2.77
C ARG B 35 -5.55 3.62 -1.36
N LEU B 36 -6.31 2.73 -0.72
CA LEU B 36 -6.83 3.00 0.62
C LEU B 36 -5.69 3.02 1.65
N MET B 37 -4.61 2.32 1.29
CA MET B 37 -3.40 2.35 2.10
C MET B 37 -2.78 3.74 2.05
N LEU B 38 -2.73 4.32 0.86
CA LEU B 38 -2.11 5.61 0.66
C LEU B 38 -2.89 6.67 1.44
N GLU B 39 -4.16 6.38 1.63
CA GLU B 39 -5.04 7.25 2.41
C GLU B 39 -4.64 7.26 3.89
N TYR B 40 -4.50 6.07 4.49
CA TYR B 40 -4.30 5.98 5.95
C TYR B 40 -2.95 6.52 6.35
N ILE B 41 -1.95 6.38 5.48
CA ILE B 41 -0.63 6.93 5.75
C ILE B 41 -0.65 8.46 5.64
N ALA B 42 -1.46 8.98 4.73
CA ALA B 42 -1.57 10.43 4.57
C ALA B 42 -2.26 11.06 5.77
N ASP B 43 -3.22 10.35 6.33
CA ASP B 43 -3.97 10.83 7.48
C ASP B 43 -3.19 10.68 8.77
N ASN B 44 -2.71 9.48 9.03
CA ASN B 44 -2.09 9.14 10.31
C ASN B 44 -0.61 9.52 10.34
N GLU B 45 0.05 9.46 9.17
CA GLU B 45 1.46 9.82 9.07
C GLU B 45 2.34 9.02 10.04
N ARG B 46 1.98 7.75 10.26
CA ARG B 46 2.71 6.93 11.25
C ARG B 46 2.83 5.48 10.80
N LEU B 47 1.83 4.97 10.09
CA LEU B 47 1.74 3.56 9.68
C LEU B 47 1.39 2.67 10.89
N PRO B 48 0.70 1.54 10.67
CA PRO B 48 0.35 0.59 11.75
C PRO B 48 1.60 -0.06 12.32
N PHE B 49 2.49 -0.45 11.41
CA PHE B 49 3.74 -1.08 11.75
C PHE B 49 4.86 -0.43 10.92
N LYS B 50 5.53 0.53 11.51
CA LYS B 50 6.67 1.17 10.86
C LYS B 50 7.96 0.48 11.30
N GLN B 51 7.81 -0.55 12.12
CA GLN B 51 8.94 -1.34 12.64
C GLN B 51 9.99 -0.45 13.30
N THR B 52 11.02 -0.10 12.54
CA THR B 52 12.12 0.73 13.03
C THR B 52 12.46 1.82 12.01
N LEU B 53 11.62 1.91 10.98
CA LEU B 53 11.81 2.86 9.90
C LEU B 53 11.57 4.29 10.39
N MET A 4 13.52 -9.30 -5.55
CA MET A 4 12.49 -8.23 -5.46
C MET A 4 11.91 -7.92 -6.82
N GLY A 5 10.68 -7.44 -6.83
CA GLY A 5 10.00 -7.09 -8.05
C GLY A 5 9.23 -5.80 -7.93
N SER A 6 8.86 -5.23 -9.07
CA SER A 6 8.11 -4.00 -9.14
C SER A 6 6.70 -4.23 -9.70
N ILE A 7 5.72 -3.51 -9.12
CA ILE A 7 4.34 -3.56 -9.61
C ILE A 7 3.85 -2.12 -9.84
N ASN A 8 2.76 -1.96 -10.58
CA ASN A 8 2.21 -0.65 -10.85
C ASN A 8 1.02 -0.36 -9.97
N LEU A 9 1.00 0.84 -9.40
CA LEU A 9 -0.12 1.31 -8.60
C LEU A 9 -0.89 2.33 -9.46
N ARG A 10 -2.18 2.47 -9.26
CA ARG A 10 -3.00 3.44 -9.99
C ARG A 10 -3.96 4.11 -9.03
N ILE A 11 -3.71 5.37 -8.69
CA ILE A 11 -4.52 6.08 -7.70
C ILE A 11 -4.73 7.53 -8.13
N ASP A 12 -5.56 8.23 -7.38
CA ASP A 12 -5.75 9.65 -7.56
C ASP A 12 -4.42 10.37 -7.35
N ASP A 13 -3.96 11.10 -8.37
CA ASP A 13 -2.68 11.81 -8.27
C ASP A 13 -2.69 12.77 -7.09
N GLU A 14 -3.87 13.27 -6.74
CA GLU A 14 -4.05 14.17 -5.58
C GLU A 14 -3.75 13.43 -4.28
N LEU A 15 -4.18 12.17 -4.22
CA LEU A 15 -4.00 11.37 -3.00
C LEU A 15 -2.56 10.95 -2.84
N LYS A 16 -1.97 10.61 -3.97
CA LYS A 16 -0.55 10.28 -4.06
C LYS A 16 0.28 11.35 -3.37
N ALA A 17 0.01 12.60 -3.71
CA ALA A 17 0.78 13.73 -3.18
C ALA A 17 0.75 13.76 -1.64
N ARG A 18 -0.44 13.63 -1.05
CA ARG A 18 -0.57 13.70 0.40
C ARG A 18 0.13 12.53 1.08
N SER A 19 -0.12 11.31 0.57
CA SER A 19 0.47 10.11 1.15
C SER A 19 1.99 10.18 1.15
N TYR A 20 2.56 10.49 0.00
CA TYR A 20 4.00 10.63 -0.14
C TYR A 20 4.57 11.71 0.78
N ALA A 21 3.82 12.79 0.95
CA ALA A 21 4.23 13.88 1.82
C ALA A 21 4.37 13.37 3.26
N ALA A 22 3.41 12.54 3.68
CA ALA A 22 3.40 11.97 5.02
C ALA A 22 4.60 11.04 5.26
N LEU A 23 4.86 10.15 4.32
CA LEU A 23 5.89 9.12 4.49
C LEU A 23 7.29 9.72 4.38
N GLU A 24 7.48 10.72 3.51
CA GLU A 24 8.78 11.35 3.36
C GLU A 24 9.06 12.26 4.53
N LYS A 25 7.97 12.64 5.22
CA LYS A 25 8.06 13.42 6.45
C LYS A 25 8.75 12.58 7.52
N MET A 26 8.19 11.39 7.71
CA MET A 26 8.72 10.41 8.66
C MET A 26 10.10 9.91 8.22
N GLY A 27 10.40 10.08 6.93
CA GLY A 27 11.67 9.63 6.39
C GLY A 27 11.59 8.19 5.89
N VAL A 28 10.37 7.68 5.73
CA VAL A 28 10.16 6.32 5.26
C VAL A 28 9.96 6.32 3.73
N THR A 29 10.55 5.33 3.08
CA THR A 29 10.43 5.17 1.64
C THR A 29 9.01 4.71 1.26
N PRO A 30 8.41 5.27 0.18
CA PRO A 30 7.08 4.87 -0.28
C PRO A 30 6.98 3.37 -0.48
N SER A 31 7.99 2.79 -1.11
CA SER A 31 8.03 1.36 -1.35
C SER A 31 8.00 0.57 -0.04
N GLU A 32 8.51 1.21 1.02
CA GLU A 32 8.58 0.57 2.33
C GLU A 32 7.23 0.63 3.03
N ALA A 33 6.59 1.80 3.01
CA ALA A 33 5.26 1.96 3.59
C ALA A 33 4.26 1.03 2.91
N LEU A 34 4.39 0.90 1.60
CA LEU A 34 3.52 0.01 0.83
C LEU A 34 3.87 -1.46 1.11
N ARG A 35 5.15 -1.70 1.45
CA ARG A 35 5.64 -3.05 1.76
C ARG A 35 4.89 -3.61 2.99
N LEU A 36 4.87 -2.83 4.08
CA LEU A 36 4.25 -3.27 5.32
C LEU A 36 2.75 -3.46 5.14
N MET A 37 2.18 -2.67 4.22
CA MET A 37 0.78 -2.80 3.85
C MET A 37 0.53 -4.18 3.26
N LEU A 38 1.42 -4.59 2.35
CA LEU A 38 1.29 -5.88 1.69
C LEU A 38 1.33 -6.99 2.71
N GLU A 39 2.02 -6.76 3.81
CA GLU A 39 2.08 -7.72 4.89
C GLU A 39 0.73 -7.87 5.57
N TYR A 40 0.09 -6.74 5.93
CA TYR A 40 -1.12 -6.80 6.76
C TYR A 40 -2.33 -7.31 5.96
N ILE A 41 -2.39 -6.98 4.67
CA ILE A 41 -3.47 -7.48 3.83
C ILE A 41 -3.37 -8.99 3.68
N ALA A 42 -2.14 -9.49 3.53
CA ALA A 42 -1.91 -10.93 3.35
C ALA A 42 -2.35 -11.74 4.57
N ASP A 43 -2.17 -11.15 5.74
CA ASP A 43 -2.48 -11.85 6.99
C ASP A 43 -3.97 -11.69 7.36
N ASN A 44 -4.45 -10.45 7.32
CA ASN A 44 -5.79 -10.13 7.78
C ASN A 44 -6.83 -10.50 6.72
N GLU A 45 -6.46 -10.33 5.45
CA GLU A 45 -7.33 -10.66 4.32
C GLU A 45 -8.71 -9.97 4.44
N ARG A 46 -8.72 -8.69 4.86
CA ARG A 46 -9.98 -7.97 5.04
C ARG A 46 -9.86 -6.47 4.70
N LEU A 47 -8.75 -5.85 5.14
CA LEU A 47 -8.55 -4.39 4.97
C LEU A 47 -9.53 -3.61 5.85
N PRO A 48 -9.15 -2.41 6.32
CA PRO A 48 -10.00 -1.60 7.19
C PRO A 48 -11.24 -1.06 6.50
N PHE A 49 -11.18 -0.91 5.17
CA PHE A 49 -12.30 -0.34 4.41
C PHE A 49 -12.52 -1.09 3.11
N LYS A 50 -11.43 -1.35 2.39
CA LYS A 50 -11.45 -2.05 1.08
C LYS A 50 -12.54 -1.49 0.13
N GLN A 51 -12.81 -0.19 0.22
CA GLN A 51 -13.74 0.48 -0.68
C GLN A 51 -13.15 0.52 -2.10
N THR A 52 -14.00 0.72 -3.08
CA THR A 52 -13.57 0.76 -4.48
C THR A 52 -13.33 2.21 -4.95
N LEU A 53 -14.28 3.10 -4.59
CA LEU A 53 -14.24 4.50 -5.04
C LEU A 53 -14.14 4.56 -6.56
N MET B 4 -5.70 10.44 -12.66
CA MET B 4 -5.02 9.32 -11.96
C MET B 4 -3.62 9.10 -12.49
N GLY B 5 -2.75 8.55 -11.67
CA GLY B 5 -1.40 8.30 -12.06
C GLY B 5 -0.89 6.97 -11.52
N SER B 6 0.21 6.51 -12.11
CA SER B 6 0.81 5.24 -11.72
C SER B 6 2.18 5.46 -11.07
N ILE B 7 2.48 4.66 -10.05
CA ILE B 7 3.78 4.67 -9.38
C ILE B 7 4.34 3.26 -9.32
N ASN B 8 5.62 3.13 -9.05
CA ASN B 8 6.27 1.83 -8.98
C ASN B 8 6.47 1.39 -7.53
N LEU B 9 6.09 0.16 -7.24
CA LEU B 9 6.33 -0.44 -5.96
C LEU B 9 7.51 -1.40 -6.07
N ARG B 10 8.27 -1.62 -4.99
CA ARG B 10 9.40 -2.53 -5.01
C ARG B 10 9.41 -3.35 -3.70
N ILE B 11 9.04 -4.62 -3.78
CA ILE B 11 8.91 -5.45 -2.58
C ILE B 11 9.42 -6.86 -2.85
N ASP B 12 9.48 -7.65 -1.80
CA ASP B 12 9.79 -9.07 -1.93
C ASP B 12 8.74 -9.74 -2.80
N ASP B 13 9.18 -10.35 -3.90
CA ASP B 13 8.26 -11.01 -4.82
C ASP B 13 7.44 -12.08 -4.09
N GLU B 14 8.03 -12.65 -3.06
CA GLU B 14 7.36 -13.66 -2.24
C GLU B 14 6.18 -13.02 -1.47
N LEU B 15 6.38 -11.79 -1.01
CA LEU B 15 5.36 -11.11 -0.20
C LEU B 15 4.22 -10.63 -1.09
N LYS B 16 4.62 -10.16 -2.28
CA LYS B 16 3.67 -9.78 -3.32
C LYS B 16 2.65 -10.87 -3.53
N ALA B 17 3.13 -12.10 -3.73
CA ALA B 17 2.26 -13.25 -3.99
C ALA B 17 1.17 -13.41 -2.92
N ARG B 18 1.57 -13.39 -1.65
CA ARG B 18 0.62 -13.60 -0.56
C ARG B 18 -0.40 -12.46 -0.48
N SER B 19 0.09 -11.22 -0.54
CA SER B 19 -0.76 -10.04 -0.47
C SER B 19 -1.83 -10.05 -1.57
N TYR B 20 -1.38 -10.25 -2.80
CA TYR B 20 -2.28 -10.29 -3.94
C TYR B 20 -3.29 -11.42 -3.80
N ALA B 21 -2.84 -12.55 -3.26
CA ALA B 21 -3.72 -13.70 -3.04
C ALA B 21 -4.88 -13.30 -2.10
N ALA B 22 -4.55 -12.56 -1.07
CA ALA B 22 -5.52 -12.12 -0.07
C ALA B 22 -6.56 -11.18 -0.68
N LEU B 23 -6.10 -10.19 -1.44
CA LEU B 23 -6.99 -9.14 -1.95
C LEU B 23 -7.86 -9.66 -3.10
N GLU B 24 -7.31 -10.55 -3.94
CA GLU B 24 -8.09 -11.13 -5.05
C GLU B 24 -9.09 -12.13 -4.50
N LYS B 25 -8.83 -12.63 -3.30
CA LYS B 25 -9.73 -13.50 -2.58
C LYS B 25 -11.01 -12.73 -2.26
N MET B 26 -10.81 -11.58 -1.61
CA MET B 26 -11.90 -10.67 -1.27
C MET B 26 -12.55 -10.08 -2.52
N GLY B 27 -11.81 -10.12 -3.63
CA GLY B 27 -12.33 -9.55 -4.86
C GLY B 27 -11.98 -8.10 -5.03
N VAL B 28 -11.05 -7.64 -4.21
CA VAL B 28 -10.58 -6.25 -4.25
C VAL B 28 -9.38 -6.12 -5.18
N THR B 29 -9.33 -5.04 -5.95
CA THR B 29 -8.21 -4.77 -6.84
C THR B 29 -6.98 -4.33 -6.03
N PRO B 30 -5.77 -4.81 -6.40
CA PRO B 30 -4.53 -4.43 -5.71
C PRO B 30 -4.37 -2.92 -5.62
N SER B 31 -4.62 -2.23 -6.73
CA SER B 31 -4.54 -0.79 -6.80
C SER B 31 -5.50 -0.13 -5.81
N GLU B 32 -6.60 -0.83 -5.51
CA GLU B 32 -7.61 -0.31 -4.60
C GLU B 32 -7.16 -0.49 -3.15
N ALA B 33 -6.69 -1.69 -2.82
CA ALA B 33 -6.16 -1.96 -1.48
C ALA B 33 -5.00 -1.00 -1.14
N LEU B 34 -4.16 -0.76 -2.12
CA LEU B 34 -3.03 0.17 -1.93
C LEU B 34 -3.54 1.61 -1.86
N ARG B 35 -4.67 1.87 -2.52
CA ARG B 35 -5.28 3.21 -2.53
C ARG B 35 -5.66 3.63 -1.11
N LEU B 36 -6.41 2.76 -0.41
CA LEU B 36 -6.89 3.05 0.93
C LEU B 36 -5.73 3.18 1.90
N MET B 37 -4.65 2.45 1.60
CA MET B 37 -3.42 2.57 2.38
C MET B 37 -2.87 3.99 2.28
N LEU B 38 -2.83 4.51 1.07
CA LEU B 38 -2.32 5.84 0.82
C LEU B 38 -3.13 6.88 1.57
N GLU B 39 -4.39 6.56 1.82
CA GLU B 39 -5.24 7.42 2.62
C GLU B 39 -4.79 7.44 4.07
N TYR B 40 -4.58 6.26 4.68
CA TYR B 40 -4.34 6.20 6.13
C TYR B 40 -2.95 6.73 6.49
N ILE B 41 -1.97 6.53 5.61
CA ILE B 41 -0.62 7.06 5.85
C ILE B 41 -0.64 8.59 5.82
N ALA B 42 -1.41 9.15 4.88
CA ALA B 42 -1.47 10.59 4.71
C ALA B 42 -2.08 11.27 5.95
N ASP B 43 -3.04 10.60 6.57
CA ASP B 43 -3.75 11.15 7.72
C ASP B 43 -2.99 10.91 9.02
N ASN B 44 -2.57 9.66 9.24
CA ASN B 44 -1.95 9.25 10.49
C ASN B 44 -0.48 9.64 10.55
N GLU B 45 0.20 9.59 9.41
CA GLU B 45 1.64 9.89 9.32
C GLU B 45 2.43 9.11 10.38
N ARG B 46 2.15 7.81 10.51
CA ARG B 46 2.84 7.02 11.54
C ARG B 46 3.10 5.57 11.08
N LEU B 47 2.16 5.01 10.33
CA LEU B 47 2.21 3.61 9.88
C LEU B 47 2.08 2.67 11.08
N PRO B 48 1.40 1.53 10.88
CA PRO B 48 1.24 0.53 11.93
C PRO B 48 2.59 0.01 12.42
N PHE B 49 3.43 -0.37 11.47
CA PHE B 49 4.78 -0.82 11.77
C PHE B 49 5.74 -0.39 10.67
N LYS B 50 6.44 0.74 10.91
CA LYS B 50 7.41 1.26 9.95
C LYS B 50 8.78 0.63 10.20
N GLN B 51 8.78 -0.70 10.21
CA GLN B 51 10.00 -1.49 10.35
C GLN B 51 10.82 -1.46 9.07
N THR B 52 11.79 -2.37 9.00
CA THR B 52 12.57 -2.58 7.78
C THR B 52 12.85 -4.08 7.63
N LEU B 53 11.91 -4.88 8.18
CA LEU B 53 12.04 -6.34 8.28
C LEU B 53 13.26 -6.70 9.12
N MET A 4 12.70 -10.33 -6.52
CA MET A 4 11.79 -9.18 -6.31
C MET A 4 11.12 -8.80 -7.64
N GLY A 5 9.88 -8.34 -7.57
CA GLY A 5 9.19 -7.89 -8.75
C GLY A 5 8.61 -6.51 -8.56
N SER A 6 8.39 -5.81 -9.66
CA SER A 6 7.82 -4.48 -9.66
C SER A 6 6.40 -4.48 -10.22
N ILE A 7 5.54 -3.67 -9.63
CA ILE A 7 4.16 -3.55 -10.06
C ILE A 7 3.86 -2.09 -10.35
N ASN A 8 2.74 -1.83 -11.02
CA ASN A 8 2.29 -0.47 -11.31
C ASN A 8 1.05 -0.16 -10.46
N LEU A 9 1.13 0.95 -9.75
CA LEU A 9 0.02 1.42 -8.91
C LEU A 9 -0.44 2.75 -9.47
N ARG A 10 -1.74 3.06 -9.44
CA ARG A 10 -2.26 4.25 -10.09
C ARG A 10 -3.27 4.90 -9.16
N ILE A 11 -3.10 6.19 -8.85
CA ILE A 11 -4.01 6.92 -7.97
C ILE A 11 -4.08 8.38 -8.39
N ASP A 12 -5.01 9.12 -7.83
CA ASP A 12 -5.09 10.55 -8.12
C ASP A 12 -3.89 11.27 -7.51
N ASP A 13 -3.33 12.20 -8.27
CA ASP A 13 -2.13 12.90 -7.87
C ASP A 13 -2.33 13.69 -6.58
N GLU A 14 -3.58 14.09 -6.32
CA GLU A 14 -3.90 14.84 -5.12
C GLU A 14 -3.65 13.97 -3.87
N LEU A 15 -3.97 12.69 -3.98
CA LEU A 15 -3.80 11.78 -2.86
C LEU A 15 -2.34 11.40 -2.75
N LYS A 16 -1.77 11.08 -3.91
CA LYS A 16 -0.36 10.73 -4.02
C LYS A 16 0.51 11.74 -3.31
N ALA A 17 0.23 13.03 -3.52
CA ALA A 17 1.01 14.10 -2.92
C ALA A 17 0.99 14.01 -1.39
N ARG A 18 -0.19 13.88 -0.81
CA ARG A 18 -0.33 13.85 0.67
C ARG A 18 0.31 12.59 1.24
N SER A 19 0.01 11.44 0.65
CA SER A 19 0.50 10.16 1.15
C SER A 19 2.01 10.10 1.14
N TYR A 20 2.60 10.34 -0.03
CA TYR A 20 4.04 10.26 -0.21
C TYR A 20 4.75 11.29 0.67
N ALA A 21 4.17 12.48 0.76
CA ALA A 21 4.71 13.53 1.62
C ALA A 21 4.77 13.08 3.07
N ALA A 22 3.72 12.43 3.51
CA ALA A 22 3.61 11.96 4.89
C ALA A 22 4.70 10.94 5.23
N LEU A 23 4.91 9.97 4.35
CA LEU A 23 5.83 8.88 4.64
C LEU A 23 7.29 9.36 4.55
N GLU A 24 7.60 10.23 3.57
CA GLU A 24 8.96 10.77 3.44
C GLU A 24 9.26 11.69 4.61
N LYS A 25 8.20 12.27 5.17
CA LYS A 25 8.28 13.13 6.32
C LYS A 25 8.69 12.31 7.55
N MET A 26 7.99 11.19 7.72
CA MET A 26 8.33 10.22 8.77
C MET A 26 9.72 9.63 8.55
N GLY A 27 10.22 9.76 7.32
CA GLY A 27 11.52 9.26 6.98
C GLY A 27 11.48 7.81 6.50
N VAL A 28 10.34 7.45 5.91
CA VAL A 28 10.12 6.09 5.40
C VAL A 28 10.15 6.10 3.87
N THR A 29 10.72 5.04 3.29
CA THR A 29 10.74 4.88 1.85
C THR A 29 9.33 4.49 1.36
N PRO A 30 8.86 5.10 0.25
CA PRO A 30 7.55 4.75 -0.34
C PRO A 30 7.39 3.25 -0.55
N SER A 31 8.44 2.65 -1.14
CA SER A 31 8.46 1.21 -1.37
C SER A 31 8.25 0.42 -0.10
N GLU A 32 8.70 0.97 1.03
CA GLU A 32 8.60 0.31 2.31
C GLU A 32 7.18 0.42 2.87
N ALA A 33 6.61 1.62 2.85
CA ALA A 33 5.25 1.82 3.34
C ALA A 33 4.24 0.93 2.63
N LEU A 34 4.44 0.76 1.31
CA LEU A 34 3.56 -0.10 0.53
C LEU A 34 3.88 -1.57 0.82
N ARG A 35 5.17 -1.86 1.05
CA ARG A 35 5.63 -3.22 1.35
C ARG A 35 4.95 -3.75 2.61
N LEU A 36 4.95 -2.94 3.68
CA LEU A 36 4.34 -3.33 4.94
C LEU A 36 2.83 -3.46 4.79
N MET A 37 2.27 -2.71 3.86
CA MET A 37 0.85 -2.78 3.54
C MET A 37 0.53 -4.17 2.99
N LEU A 38 1.38 -4.64 2.09
CA LEU A 38 1.18 -5.93 1.44
C LEU A 38 1.24 -7.02 2.49
N GLU A 39 2.05 -6.79 3.52
CA GLU A 39 2.18 -7.74 4.62
C GLU A 39 0.86 -7.85 5.39
N TYR A 40 0.26 -6.70 5.75
CA TYR A 40 -0.93 -6.73 6.61
C TYR A 40 -2.14 -7.29 5.87
N ILE A 41 -2.24 -7.04 4.56
CA ILE A 41 -3.36 -7.55 3.78
C ILE A 41 -3.28 -9.07 3.67
N ALA A 42 -2.06 -9.59 3.46
CA ALA A 42 -1.85 -11.02 3.35
C ALA A 42 -2.16 -11.72 4.67
N ASP A 43 -1.78 -11.06 5.76
CA ASP A 43 -1.94 -11.61 7.10
C ASP A 43 -3.38 -11.52 7.60
N ASN A 44 -4.04 -10.42 7.30
CA ASN A 44 -5.35 -10.10 7.90
C ASN A 44 -6.50 -10.40 6.95
N GLU A 45 -6.28 -10.28 5.64
CA GLU A 45 -7.34 -10.52 4.65
C GLU A 45 -8.64 -9.78 4.97
N ARG A 46 -8.53 -8.49 5.34
CA ARG A 46 -9.72 -7.72 5.74
C ARG A 46 -9.55 -6.25 5.47
N LEU A 47 -8.33 -5.72 5.58
CA LEU A 47 -8.05 -4.28 5.40
C LEU A 47 -8.66 -3.46 6.55
N PRO A 48 -8.14 -2.24 6.80
CA PRO A 48 -8.71 -1.32 7.80
C PRO A 48 -10.14 -0.90 7.47
N PHE A 49 -10.38 -0.63 6.17
CA PHE A 49 -11.71 -0.29 5.68
C PHE A 49 -11.84 -0.83 4.26
N LYS A 50 -12.31 -2.06 4.17
CA LYS A 50 -12.37 -2.75 2.89
C LYS A 50 -13.56 -2.29 2.06
N GLN A 51 -13.30 -1.35 1.18
CA GLN A 51 -14.23 -0.96 0.13
C GLN A 51 -13.57 -1.08 -1.24
N THR A 52 -14.40 -1.30 -2.28
CA THR A 52 -13.88 -1.38 -3.63
C THR A 52 -14.48 -0.25 -4.47
N LEU A 53 -15.54 0.35 -3.92
CA LEU A 53 -16.22 1.50 -4.55
C LEU A 53 -16.74 1.09 -5.93
N MET B 4 -4.49 11.40 -12.80
CA MET B 4 -3.94 10.23 -12.08
C MET B 4 -2.51 9.94 -12.53
N GLY B 5 -1.70 9.41 -11.62
CA GLY B 5 -0.33 9.06 -11.95
C GLY B 5 -0.03 7.64 -11.53
N SER B 6 0.98 7.05 -12.20
CA SER B 6 1.40 5.70 -11.88
C SER B 6 2.79 5.70 -11.23
N ILE B 7 2.97 4.82 -10.28
CA ILE B 7 4.26 4.68 -9.60
C ILE B 7 4.72 3.24 -9.68
N ASN B 8 6.00 3.01 -9.37
CA ASN B 8 6.57 1.68 -9.35
C ASN B 8 6.82 1.23 -7.90
N LEU B 9 6.28 0.07 -7.56
CA LEU B 9 6.45 -0.51 -6.24
C LEU B 9 7.24 -1.82 -6.42
N ARG B 10 8.13 -2.16 -5.48
CA ARG B 10 9.00 -3.30 -5.65
C ARG B 10 9.05 -4.08 -4.33
N ILE B 11 8.76 -5.38 -4.36
CA ILE B 11 8.79 -6.22 -3.16
C ILE B 11 9.20 -7.65 -3.53
N ASP B 12 9.45 -8.48 -2.53
CA ASP B 12 9.79 -9.86 -2.80
C ASP B 12 8.56 -10.58 -3.34
N ASP B 13 8.75 -11.43 -4.33
CA ASP B 13 7.67 -12.11 -5.01
C ASP B 13 6.92 -13.02 -4.05
N GLU B 14 7.59 -13.48 -3.00
CA GLU B 14 6.97 -14.36 -2.01
C GLU B 14 5.86 -13.61 -1.26
N LEU B 15 6.09 -12.33 -1.00
CA LEU B 15 5.14 -11.51 -0.27
C LEU B 15 4.03 -11.10 -1.23
N LYS B 16 4.47 -10.65 -2.41
CA LYS B 16 3.56 -10.25 -3.48
C LYS B 16 2.49 -11.30 -3.72
N ALA B 17 2.90 -12.56 -3.78
CA ALA B 17 1.97 -13.66 -4.01
C ALA B 17 0.87 -13.71 -2.95
N ARG B 18 1.25 -13.67 -1.68
CA ARG B 18 0.28 -13.77 -0.58
C ARG B 18 -0.64 -12.56 -0.53
N SER B 19 -0.06 -11.38 -0.61
CA SER B 19 -0.78 -10.12 -0.52
C SER B 19 -1.83 -10.01 -1.62
N TYR B 20 -1.39 -10.13 -2.88
CA TYR B 20 -2.25 -9.98 -4.02
C TYR B 20 -3.32 -11.06 -4.05
N ALA B 21 -2.95 -12.26 -3.66
CA ALA B 21 -3.89 -13.37 -3.59
C ALA B 21 -5.01 -13.07 -2.60
N ALA B 22 -4.63 -12.49 -1.46
CA ALA B 22 -5.58 -12.15 -0.40
C ALA B 22 -6.61 -11.13 -0.86
N LEU B 23 -6.16 -10.07 -1.53
CA LEU B 23 -7.05 -9.00 -1.92
C LEU B 23 -7.96 -9.41 -3.08
N GLU B 24 -7.44 -10.17 -4.03
CA GLU B 24 -8.25 -10.64 -5.15
C GLU B 24 -9.25 -11.68 -4.68
N LYS B 25 -8.93 -12.31 -3.57
CA LYS B 25 -9.78 -13.27 -2.94
C LYS B 25 -10.98 -12.57 -2.32
N MET B 26 -10.69 -11.50 -1.59
CA MET B 26 -11.71 -10.62 -1.03
C MET B 26 -12.53 -9.95 -2.13
N GLY B 27 -11.97 -9.96 -3.36
CA GLY B 27 -12.65 -9.36 -4.49
C GLY B 27 -12.31 -7.89 -4.63
N VAL B 28 -11.13 -7.51 -4.18
CA VAL B 28 -10.66 -6.14 -4.26
C VAL B 28 -9.57 -6.00 -5.33
N THR B 29 -9.59 -4.88 -6.04
CA THR B 29 -8.55 -4.58 -7.02
C THR B 29 -7.26 -4.18 -6.30
N PRO B 30 -6.09 -4.71 -6.76
CA PRO B 30 -4.80 -4.36 -6.17
C PRO B 30 -4.60 -2.85 -6.07
N SER B 31 -4.92 -2.16 -7.17
CA SER B 31 -4.80 -0.72 -7.23
C SER B 31 -5.62 -0.04 -6.13
N GLU B 32 -6.73 -0.67 -5.73
CA GLU B 32 -7.61 -0.13 -4.73
C GLU B 32 -7.05 -0.35 -3.33
N ALA B 33 -6.58 -1.57 -3.04
CA ALA B 33 -6.01 -1.85 -1.72
C ALA B 33 -4.83 -0.94 -1.41
N LEU B 34 -4.01 -0.67 -2.42
CA LEU B 34 -2.89 0.24 -2.25
C LEU B 34 -3.38 1.69 -2.16
N ARG B 35 -4.44 1.99 -2.91
CA ARG B 35 -5.03 3.33 -2.91
C ARG B 35 -5.51 3.74 -1.51
N LEU B 36 -6.25 2.83 -0.86
CA LEU B 36 -6.75 3.07 0.49
C LEU B 36 -5.62 3.17 1.49
N MET B 37 -4.52 2.47 1.19
CA MET B 37 -3.33 2.54 2.01
C MET B 37 -2.79 3.96 1.99
N LEU B 38 -2.72 4.55 0.79
CA LEU B 38 -2.16 5.88 0.62
C LEU B 38 -3.03 6.88 1.38
N GLU B 39 -4.31 6.58 1.49
CA GLU B 39 -5.25 7.42 2.23
C GLU B 39 -4.90 7.40 3.71
N TYR B 40 -4.71 6.19 4.30
CA TYR B 40 -4.52 6.09 5.74
C TYR B 40 -3.18 6.67 6.17
N ILE B 41 -2.16 6.55 5.32
CA ILE B 41 -0.83 7.10 5.67
C ILE B 41 -0.86 8.63 5.65
N ALA B 42 -1.56 9.22 4.68
CA ALA B 42 -1.68 10.67 4.59
C ALA B 42 -2.47 11.21 5.77
N ASP B 43 -3.49 10.47 6.19
CA ASP B 43 -4.37 10.91 7.25
C ASP B 43 -3.76 10.70 8.64
N ASN B 44 -3.05 9.59 8.82
CA ASN B 44 -2.57 9.18 10.14
C ASN B 44 -1.11 9.54 10.37
N GLU B 45 -0.31 9.53 9.29
CA GLU B 45 1.11 9.85 9.38
C GLU B 45 1.82 9.00 10.45
N ARG B 46 1.60 7.69 10.45
CA ARG B 46 2.21 6.83 11.45
C ARG B 46 2.47 5.42 10.91
N LEU B 47 1.54 4.89 10.12
CA LEU B 47 1.61 3.51 9.61
C LEU B 47 1.45 2.51 10.77
N PRO B 48 0.79 1.34 10.52
CA PRO B 48 0.62 0.30 11.55
C PRO B 48 1.95 -0.35 11.93
N PHE B 49 2.78 -0.60 10.92
CA PHE B 49 4.11 -1.17 11.10
C PHE B 49 5.06 -0.56 10.08
N LYS B 50 5.64 0.59 10.44
CA LYS B 50 6.58 1.29 9.55
C LYS B 50 7.99 0.79 9.76
N GLN B 51 8.17 0.01 10.83
CA GLN B 51 9.44 -0.61 11.22
C GLN B 51 10.63 0.36 11.15
N THR B 52 11.78 -0.12 11.60
CA THR B 52 13.05 0.50 11.25
C THR B 52 13.68 -0.35 10.16
N LEU B 53 13.52 -1.68 10.33
CA LEU B 53 13.80 -2.68 9.31
C LEU B 53 13.77 -4.07 9.97
N MET A 4 13.12 -9.60 -6.20
CA MET A 4 11.79 -8.95 -6.01
C MET A 4 11.08 -8.75 -7.34
N GLY A 5 9.86 -8.27 -7.26
CA GLY A 5 9.08 -7.94 -8.45
C GLY A 5 8.49 -6.56 -8.37
N SER A 6 8.42 -5.89 -9.52
CA SER A 6 7.89 -4.54 -9.59
C SER A 6 6.54 -4.49 -10.28
N ILE A 7 5.65 -3.68 -9.73
CA ILE A 7 4.28 -3.54 -10.25
C ILE A 7 3.94 -2.07 -10.45
N ASN A 8 2.89 -1.80 -11.20
CA ASN A 8 2.44 -0.44 -11.42
C ASN A 8 1.24 -0.13 -10.51
N LEU A 9 1.33 0.97 -9.79
CA LEU A 9 0.27 1.45 -8.91
C LEU A 9 -0.24 2.78 -9.47
N ARG A 10 -1.54 3.07 -9.38
CA ARG A 10 -2.10 4.29 -9.95
C ARG A 10 -3.09 4.88 -8.97
N ILE A 11 -2.91 6.14 -8.59
CA ILE A 11 -3.89 6.79 -7.71
C ILE A 11 -4.05 8.25 -8.11
N ASP A 12 -5.08 8.87 -7.51
CA ASP A 12 -5.32 10.31 -7.68
C ASP A 12 -4.08 11.09 -7.27
N ASP A 13 -3.65 12.03 -8.11
CA ASP A 13 -2.47 12.86 -7.84
C ASP A 13 -2.63 13.61 -6.52
N GLU A 14 -3.87 14.00 -6.22
CA GLU A 14 -4.19 14.74 -5.01
C GLU A 14 -3.85 13.91 -3.79
N LEU A 15 -4.14 12.62 -3.84
CA LEU A 15 -3.94 11.73 -2.71
C LEU A 15 -2.47 11.38 -2.59
N LYS A 16 -1.85 11.13 -3.74
CA LYS A 16 -0.43 10.80 -3.80
C LYS A 16 0.40 11.87 -3.10
N ALA A 17 0.03 13.13 -3.29
CA ALA A 17 0.74 14.24 -2.66
C ALA A 17 0.73 14.10 -1.15
N ARG A 18 -0.46 13.89 -0.58
CA ARG A 18 -0.60 13.81 0.89
C ARG A 18 0.13 12.58 1.47
N SER A 19 -0.11 11.43 0.86
CA SER A 19 0.41 10.16 1.34
C SER A 19 1.93 10.11 1.26
N TYR A 20 2.45 10.33 0.05
CA TYR A 20 3.88 10.31 -0.19
C TYR A 20 4.60 11.35 0.67
N ALA A 21 3.96 12.51 0.84
CA ALA A 21 4.50 13.54 1.73
C ALA A 21 4.60 13.02 3.17
N ALA A 22 3.56 12.32 3.62
CA ALA A 22 3.49 11.82 4.99
C ALA A 22 4.63 10.82 5.26
N LEU A 23 4.90 9.95 4.30
CA LEU A 23 5.91 8.92 4.49
C LEU A 23 7.33 9.49 4.35
N GLU A 24 7.55 10.41 3.42
CA GLU A 24 8.86 11.00 3.23
C GLU A 24 9.23 11.89 4.43
N LYS A 25 8.19 12.29 5.16
CA LYS A 25 8.33 13.04 6.40
C LYS A 25 9.04 12.16 7.43
N MET A 26 8.45 11.01 7.68
CA MET A 26 9.00 10.03 8.61
C MET A 26 10.34 9.47 8.07
N GLY A 27 10.59 9.73 6.79
CA GLY A 27 11.80 9.25 6.14
C GLY A 27 11.65 7.81 5.65
N VAL A 28 10.42 7.44 5.37
CA VAL A 28 10.11 6.11 4.85
C VAL A 28 10.03 6.14 3.33
N THR A 29 10.61 5.13 2.69
CA THR A 29 10.50 4.96 1.27
C THR A 29 9.09 4.49 0.90
N PRO A 30 8.45 5.10 -0.11
CA PRO A 30 7.09 4.72 -0.53
C PRO A 30 6.96 3.21 -0.75
N SER A 31 7.97 2.63 -1.38
CA SER A 31 8.00 1.19 -1.65
C SER A 31 7.96 0.38 -0.35
N GLU A 32 8.51 0.95 0.73
CA GLU A 32 8.53 0.30 2.03
C GLU A 32 7.15 0.35 2.66
N ALA A 33 6.55 1.54 2.68
CA ALA A 33 5.20 1.71 3.23
C ALA A 33 4.20 0.76 2.55
N LEU A 34 4.32 0.59 1.25
CA LEU A 34 3.46 -0.35 0.51
C LEU A 34 3.85 -1.79 0.81
N ARG A 35 5.14 -2.02 1.08
CA ARG A 35 5.65 -3.35 1.40
C ARG A 35 4.97 -3.90 2.66
N LEU A 36 5.00 -3.11 3.74
CA LEU A 36 4.38 -3.52 5.00
C LEU A 36 2.86 -3.56 4.88
N MET A 37 2.31 -2.80 3.93
CA MET A 37 0.90 -2.85 3.62
C MET A 37 0.53 -4.22 3.08
N LEU A 38 1.36 -4.73 2.18
CA LEU A 38 1.11 -6.03 1.57
C LEU A 38 1.11 -7.12 2.63
N GLU A 39 1.89 -6.87 3.67
CA GLU A 39 1.97 -7.78 4.80
C GLU A 39 0.64 -7.86 5.54
N TYR A 40 0.02 -6.71 5.82
CA TYR A 40 -1.22 -6.71 6.60
C TYR A 40 -2.40 -7.26 5.78
N ILE A 41 -2.46 -6.97 4.49
CA ILE A 41 -3.55 -7.48 3.65
C ILE A 41 -3.50 -9.00 3.57
N ALA A 42 -2.29 -9.54 3.50
CA ALA A 42 -2.11 -10.99 3.48
C ALA A 42 -2.55 -11.62 4.83
N ASP A 43 -2.34 -10.89 5.90
CA ASP A 43 -2.64 -11.38 7.26
C ASP A 43 -4.13 -11.27 7.61
N ASN A 44 -4.78 -10.23 7.10
CA ASN A 44 -6.17 -9.93 7.46
C ASN A 44 -7.15 -10.32 6.37
N GLU A 45 -6.71 -10.20 5.12
CA GLU A 45 -7.54 -10.51 3.92
C GLU A 45 -8.88 -9.80 4.02
N ARG A 46 -8.87 -8.52 4.36
CA ARG A 46 -10.11 -7.73 4.51
C ARG A 46 -9.84 -6.25 4.28
N LEU A 47 -8.65 -5.78 4.66
CA LEU A 47 -8.30 -4.35 4.56
C LEU A 47 -9.06 -3.53 5.62
N PRO A 48 -8.47 -2.45 6.14
CA PRO A 48 -9.09 -1.63 7.19
C PRO A 48 -10.26 -0.81 6.67
N PHE A 49 -10.20 -0.48 5.38
CA PHE A 49 -11.24 0.34 4.73
C PHE A 49 -11.78 -0.36 3.51
N LYS A 50 -10.86 -0.85 2.65
CA LYS A 50 -11.18 -1.47 1.35
C LYS A 50 -12.17 -0.65 0.55
N GLN A 51 -12.22 0.66 0.82
CA GLN A 51 -13.22 1.55 0.18
C GLN A 51 -14.63 1.01 0.43
N THR A 52 -15.60 1.46 -0.37
CA THR A 52 -16.95 0.97 -0.26
C THR A 52 -17.20 -0.17 -1.24
N LEU A 53 -16.22 -1.09 -1.30
CA LEU A 53 -16.34 -2.27 -2.13
C LEU A 53 -17.27 -3.29 -1.49
N MET B 4 -4.73 10.56 -13.03
CA MET B 4 -3.95 9.84 -11.99
C MET B 4 -2.48 9.76 -12.36
N GLY B 5 -1.70 9.18 -11.45
CA GLY B 5 -0.28 8.98 -11.70
C GLY B 5 0.13 7.57 -11.35
N SER B 6 1.06 7.02 -12.11
CA SER B 6 1.52 5.65 -11.90
C SER B 6 2.94 5.60 -11.34
N ILE B 7 3.17 4.73 -10.39
CA ILE B 7 4.48 4.59 -9.75
C ILE B 7 4.92 3.14 -9.77
N ASN B 8 6.18 2.88 -9.50
CA ASN B 8 6.72 1.53 -9.42
C ASN B 8 6.87 1.10 -7.96
N LEU B 9 6.33 -0.05 -7.67
CA LEU B 9 6.40 -0.66 -6.32
C LEU B 9 7.21 -1.95 -6.45
N ARG B 10 8.04 -2.29 -5.46
CA ARG B 10 8.89 -3.47 -5.56
C ARG B 10 8.84 -4.18 -4.21
N ILE B 11 8.51 -5.48 -4.20
CA ILE B 11 8.55 -6.24 -2.96
C ILE B 11 9.01 -7.67 -3.21
N ASP B 12 9.29 -8.37 -2.13
CA ASP B 12 9.63 -9.77 -2.18
C ASP B 12 8.53 -10.56 -2.91
N ASP B 13 8.91 -11.41 -3.85
CA ASP B 13 7.96 -12.21 -4.62
C ASP B 13 7.12 -13.08 -3.69
N GLU B 14 7.76 -13.55 -2.62
CA GLU B 14 7.11 -14.39 -1.63
C GLU B 14 5.93 -13.68 -0.98
N LEU B 15 6.11 -12.40 -0.72
CA LEU B 15 5.11 -11.61 -0.03
C LEU B 15 4.01 -11.23 -1.00
N LYS B 16 4.42 -10.84 -2.20
CA LYS B 16 3.50 -10.46 -3.26
C LYS B 16 2.48 -11.55 -3.51
N ALA B 17 2.93 -12.81 -3.47
CA ALA B 17 2.04 -13.95 -3.68
C ALA B 17 0.92 -13.95 -2.64
N ARG B 18 1.27 -13.83 -1.36
CA ARG B 18 0.29 -13.88 -0.28
C ARG B 18 -0.67 -12.70 -0.32
N SER B 19 -0.12 -11.50 -0.45
CA SER B 19 -0.88 -10.27 -0.40
C SER B 19 -1.85 -10.16 -1.58
N TYR B 20 -1.29 -10.23 -2.78
CA TYR B 20 -2.07 -10.14 -4.01
C TYR B 20 -3.14 -11.23 -4.05
N ALA B 21 -2.81 -12.41 -3.55
CA ALA B 21 -3.77 -13.51 -3.45
C ALA B 21 -4.94 -13.13 -2.51
N ALA B 22 -4.59 -12.53 -1.39
CA ALA B 22 -5.59 -12.14 -0.39
C ALA B 22 -6.60 -11.14 -0.95
N LEU B 23 -6.11 -10.17 -1.72
CA LEU B 23 -6.97 -9.12 -2.24
C LEU B 23 -7.80 -9.62 -3.43
N GLU B 24 -7.20 -10.44 -4.31
CA GLU B 24 -7.93 -10.96 -5.46
C GLU B 24 -9.00 -11.95 -5.01
N LYS B 25 -8.82 -12.48 -3.80
CA LYS B 25 -9.82 -13.32 -3.15
C LYS B 25 -11.10 -12.51 -2.91
N MET B 26 -10.94 -11.41 -2.19
CA MET B 26 -12.05 -10.49 -1.90
C MET B 26 -12.56 -9.84 -3.19
N GLY B 27 -11.78 -9.97 -4.25
CA GLY B 27 -12.15 -9.39 -5.53
C GLY B 27 -11.74 -7.93 -5.64
N VAL B 28 -10.71 -7.56 -4.87
CA VAL B 28 -10.18 -6.21 -4.86
C VAL B 28 -8.99 -6.09 -5.81
N THR B 29 -8.97 -5.02 -6.59
CA THR B 29 -7.85 -4.72 -7.44
C THR B 29 -6.65 -4.28 -6.60
N PRO B 30 -5.44 -4.80 -6.85
CA PRO B 30 -4.23 -4.45 -6.09
C PRO B 30 -4.04 -2.92 -6.00
N SER B 31 -4.28 -2.24 -7.12
CA SER B 31 -4.17 -0.79 -7.20
C SER B 31 -5.16 -0.11 -6.22
N GLU B 32 -6.29 -0.76 -5.97
CA GLU B 32 -7.30 -0.21 -5.06
C GLU B 32 -6.83 -0.39 -3.62
N ALA B 33 -6.37 -1.59 -3.27
CA ALA B 33 -5.87 -1.87 -1.93
C ALA B 33 -4.76 -0.89 -1.53
N LEU B 34 -3.88 -0.59 -2.49
CA LEU B 34 -2.79 0.37 -2.26
C LEU B 34 -3.35 1.79 -2.22
N ARG B 35 -4.42 2.04 -2.96
CA ARG B 35 -5.04 3.36 -3.01
C ARG B 35 -5.54 3.76 -1.61
N LEU B 36 -6.32 2.87 -0.99
CA LEU B 36 -6.86 3.13 0.34
C LEU B 36 -5.75 3.14 1.38
N MET B 37 -4.65 2.45 1.09
CA MET B 37 -3.47 2.48 1.94
C MET B 37 -2.88 3.88 1.98
N LEU B 38 -2.80 4.52 0.79
CA LEU B 38 -2.23 5.86 0.71
C LEU B 38 -3.09 6.82 1.50
N GLU B 39 -4.38 6.52 1.58
CA GLU B 39 -5.31 7.31 2.36
C GLU B 39 -4.94 7.29 3.85
N TYR B 40 -4.66 6.10 4.40
CA TYR B 40 -4.42 5.97 5.85
C TYR B 40 -3.05 6.54 6.23
N ILE B 41 -2.04 6.36 5.39
CA ILE B 41 -0.71 6.90 5.68
C ILE B 41 -0.75 8.43 5.71
N ALA B 42 -1.55 9.02 4.83
CA ALA B 42 -1.71 10.48 4.81
C ALA B 42 -2.44 10.96 6.07
N ASP B 43 -3.34 10.14 6.59
CA ASP B 43 -4.18 10.49 7.76
C ASP B 43 -3.41 10.30 9.07
N ASN B 44 -2.54 9.29 9.12
CA ASN B 44 -1.87 8.91 10.37
C ASN B 44 -0.42 9.36 10.41
N GLU B 45 0.23 9.38 9.25
CA GLU B 45 1.65 9.76 9.16
C GLU B 45 2.51 8.93 10.13
N ARG B 46 2.30 7.62 10.17
CA ARG B 46 3.04 6.76 11.12
C ARG B 46 3.18 5.32 10.63
N LEU B 47 2.16 4.84 9.90
CA LEU B 47 2.08 3.44 9.46
C LEU B 47 1.75 2.52 10.65
N PRO B 48 1.08 1.36 10.41
CA PRO B 48 0.71 0.43 11.49
C PRO B 48 1.92 -0.18 12.18
N PHE B 49 2.99 -0.41 11.43
CA PHE B 49 4.25 -0.96 11.98
C PHE B 49 5.40 -0.04 11.63
N LYS B 50 5.83 -0.13 10.35
CA LYS B 50 6.98 0.64 9.83
C LYS B 50 8.32 0.03 10.26
N GLN B 51 8.29 -0.80 11.30
CA GLN B 51 9.48 -1.46 11.83
C GLN B 51 10.50 -0.41 12.31
N THR B 52 11.49 -0.11 11.47
CA THR B 52 12.49 0.89 11.78
C THR B 52 13.19 1.33 10.50
N LEU B 53 13.45 0.36 9.64
CA LEU B 53 14.09 0.58 8.34
C LEU B 53 15.50 1.16 8.52
N MET A 4 13.40 -9.82 -5.68
CA MET A 4 12.39 -8.73 -5.64
C MET A 4 11.84 -8.47 -7.03
N GLY A 5 10.61 -7.95 -7.06
CA GLY A 5 9.99 -7.54 -8.30
C GLY A 5 9.30 -6.20 -8.14
N SER A 6 8.96 -5.57 -9.24
CA SER A 6 8.29 -4.28 -9.23
C SER A 6 6.91 -4.36 -9.89
N ILE A 7 5.96 -3.64 -9.30
CA ILE A 7 4.58 -3.62 -9.78
C ILE A 7 4.18 -2.19 -10.14
N ASN A 8 3.03 -2.04 -10.80
CA ASN A 8 2.52 -0.71 -11.15
C ASN A 8 1.28 -0.44 -10.33
N LEU A 9 1.30 0.66 -9.59
CA LEU A 9 0.16 1.08 -8.80
C LEU A 9 -0.44 2.34 -9.44
N ARG A 10 -1.76 2.55 -9.34
CA ARG A 10 -2.42 3.65 -10.03
C ARG A 10 -3.43 4.31 -9.09
N ILE A 11 -3.18 5.57 -8.75
CA ILE A 11 -4.12 6.33 -7.93
C ILE A 11 -4.13 7.77 -8.47
N ASP A 12 -5.04 8.59 -7.99
CA ASP A 12 -5.04 9.99 -8.42
C ASP A 12 -3.79 10.65 -7.86
N ASP A 13 -3.10 11.40 -8.72
CA ASP A 13 -1.82 12.01 -8.37
C ASP A 13 -1.94 12.90 -7.14
N GLU A 14 -3.14 13.41 -6.88
CA GLU A 14 -3.38 14.25 -5.72
C GLU A 14 -3.15 13.47 -4.43
N LEU A 15 -3.61 12.22 -4.42
CA LEU A 15 -3.56 11.39 -3.21
C LEU A 15 -2.12 10.93 -3.00
N LYS A 16 -1.50 10.55 -4.09
CA LYS A 16 -0.10 10.13 -4.12
C LYS A 16 0.78 11.16 -3.45
N ALA A 17 0.48 12.44 -3.69
CA ALA A 17 1.25 13.54 -3.15
C ALA A 17 1.21 13.54 -1.61
N ARG A 18 0.00 13.47 -1.05
CA ARG A 18 -0.18 13.53 0.41
C ARG A 18 0.45 12.31 1.09
N SER A 19 0.21 11.13 0.53
CA SER A 19 0.68 9.88 1.09
C SER A 19 2.20 9.83 1.12
N TYR A 20 2.82 10.01 -0.05
CA TYR A 20 4.27 10.00 -0.17
C TYR A 20 4.88 11.07 0.73
N ALA A 21 4.27 12.24 0.77
CA ALA A 21 4.73 13.35 1.60
C ALA A 21 4.77 12.96 3.08
N ALA A 22 3.75 12.26 3.50
CA ALA A 22 3.64 11.80 4.89
C ALA A 22 4.78 10.86 5.24
N LEU A 23 5.06 9.86 4.39
CA LEU A 23 6.01 8.82 4.73
C LEU A 23 7.46 9.32 4.62
N GLU A 24 7.74 10.18 3.65
CA GLU A 24 9.09 10.71 3.48
C GLU A 24 9.41 11.70 4.59
N LYS A 25 8.35 12.24 5.15
CA LYS A 25 8.41 13.16 6.28
C LYS A 25 8.74 12.34 7.54
N MET A 26 8.08 11.19 7.65
CA MET A 26 8.37 10.20 8.69
C MET A 26 9.80 9.65 8.51
N GLY A 27 10.37 9.92 7.33
CA GLY A 27 11.71 9.45 7.02
C GLY A 27 11.73 7.98 6.68
N VAL A 28 10.61 7.49 6.17
CA VAL A 28 10.49 6.08 5.77
C VAL A 28 10.48 5.98 4.26
N THR A 29 10.96 4.86 3.73
CA THR A 29 10.96 4.60 2.31
C THR A 29 9.54 4.26 1.82
N PRO A 30 9.08 4.86 0.70
CA PRO A 30 7.75 4.60 0.16
C PRO A 30 7.51 3.11 -0.08
N SER A 31 8.56 2.44 -0.58
CA SER A 31 8.51 1.01 -0.83
C SER A 31 8.23 0.23 0.47
N GLU A 32 8.64 0.81 1.61
CA GLU A 32 8.49 0.14 2.89
C GLU A 32 7.05 0.23 3.39
N ALA A 33 6.47 1.43 3.37
CA ALA A 33 5.07 1.62 3.80
C ALA A 33 4.11 0.72 3.02
N LEU A 34 4.35 0.59 1.72
CA LEU A 34 3.51 -0.28 0.87
C LEU A 34 3.81 -1.76 1.16
N ARG A 35 5.07 -2.04 1.44
CA ARG A 35 5.50 -3.42 1.73
C ARG A 35 4.79 -3.95 2.98
N LEU A 36 4.76 -3.16 4.03
CA LEU A 36 4.13 -3.57 5.30
C LEU A 36 2.61 -3.69 5.13
N MET A 37 2.09 -2.91 4.20
CA MET A 37 0.67 -2.99 3.87
C MET A 37 0.36 -4.34 3.23
N LEU A 38 1.22 -4.76 2.31
CA LEU A 38 1.05 -6.02 1.60
C LEU A 38 1.02 -7.18 2.59
N GLU A 39 1.73 -6.99 3.68
CA GLU A 39 1.77 -8.01 4.73
C GLU A 39 0.43 -8.15 5.45
N TYR A 40 -0.20 -7.01 5.80
CA TYR A 40 -1.43 -7.05 6.59
C TYR A 40 -2.63 -7.51 5.74
N ILE A 41 -2.61 -7.20 4.45
CA ILE A 41 -3.67 -7.67 3.57
C ILE A 41 -3.55 -9.17 3.37
N ALA A 42 -2.31 -9.64 3.25
CA ALA A 42 -2.05 -11.06 3.06
C ALA A 42 -2.48 -11.87 4.29
N ASP A 43 -2.26 -11.30 5.46
CA ASP A 43 -2.57 -11.98 6.72
C ASP A 43 -4.07 -11.92 7.05
N ASN A 44 -4.63 -10.71 6.97
CA ASN A 44 -6.01 -10.46 7.39
C ASN A 44 -7.00 -10.83 6.30
N GLU A 45 -6.63 -10.56 5.04
CA GLU A 45 -7.49 -10.83 3.89
C GLU A 45 -8.86 -10.18 4.07
N ARG A 46 -8.87 -8.90 4.48
CA ARG A 46 -10.13 -8.18 4.75
C ARG A 46 -9.96 -6.66 4.59
N LEU A 47 -8.77 -6.14 4.92
CA LEU A 47 -8.51 -4.67 4.90
C LEU A 47 -9.23 -3.98 6.06
N PRO A 48 -8.71 -2.83 6.56
CA PRO A 48 -9.27 -2.14 7.73
C PRO A 48 -10.72 -1.71 7.55
N PHE A 49 -11.11 -1.39 6.32
CA PHE A 49 -12.48 -0.96 6.02
C PHE A 49 -12.95 -1.61 4.71
N LYS A 50 -12.13 -1.44 3.65
CA LYS A 50 -12.42 -2.05 2.36
C LYS A 50 -13.65 -1.41 1.70
N GLN A 51 -13.83 -0.12 1.98
CA GLN A 51 -14.89 0.66 1.33
C GLN A 51 -14.89 0.41 -0.20
N THR A 52 -15.98 -0.06 -0.73
CA THR A 52 -16.08 -0.34 -2.16
C THR A 52 -16.41 0.95 -2.90
N LEU A 53 -15.45 1.88 -2.86
CA LEU A 53 -15.58 3.18 -3.46
C LEU A 53 -15.63 3.06 -4.99
N MET B 4 -5.03 10.70 -12.88
CA MET B 4 -4.34 9.61 -12.19
C MET B 4 -2.92 9.45 -12.70
N GLY B 5 -2.07 8.86 -11.86
CA GLY B 5 -0.71 8.56 -12.26
C GLY B 5 -0.33 7.18 -11.74
N SER B 6 0.77 6.65 -12.25
CA SER B 6 1.26 5.33 -11.87
C SER B 6 2.65 5.41 -11.26
N ILE B 7 2.87 4.60 -10.23
CA ILE B 7 4.14 4.57 -9.51
C ILE B 7 4.73 3.18 -9.57
N ASN B 8 5.98 3.03 -9.16
CA ASN B 8 6.63 1.72 -9.13
C ASN B 8 6.86 1.32 -7.68
N LEU B 9 6.35 0.16 -7.31
CA LEU B 9 6.51 -0.39 -5.98
C LEU B 9 7.45 -1.61 -6.07
N ARG B 10 8.25 -1.86 -5.03
CA ARG B 10 9.25 -2.93 -5.11
C ARG B 10 9.22 -3.72 -3.79
N ILE B 11 8.86 -5.00 -3.86
CA ILE B 11 8.91 -5.89 -2.70
C ILE B 11 9.38 -7.25 -3.17
N ASP B 12 9.67 -8.16 -2.26
CA ASP B 12 10.03 -9.51 -2.67
C ASP B 12 8.81 -10.17 -3.32
N ASP B 13 9.03 -10.79 -4.48
CA ASP B 13 7.96 -11.39 -5.27
C ASP B 13 7.15 -12.39 -4.44
N GLU B 14 7.78 -12.96 -3.41
CA GLU B 14 7.11 -13.93 -2.55
C GLU B 14 5.95 -13.26 -1.82
N LEU B 15 6.17 -12.05 -1.34
CA LEU B 15 5.20 -11.35 -0.53
C LEU B 15 4.07 -10.84 -1.40
N LYS B 16 4.48 -10.34 -2.56
CA LYS B 16 3.54 -9.85 -3.55
C LYS B 16 2.51 -10.92 -3.90
N ALA B 17 2.94 -12.16 -3.96
CA ALA B 17 2.06 -13.27 -4.29
C ALA B 17 0.95 -13.42 -3.27
N ARG B 18 1.32 -13.47 -1.98
CA ARG B 18 0.34 -13.66 -0.90
C ARG B 18 -0.63 -12.49 -0.81
N SER B 19 -0.10 -11.27 -0.90
CA SER B 19 -0.89 -10.06 -0.76
C SER B 19 -1.92 -9.95 -1.88
N TYR B 20 -1.44 -9.99 -3.12
CA TYR B 20 -2.31 -9.92 -4.28
C TYR B 20 -3.34 -11.03 -4.26
N ALA B 21 -2.89 -12.21 -3.88
CA ALA B 21 -3.77 -13.39 -3.81
C ALA B 21 -4.94 -13.13 -2.85
N ALA B 22 -4.62 -12.52 -1.72
CA ALA B 22 -5.61 -12.19 -0.69
C ALA B 22 -6.69 -11.26 -1.23
N LEU B 23 -6.26 -10.18 -1.89
CA LEU B 23 -7.17 -9.13 -2.30
C LEU B 23 -8.02 -9.54 -3.50
N GLU B 24 -7.44 -10.32 -4.42
CA GLU B 24 -8.18 -10.76 -5.61
C GLU B 24 -9.18 -11.82 -5.21
N LYS B 25 -8.89 -12.46 -4.10
CA LYS B 25 -9.75 -13.46 -3.50
C LYS B 25 -10.94 -12.77 -2.86
N MET B 26 -10.66 -11.67 -2.18
CA MET B 26 -11.66 -10.77 -1.62
C MET B 26 -12.47 -10.15 -2.76
N GLY B 27 -11.97 -10.31 -4.00
CA GLY B 27 -12.63 -9.74 -5.16
C GLY B 27 -12.46 -8.23 -5.24
N VAL B 28 -11.35 -7.73 -4.69
CA VAL B 28 -11.05 -6.31 -4.74
C VAL B 28 -9.88 -6.06 -5.70
N THR B 29 -9.86 -4.86 -6.30
CA THR B 29 -8.79 -4.47 -7.21
C THR B 29 -7.52 -4.15 -6.42
N PRO B 30 -6.33 -4.67 -6.86
CA PRO B 30 -5.07 -4.41 -6.19
C PRO B 30 -4.82 -2.92 -6.02
N SER B 31 -5.14 -2.16 -7.07
CA SER B 31 -4.99 -0.71 -7.06
C SER B 31 -5.80 -0.07 -5.93
N GLU B 32 -6.89 -0.74 -5.54
CA GLU B 32 -7.79 -0.20 -4.53
C GLU B 32 -7.23 -0.39 -3.14
N ALA B 33 -6.77 -1.61 -2.83
CA ALA B 33 -6.19 -1.91 -1.52
C ALA B 33 -5.00 -0.98 -1.22
N LEU B 34 -4.18 -0.70 -2.23
CA LEU B 34 -3.03 0.18 -2.07
C LEU B 34 -3.51 1.63 -1.96
N ARG B 35 -4.57 1.97 -2.70
CA ARG B 35 -5.13 3.31 -2.72
C ARG B 35 -5.60 3.72 -1.32
N LEU B 36 -6.36 2.82 -0.67
CA LEU B 36 -6.91 3.08 0.66
C LEU B 36 -5.81 3.13 1.71
N MET B 37 -4.70 2.43 1.43
CA MET B 37 -3.53 2.48 2.28
C MET B 37 -2.91 3.87 2.23
N LEU B 38 -2.80 4.42 1.01
CA LEU B 38 -2.21 5.73 0.80
C LEU B 38 -2.98 6.78 1.58
N GLU B 39 -4.27 6.53 1.76
CA GLU B 39 -5.13 7.44 2.48
C GLU B 39 -4.78 7.45 3.97
N TYR B 40 -4.58 6.25 4.57
CA TYR B 40 -4.38 6.16 6.01
C TYR B 40 -2.97 6.65 6.40
N ILE B 41 -1.98 6.46 5.51
CA ILE B 41 -0.65 6.97 5.79
C ILE B 41 -0.64 8.49 5.70
N ALA B 42 -1.40 9.03 4.74
CA ALA B 42 -1.48 10.47 4.56
C ALA B 42 -2.16 11.15 5.76
N ASP B 43 -3.15 10.47 6.32
CA ASP B 43 -3.94 11.01 7.43
C ASP B 43 -3.20 10.86 8.76
N ASN B 44 -2.70 9.64 9.03
CA ASN B 44 -2.11 9.30 10.31
C ASN B 44 -0.65 9.72 10.36
N GLU B 45 0.04 9.60 9.22
CA GLU B 45 1.45 9.96 9.11
C GLU B 45 2.28 9.31 10.23
N ARG B 46 2.07 8.01 10.45
CA ARG B 46 2.80 7.31 11.52
C ARG B 46 2.88 5.81 11.25
N LEU B 47 1.82 5.24 10.67
CA LEU B 47 1.76 3.80 10.38
C LEU B 47 1.71 3.00 11.69
N PRO B 48 1.22 1.75 11.67
CA PRO B 48 1.21 0.87 12.86
C PRO B 48 2.63 0.40 13.21
N PHE B 49 3.39 0.07 12.18
CA PHE B 49 4.77 -0.38 12.31
C PHE B 49 5.54 0.11 11.10
N LYS B 50 6.13 1.29 11.23
CA LYS B 50 6.82 1.94 10.12
C LYS B 50 8.20 1.35 9.94
N GLN B 51 8.70 0.72 11.01
CA GLN B 51 10.05 0.16 11.05
C GLN B 51 11.09 1.25 10.67
N THR B 52 12.32 0.83 10.36
CA THR B 52 13.35 1.77 9.91
C THR B 52 14.21 1.16 8.83
N LEU B 53 13.64 0.22 8.08
CA LEU B 53 14.37 -0.46 7.00
C LEU B 53 14.70 0.53 5.88
N MET A 4 12.80 -10.30 -6.05
CA MET A 4 11.89 -9.13 -5.96
C MET A 4 11.36 -8.76 -7.34
N GLY A 5 10.16 -8.18 -7.36
CA GLY A 5 9.57 -7.70 -8.59
C GLY A 5 8.92 -6.36 -8.39
N SER A 6 8.58 -5.71 -9.50
CA SER A 6 7.95 -4.41 -9.47
C SER A 6 6.52 -4.47 -10.04
N ILE A 7 5.62 -3.68 -9.44
CA ILE A 7 4.24 -3.61 -9.88
C ILE A 7 3.89 -2.15 -10.13
N ASN A 8 2.74 -1.90 -10.74
CA ASN A 8 2.28 -0.54 -11.03
C ASN A 8 1.09 -0.18 -10.13
N LEU A 9 1.18 0.95 -9.47
CA LEU A 9 0.12 1.46 -8.63
C LEU A 9 -0.46 2.71 -9.29
N ARG A 10 -1.76 2.98 -9.11
CA ARG A 10 -2.44 4.05 -9.79
C ARG A 10 -3.38 4.77 -8.81
N ILE A 11 -3.12 6.05 -8.56
CA ILE A 11 -3.96 6.84 -7.65
C ILE A 11 -4.05 8.27 -8.15
N ASP A 12 -4.90 9.07 -7.52
CA ASP A 12 -4.99 10.48 -7.88
C ASP A 12 -3.72 11.19 -7.41
N ASP A 13 -3.20 12.09 -8.24
CA ASP A 13 -1.92 12.72 -8.00
C ASP A 13 -1.94 13.52 -6.70
N GLU A 14 -3.10 14.05 -6.34
CA GLU A 14 -3.24 14.86 -5.14
C GLU A 14 -3.04 14.01 -3.89
N LEU A 15 -3.50 12.78 -3.93
CA LEU A 15 -3.43 11.90 -2.77
C LEU A 15 -1.99 11.43 -2.61
N LYS A 16 -1.38 11.14 -3.76
CA LYS A 16 0.03 10.74 -3.83
C LYS A 16 0.91 11.77 -3.14
N ALA A 17 0.66 13.04 -3.43
CA ALA A 17 1.46 14.12 -2.88
C ALA A 17 1.48 14.08 -1.35
N ARG A 18 0.31 14.02 -0.71
CA ARG A 18 0.21 14.05 0.75
C ARG A 18 0.83 12.80 1.39
N SER A 19 0.48 11.63 0.84
CA SER A 19 0.95 10.36 1.38
C SER A 19 2.48 10.26 1.33
N TYR A 20 3.03 10.44 0.13
CA TYR A 20 4.48 10.41 -0.07
C TYR A 20 5.15 11.43 0.81
N ALA A 21 4.57 12.62 0.91
CA ALA A 21 5.13 13.69 1.71
C ALA A 21 5.28 13.26 3.17
N ALA A 22 4.25 12.61 3.68
CA ALA A 22 4.22 12.15 5.07
C ALA A 22 5.29 11.10 5.32
N LEU A 23 5.39 10.10 4.43
CA LEU A 23 6.27 8.97 4.66
C LEU A 23 7.73 9.38 4.51
N GLU A 24 8.01 10.32 3.60
CA GLU A 24 9.38 10.80 3.41
C GLU A 24 9.73 11.80 4.54
N LYS A 25 8.69 12.37 5.14
CA LYS A 25 8.88 13.26 6.29
C LYS A 25 9.43 12.45 7.46
N MET A 26 8.75 11.33 7.71
CA MET A 26 9.17 10.37 8.74
C MET A 26 10.53 9.77 8.38
N GLY A 27 10.79 9.61 7.08
CA GLY A 27 12.05 9.04 6.61
C GLY A 27 11.91 7.58 6.27
N VAL A 28 10.69 7.17 5.95
CA VAL A 28 10.42 5.78 5.57
C VAL A 28 10.31 5.68 4.07
N THR A 29 10.90 4.64 3.49
CA THR A 29 10.87 4.42 2.07
C THR A 29 9.46 4.04 1.61
N PRO A 30 8.92 4.69 0.56
CA PRO A 30 7.57 4.41 0.07
C PRO A 30 7.39 2.93 -0.29
N SER A 31 8.42 2.38 -0.93
CA SER A 31 8.37 0.96 -1.34
C SER A 31 8.23 0.06 -0.10
N GLU A 32 8.71 0.54 1.05
CA GLU A 32 8.63 -0.23 2.28
C GLU A 32 7.26 -0.09 2.92
N ALA A 33 6.76 1.14 3.05
CA ALA A 33 5.45 1.39 3.65
C ALA A 33 4.37 0.59 2.89
N LEU A 34 4.45 0.61 1.57
CA LEU A 34 3.52 -0.15 0.76
C LEU A 34 3.69 -1.65 1.01
N ARG A 35 4.93 -2.06 1.26
CA ARG A 35 5.25 -3.47 1.50
C ARG A 35 4.55 -3.95 2.78
N LEU A 36 4.56 -3.10 3.81
CA LEU A 36 3.89 -3.44 5.10
C LEU A 36 2.43 -3.71 4.82
N MET A 37 1.83 -2.80 4.05
CA MET A 37 0.45 -2.89 3.65
C MET A 37 0.15 -4.27 3.06
N LEU A 38 1.03 -4.72 2.16
CA LEU A 38 0.82 -5.98 1.46
C LEU A 38 0.86 -7.13 2.44
N GLU A 39 1.65 -6.96 3.51
CA GLU A 39 1.71 -7.93 4.58
C GLU A 39 0.38 -8.06 5.30
N TYR A 40 -0.24 -6.93 5.67
CA TYR A 40 -1.45 -6.96 6.50
C TYR A 40 -2.66 -7.47 5.71
N ILE A 41 -2.69 -7.21 4.40
CA ILE A 41 -3.76 -7.74 3.57
C ILE A 41 -3.60 -9.26 3.40
N ALA A 42 -2.35 -9.71 3.27
CA ALA A 42 -2.07 -11.13 3.15
C ALA A 42 -2.45 -11.89 4.41
N ASP A 43 -2.18 -11.28 5.57
CA ASP A 43 -2.43 -11.90 6.87
C ASP A 43 -3.91 -11.87 7.24
N ASN A 44 -4.54 -10.69 7.13
CA ASN A 44 -5.91 -10.48 7.57
C ASN A 44 -6.92 -10.88 6.51
N GLU A 45 -6.57 -10.69 5.25
CA GLU A 45 -7.46 -11.05 4.13
C GLU A 45 -8.85 -10.40 4.30
N ARG A 46 -8.85 -9.15 4.76
CA ARG A 46 -10.12 -8.43 5.01
C ARG A 46 -9.98 -6.94 4.76
N LEU A 47 -8.79 -6.38 4.99
CA LEU A 47 -8.58 -4.93 4.86
C LEU A 47 -9.41 -4.18 5.90
N PRO A 48 -9.19 -2.85 6.07
CA PRO A 48 -10.04 -2.03 6.94
C PRO A 48 -11.47 -1.92 6.42
N PHE A 49 -11.62 -2.02 5.09
CA PHE A 49 -12.93 -1.82 4.45
C PHE A 49 -13.16 -2.86 3.34
N LYS A 50 -12.10 -3.13 2.54
CA LYS A 50 -12.13 -4.06 1.40
C LYS A 50 -13.32 -3.79 0.46
N GLN A 51 -13.78 -2.55 0.43
CA GLN A 51 -14.89 -2.16 -0.44
C GLN A 51 -14.59 -2.56 -1.88
N THR A 52 -15.54 -3.26 -2.51
CA THR A 52 -15.41 -3.72 -3.88
C THR A 52 -16.27 -2.87 -4.82
N LEU A 53 -16.95 -1.86 -4.24
CA LEU A 53 -17.85 -0.98 -4.97
C LEU A 53 -18.95 -1.81 -5.65
N MET B 4 -4.80 11.34 -12.47
CA MET B 4 -4.17 10.14 -11.83
C MET B 4 -2.80 9.88 -12.41
N GLY B 5 -1.96 9.25 -11.61
CA GLY B 5 -0.63 8.87 -12.06
C GLY B 5 -0.28 7.48 -11.59
N SER B 6 0.80 6.93 -12.16
CA SER B 6 1.27 5.60 -11.79
C SER B 6 2.66 5.65 -11.16
N ILE B 7 2.87 4.78 -10.17
CA ILE B 7 4.15 4.68 -9.49
C ILE B 7 4.64 3.24 -9.51
N ASN B 8 5.88 2.99 -9.14
CA ASN B 8 6.46 1.66 -9.11
C ASN B 8 6.62 1.19 -7.66
N LEU B 9 6.12 -0.01 -7.39
CA LEU B 9 6.25 -0.62 -6.08
C LEU B 9 7.20 -1.84 -6.23
N ARG B 10 7.96 -2.14 -5.20
CA ARG B 10 8.97 -3.22 -5.29
C ARG B 10 8.95 -4.05 -4.01
N ILE B 11 8.63 -5.34 -4.13
CA ILE B 11 8.56 -6.25 -2.96
C ILE B 11 9.04 -7.63 -3.38
N ASP B 12 9.23 -8.52 -2.41
CA ASP B 12 9.58 -9.89 -2.70
C ASP B 12 8.39 -10.59 -3.38
N ASP B 13 8.68 -11.37 -4.40
CA ASP B 13 7.64 -11.98 -5.23
C ASP B 13 6.75 -12.91 -4.39
N GLU B 14 7.33 -13.50 -3.36
CA GLU B 14 6.56 -14.44 -2.52
C GLU B 14 5.48 -13.69 -1.75
N LEU B 15 5.79 -12.46 -1.31
CA LEU B 15 4.87 -11.71 -0.47
C LEU B 15 3.76 -11.18 -1.38
N LYS B 16 4.15 -10.74 -2.56
CA LYS B 16 3.22 -10.30 -3.59
C LYS B 16 2.16 -11.35 -3.83
N ALA B 17 2.58 -12.58 -4.01
CA ALA B 17 1.68 -13.70 -4.27
C ALA B 17 0.54 -13.79 -3.25
N ARG B 18 0.90 -13.84 -1.95
CA ARG B 18 -0.11 -14.01 -0.90
C ARG B 18 -1.03 -12.79 -0.79
N SER B 19 -0.45 -11.60 -0.80
CA SER B 19 -1.21 -10.37 -0.66
C SER B 19 -2.23 -10.21 -1.79
N TYR B 20 -1.74 -10.27 -3.01
CA TYR B 20 -2.58 -10.14 -4.19
C TYR B 20 -3.66 -11.22 -4.20
N ALA B 21 -3.28 -12.43 -3.82
CA ALA B 21 -4.22 -13.55 -3.78
C ALA B 21 -5.38 -13.24 -2.84
N ALA B 22 -5.06 -12.69 -1.68
CA ALA B 22 -6.05 -12.35 -0.68
C ALA B 22 -7.02 -11.27 -1.17
N LEU B 23 -6.48 -10.20 -1.74
CA LEU B 23 -7.29 -9.07 -2.15
C LEU B 23 -8.18 -9.42 -3.35
N GLU B 24 -7.69 -10.25 -4.25
CA GLU B 24 -8.47 -10.66 -5.41
C GLU B 24 -9.47 -11.73 -5.00
N LYS B 25 -9.19 -12.39 -3.87
CA LYS B 25 -10.10 -13.36 -3.29
C LYS B 25 -11.35 -12.65 -2.81
N MET B 26 -11.13 -11.58 -2.06
CA MET B 26 -12.19 -10.70 -1.59
C MET B 26 -12.88 -10.02 -2.76
N GLY B 27 -12.13 -9.74 -3.81
CA GLY B 27 -12.67 -9.09 -4.99
C GLY B 27 -12.39 -7.61 -4.99
N VAL B 28 -11.35 -7.20 -4.26
CA VAL B 28 -10.95 -5.81 -4.22
C VAL B 28 -9.78 -5.57 -5.17
N THR B 29 -9.82 -4.46 -5.90
CA THR B 29 -8.78 -4.12 -6.83
C THR B 29 -7.48 -3.75 -6.08
N PRO B 30 -6.32 -4.34 -6.46
CA PRO B 30 -5.04 -4.07 -5.81
C PRO B 30 -4.72 -2.57 -5.78
N SER B 31 -4.97 -1.91 -6.91
CA SER B 31 -4.73 -0.46 -7.03
C SER B 31 -5.55 0.31 -6.01
N GLU B 32 -6.70 -0.24 -5.60
CA GLU B 32 -7.56 0.39 -4.63
C GLU B 32 -7.08 0.15 -3.21
N ALA B 33 -6.78 -1.11 -2.89
CA ALA B 33 -6.28 -1.45 -1.54
C ALA B 33 -5.04 -0.66 -1.20
N LEU B 34 -4.11 -0.55 -2.15
CA LEU B 34 -2.92 0.26 -1.98
C LEU B 34 -3.28 1.75 -1.80
N ARG B 35 -4.34 2.17 -2.52
CA ARG B 35 -4.80 3.56 -2.42
C ARG B 35 -5.26 3.88 -1.00
N LEU B 36 -5.98 2.95 -0.38
CA LEU B 36 -6.45 3.14 1.00
C LEU B 36 -5.23 3.39 1.90
N MET B 37 -4.26 2.50 1.72
CA MET B 37 -3.01 2.61 2.47
C MET B 37 -2.42 3.99 2.41
N LEU B 38 -2.38 4.56 1.20
CA LEU B 38 -1.79 5.87 0.99
C LEU B 38 -2.58 6.94 1.74
N GLU B 39 -3.87 6.69 1.87
CA GLU B 39 -4.74 7.58 2.64
C GLU B 39 -4.34 7.58 4.12
N TYR B 40 -4.12 6.40 4.71
CA TYR B 40 -3.91 6.30 6.16
C TYR B 40 -2.52 6.85 6.53
N ILE B 41 -1.55 6.71 5.65
CA ILE B 41 -0.22 7.26 5.91
C ILE B 41 -0.27 8.79 5.81
N ALA B 42 -1.05 9.30 4.85
CA ALA B 42 -1.21 10.74 4.69
C ALA B 42 -1.91 11.37 5.90
N ASP B 43 -2.91 10.68 6.44
CA ASP B 43 -3.68 11.15 7.58
C ASP B 43 -2.92 11.03 8.90
N ASN B 44 -2.36 9.85 9.14
CA ASN B 44 -1.75 9.55 10.42
C ASN B 44 -0.28 9.97 10.48
N GLU B 45 0.41 9.91 9.35
CA GLU B 45 1.84 10.26 9.26
C GLU B 45 2.65 9.55 10.34
N ARG B 46 2.43 8.25 10.49
CA ARG B 46 3.14 7.47 11.52
C ARG B 46 3.26 5.99 11.14
N LEU B 47 2.30 5.46 10.37
CA LEU B 47 2.27 4.03 10.02
C LEU B 47 1.91 3.17 11.24
N PRO B 48 1.58 1.89 11.05
CA PRO B 48 1.31 0.96 12.17
C PRO B 48 2.56 0.63 12.97
N PHE B 49 3.73 0.84 12.37
CA PHE B 49 4.99 0.55 13.03
C PHE B 49 6.04 1.60 12.71
N LYS B 50 6.19 1.89 11.41
CA LYS B 50 7.18 2.84 10.89
C LYS B 50 8.57 2.22 10.79
N GLN B 51 8.83 1.23 11.66
CA GLN B 51 10.06 0.46 11.65
C GLN B 51 11.29 1.37 11.77
N THR B 52 11.92 1.65 10.64
CA THR B 52 13.15 2.41 10.57
C THR B 52 13.49 2.70 9.12
N LEU B 53 13.36 1.64 8.32
CA LEU B 53 13.60 1.70 6.88
C LEU B 53 12.32 2.01 6.14
N MET A 4 13.72 -8.95 -5.75
CA MET A 4 12.37 -8.37 -5.54
C MET A 4 11.85 -7.79 -6.83
N GLY A 5 10.52 -7.81 -6.99
CA GLY A 5 9.90 -7.39 -8.22
C GLY A 5 9.17 -6.06 -8.07
N SER A 6 8.84 -5.46 -9.22
CA SER A 6 8.13 -4.19 -9.25
C SER A 6 6.73 -4.37 -9.85
N ILE A 7 5.76 -3.67 -9.28
CA ILE A 7 4.37 -3.68 -9.74
C ILE A 7 3.91 -2.26 -9.99
N ASN A 8 2.81 -2.09 -10.71
CA ASN A 8 2.27 -0.75 -10.99
C ASN A 8 1.05 -0.48 -10.14
N LEU A 9 1.06 0.67 -9.49
CA LEU A 9 -0.05 1.12 -8.65
C LEU A 9 -0.69 2.34 -9.32
N ARG A 10 -2.01 2.53 -9.19
CA ARG A 10 -2.67 3.62 -9.89
C ARG A 10 -3.69 4.26 -8.96
N ILE A 11 -3.46 5.53 -8.60
CA ILE A 11 -4.36 6.26 -7.68
C ILE A 11 -4.48 7.70 -8.11
N ASP A 12 -5.38 8.43 -7.46
CA ASP A 12 -5.50 9.86 -7.67
C ASP A 12 -4.17 10.52 -7.36
N ASP A 13 -3.61 11.23 -8.34
CA ASP A 13 -2.29 11.84 -8.19
C ASP A 13 -2.25 12.78 -6.99
N GLU A 14 -3.38 13.45 -6.75
CA GLU A 14 -3.50 14.38 -5.63
C GLU A 14 -3.36 13.67 -4.29
N LEU A 15 -3.78 12.42 -4.27
CA LEU A 15 -3.73 11.62 -3.05
C LEU A 15 -2.30 11.12 -2.86
N LYS A 16 -1.72 10.66 -3.98
CA LYS A 16 -0.35 10.20 -4.01
C LYS A 16 0.59 11.24 -3.41
N ALA A 17 0.33 12.51 -3.75
CA ALA A 17 1.14 13.61 -3.25
C ALA A 17 1.13 13.68 -1.71
N ARG A 18 -0.06 13.60 -1.11
CA ARG A 18 -0.17 13.70 0.35
C ARG A 18 0.42 12.48 1.03
N SER A 19 0.22 11.31 0.43
CA SER A 19 0.72 10.06 0.99
C SER A 19 2.26 10.09 1.03
N TYR A 20 2.86 10.30 -0.13
CA TYR A 20 4.31 10.37 -0.26
C TYR A 20 4.89 11.46 0.64
N ALA A 21 4.16 12.55 0.76
CA ALA A 21 4.57 13.64 1.65
C ALA A 21 4.67 13.17 3.09
N ALA A 22 3.65 12.44 3.55
CA ALA A 22 3.60 11.94 4.93
C ALA A 22 4.77 11.01 5.23
N LEU A 23 5.00 10.05 4.36
CA LEU A 23 6.02 9.03 4.59
C LEU A 23 7.44 9.63 4.50
N GLU A 24 7.65 10.59 3.60
CA GLU A 24 8.97 11.21 3.45
C GLU A 24 9.28 12.13 4.65
N LYS A 25 8.21 12.53 5.33
CA LYS A 25 8.31 13.32 6.55
C LYS A 25 8.83 12.44 7.69
N MET A 26 8.17 11.31 7.87
CA MET A 26 8.56 10.32 8.90
C MET A 26 9.93 9.75 8.59
N GLY A 27 10.30 9.77 7.32
CA GLY A 27 11.58 9.21 6.89
C GLY A 27 11.47 7.79 6.42
N VAL A 28 10.26 7.38 6.06
CA VAL A 28 9.99 6.05 5.57
C VAL A 28 9.90 6.04 4.04
N THR A 29 10.65 5.15 3.40
CA THR A 29 10.64 5.01 1.96
C THR A 29 9.24 4.57 1.49
N PRO A 30 8.70 5.19 0.42
CA PRO A 30 7.36 4.85 -0.10
C PRO A 30 7.20 3.35 -0.35
N SER A 31 8.15 2.77 -1.07
CA SER A 31 8.14 1.34 -1.37
C SER A 31 8.08 0.50 -0.11
N GLU A 32 8.58 1.05 1.01
CA GLU A 32 8.60 0.35 2.29
C GLU A 32 7.23 0.44 2.94
N ALA A 33 6.64 1.64 3.01
CA ALA A 33 5.32 1.83 3.60
C ALA A 33 4.29 0.92 2.90
N LEU A 34 4.45 0.76 1.61
CA LEU A 34 3.60 -0.12 0.82
C LEU A 34 3.96 -1.59 1.09
N ARG A 35 5.22 -1.85 1.42
CA ARG A 35 5.68 -3.21 1.68
C ARG A 35 4.96 -3.81 2.88
N LEU A 36 4.88 -3.04 3.99
CA LEU A 36 4.21 -3.54 5.20
C LEU A 36 2.71 -3.66 4.96
N MET A 37 2.18 -2.82 4.07
CA MET A 37 0.79 -2.94 3.68
C MET A 37 0.52 -4.32 3.09
N LEU A 38 1.39 -4.75 2.18
CA LEU A 38 1.22 -6.02 1.50
C LEU A 38 1.30 -7.16 2.53
N GLU A 39 2.06 -6.91 3.60
CA GLU A 39 2.16 -7.85 4.69
C GLU A 39 0.82 -8.00 5.41
N TYR A 40 0.18 -6.87 5.77
CA TYR A 40 -1.04 -6.92 6.59
C TYR A 40 -2.21 -7.48 5.80
N ILE A 41 -2.30 -7.18 4.50
CA ILE A 41 -3.38 -7.71 3.68
C ILE A 41 -3.23 -9.23 3.52
N ALA A 42 -2.01 -9.69 3.33
CA ALA A 42 -1.74 -11.11 3.19
C ALA A 42 -2.04 -11.86 4.49
N ASP A 43 -1.71 -11.23 5.61
CA ASP A 43 -1.84 -11.83 6.93
C ASP A 43 -3.28 -11.85 7.40
N ASN A 44 -4.02 -10.77 7.11
CA ASN A 44 -5.38 -10.59 7.63
C ASN A 44 -6.44 -10.93 6.60
N GLU A 45 -6.12 -10.65 5.33
CA GLU A 45 -7.02 -10.93 4.23
C GLU A 45 -8.40 -10.31 4.46
N ARG A 46 -8.42 -9.05 4.91
CA ARG A 46 -9.69 -8.39 5.23
C ARG A 46 -9.71 -6.90 4.84
N LEU A 47 -8.60 -6.19 5.14
CA LEU A 47 -8.49 -4.74 4.90
C LEU A 47 -9.41 -3.94 5.85
N PRO A 48 -8.93 -2.79 6.37
CA PRO A 48 -9.71 -1.94 7.25
C PRO A 48 -10.83 -1.20 6.49
N PHE A 49 -10.45 -0.59 5.36
CA PHE A 49 -11.36 0.22 4.57
C PHE A 49 -11.25 -0.13 3.09
N LYS A 50 -11.70 -1.33 2.73
CA LYS A 50 -11.59 -1.84 1.36
C LYS A 50 -12.70 -1.24 0.46
N GLN A 51 -12.85 0.07 0.54
CA GLN A 51 -13.78 0.81 -0.32
C GLN A 51 -13.38 0.73 -1.79
N THR A 52 -14.32 1.04 -2.66
CA THR A 52 -14.02 1.30 -4.04
C THR A 52 -13.84 2.80 -4.19
N LEU A 53 -14.77 3.53 -3.57
CA LEU A 53 -14.72 4.97 -3.43
C LEU A 53 -16.02 5.45 -2.80
N MET B 4 -5.73 9.97 -12.94
CA MET B 4 -4.95 9.29 -11.88
C MET B 4 -3.63 8.82 -12.43
N GLY B 5 -2.60 8.79 -11.59
CA GLY B 5 -1.26 8.45 -12.03
C GLY B 5 -0.82 7.09 -11.54
N SER B 6 0.24 6.59 -12.14
CA SER B 6 0.81 5.31 -11.78
C SER B 6 2.21 5.47 -11.17
N ILE B 7 2.49 4.65 -10.15
CA ILE B 7 3.78 4.65 -9.47
C ILE B 7 4.35 3.25 -9.46
N ASN B 8 5.64 3.10 -9.18
CA ASN B 8 6.24 1.77 -9.12
C ASN B 8 6.48 1.36 -7.68
N LEU B 9 6.07 0.14 -7.37
CA LEU B 9 6.23 -0.44 -6.04
C LEU B 9 7.21 -1.60 -6.15
N ARG B 10 8.04 -1.87 -5.14
CA ARG B 10 9.05 -2.91 -5.24
C ARG B 10 9.08 -3.69 -3.93
N ILE B 11 8.74 -4.97 -3.97
CA ILE B 11 8.72 -5.82 -2.77
C ILE B 11 9.17 -7.23 -3.13
N ASP B 12 9.35 -8.06 -2.11
CA ASP B 12 9.65 -9.46 -2.32
C ASP B 12 8.53 -10.09 -3.14
N ASP B 13 8.88 -10.68 -4.28
CA ASP B 13 7.86 -11.23 -5.19
C ASP B 13 7.01 -12.28 -4.48
N GLU B 14 7.63 -13.01 -3.54
CA GLU B 14 6.96 -14.07 -2.81
C GLU B 14 5.86 -13.48 -1.93
N LEU B 15 6.09 -12.25 -1.46
CA LEU B 15 5.14 -11.58 -0.61
C LEU B 15 4.02 -11.04 -1.45
N LYS B 16 4.40 -10.43 -2.57
CA LYS B 16 3.46 -9.91 -3.55
C LYS B 16 2.42 -10.98 -3.92
N ALA B 17 2.88 -12.21 -4.09
CA ALA B 17 2.00 -13.32 -4.44
C ALA B 17 0.91 -13.53 -3.39
N ARG B 18 1.30 -13.57 -2.13
CA ARG B 18 0.33 -13.82 -1.04
C ARG B 18 -0.64 -12.63 -0.88
N SER B 19 -0.10 -11.42 -1.01
CA SER B 19 -0.90 -10.21 -0.89
C SER B 19 -2.00 -10.16 -1.95
N TYR B 20 -1.57 -10.26 -3.21
CA TYR B 20 -2.47 -10.22 -4.35
C TYR B 20 -3.46 -11.37 -4.25
N ALA B 21 -3.02 -12.52 -3.76
CA ALA B 21 -3.90 -13.68 -3.56
C ALA B 21 -5.02 -13.33 -2.60
N ALA B 22 -4.67 -12.69 -1.48
CA ALA B 22 -5.65 -12.33 -0.46
C ALA B 22 -6.73 -11.39 -0.99
N LEU B 23 -6.29 -10.33 -1.64
CA LEU B 23 -7.21 -9.29 -2.12
C LEU B 23 -8.09 -9.81 -3.27
N GLU B 24 -7.55 -10.67 -4.14
CA GLU B 24 -8.34 -11.22 -5.25
C GLU B 24 -9.36 -12.23 -4.75
N LYS B 25 -9.10 -12.76 -3.55
CA LYS B 25 -10.03 -13.66 -2.87
C LYS B 25 -11.25 -12.85 -2.38
N MET B 26 -10.96 -11.78 -1.65
CA MET B 26 -12.01 -10.89 -1.14
C MET B 26 -12.76 -10.21 -2.27
N GLY B 27 -12.10 -10.10 -3.42
CA GLY B 27 -12.70 -9.47 -4.57
C GLY B 27 -12.35 -7.98 -4.66
N VAL B 28 -11.26 -7.63 -3.99
CA VAL B 28 -10.76 -6.23 -4.00
C VAL B 28 -9.62 -6.10 -4.99
N THR B 29 -9.69 -5.12 -5.89
CA THR B 29 -8.65 -4.84 -6.84
C THR B 29 -7.36 -4.41 -6.12
N PRO B 30 -6.20 -4.94 -6.53
CA PRO B 30 -4.92 -4.62 -5.88
C PRO B 30 -4.68 -3.11 -5.78
N SER B 31 -4.86 -2.41 -6.91
CA SER B 31 -4.66 -0.97 -6.96
C SER B 31 -5.57 -0.26 -5.95
N GLU B 32 -6.70 -0.89 -5.61
CA GLU B 32 -7.66 -0.32 -4.68
C GLU B 32 -7.19 -0.54 -3.24
N ALA B 33 -6.79 -1.76 -2.90
CA ALA B 33 -6.27 -2.05 -1.55
C ALA B 33 -5.10 -1.16 -1.21
N LEU B 34 -4.30 -0.84 -2.21
CA LEU B 34 -3.16 0.06 -2.05
C LEU B 34 -3.65 1.51 -1.95
N ARG B 35 -4.77 1.79 -2.61
CA ARG B 35 -5.35 3.14 -2.63
C ARG B 35 -5.72 3.58 -1.21
N LEU B 36 -6.44 2.72 -0.48
CA LEU B 36 -6.86 3.06 0.87
C LEU B 36 -5.66 3.13 1.81
N MET B 37 -4.62 2.37 1.48
CA MET B 37 -3.38 2.45 2.25
C MET B 37 -2.80 3.86 2.16
N LEU B 38 -2.79 4.41 0.95
CA LEU B 38 -2.22 5.74 0.75
C LEU B 38 -3.07 6.77 1.50
N GLU B 39 -4.35 6.45 1.67
CA GLU B 39 -5.24 7.27 2.44
C GLU B 39 -4.85 7.29 3.92
N TYR B 40 -4.62 6.12 4.52
CA TYR B 40 -4.38 6.04 5.95
C TYR B 40 -3.01 6.64 6.31
N ILE B 41 -2.00 6.44 5.46
CA ILE B 41 -0.67 6.99 5.73
C ILE B 41 -0.72 8.52 5.66
N ALA B 42 -1.46 9.06 4.69
CA ALA B 42 -1.60 10.51 4.56
C ALA B 42 -2.36 11.11 5.73
N ASP B 43 -3.37 10.38 6.19
CA ASP B 43 -4.25 10.83 7.27
C ASP B 43 -3.58 10.73 8.64
N ASN B 44 -2.81 9.67 8.86
CA ASN B 44 -2.25 9.38 10.18
C ASN B 44 -0.78 9.76 10.28
N GLU B 45 -0.03 9.67 9.17
CA GLU B 45 1.38 10.04 9.15
C GLU B 45 2.15 9.30 10.26
N ARG B 46 1.85 8.00 10.45
CA ARG B 46 2.41 7.25 11.57
C ARG B 46 2.61 5.78 11.20
N LEU B 47 1.73 5.22 10.35
CA LEU B 47 1.82 3.82 9.95
C LEU B 47 1.53 2.89 11.16
N PRO B 48 1.08 1.66 10.89
CA PRO B 48 0.77 0.69 11.96
C PRO B 48 2.00 -0.09 12.46
N PHE B 49 3.10 -0.01 11.71
CA PHE B 49 4.32 -0.78 12.02
C PHE B 49 5.56 0.04 11.64
N LYS B 50 5.45 0.75 10.53
CA LYS B 50 6.57 1.47 9.95
C LYS B 50 7.63 0.49 9.49
N GLN B 51 8.55 0.19 10.41
CA GLN B 51 9.77 -0.58 10.14
C GLN B 51 10.83 -0.12 11.12
N THR B 52 12.02 -0.65 10.97
CA THR B 52 13.20 -0.13 11.63
C THR B 52 14.38 -0.15 10.68
N LEU B 53 14.09 -0.37 9.39
CA LEU B 53 15.11 -0.47 8.36
C LEU B 53 15.98 -1.70 8.61
N MET A 4 12.85 -10.21 -6.01
CA MET A 4 11.98 -9.01 -5.93
C MET A 4 11.50 -8.61 -7.31
N GLY A 5 10.35 -7.98 -7.35
CA GLY A 5 9.77 -7.51 -8.60
C GLY A 5 9.05 -6.18 -8.42
N SER A 6 8.73 -5.54 -9.53
CA SER A 6 8.08 -4.25 -9.52
C SER A 6 6.67 -4.33 -10.09
N ILE A 7 5.75 -3.59 -9.50
CA ILE A 7 4.36 -3.57 -9.94
C ILE A 7 3.90 -2.13 -10.13
N ASN A 8 2.77 -1.94 -10.82
CA ASN A 8 2.27 -0.60 -11.11
C ASN A 8 1.11 -0.25 -10.17
N LEU A 9 1.20 0.93 -9.57
CA LEU A 9 0.14 1.46 -8.72
C LEU A 9 -0.46 2.68 -9.40
N ARG A 10 -1.77 2.88 -9.27
CA ARG A 10 -2.48 3.94 -10.01
C ARG A 10 -3.47 4.63 -9.07
N ILE A 11 -3.20 5.88 -8.72
CA ILE A 11 -4.11 6.66 -7.85
C ILE A 11 -4.18 8.09 -8.32
N ASP A 12 -5.04 8.86 -7.71
CA ASP A 12 -5.13 10.28 -7.97
C ASP A 12 -3.87 10.98 -7.50
N ASP A 13 -3.32 11.87 -8.32
CA ASP A 13 -2.08 12.56 -8.02
C ASP A 13 -2.21 13.33 -6.70
N GLU A 14 -3.42 13.78 -6.40
CA GLU A 14 -3.70 14.54 -5.19
C GLU A 14 -3.48 13.70 -3.94
N LEU A 15 -3.76 12.40 -4.06
CA LEU A 15 -3.66 11.49 -2.94
C LEU A 15 -2.22 11.05 -2.79
N LYS A 16 -1.60 10.79 -3.94
CA LYS A 16 -0.18 10.48 -4.03
C LYS A 16 0.64 11.51 -3.25
N ALA A 17 0.43 12.78 -3.56
CA ALA A 17 1.17 13.86 -2.95
C ALA A 17 1.13 13.80 -1.42
N ARG A 18 -0.08 13.70 -0.87
CA ARG A 18 -0.27 13.70 0.58
C ARG A 18 0.38 12.48 1.25
N SER A 19 0.10 11.31 0.72
CA SER A 19 0.62 10.07 1.28
C SER A 19 2.15 10.05 1.29
N TYR A 20 2.73 10.34 0.14
CA TYR A 20 4.17 10.42 0.00
C TYR A 20 4.76 11.45 0.95
N ALA A 21 4.05 12.55 1.14
CA ALA A 21 4.48 13.62 2.05
C ALA A 21 4.59 13.08 3.49
N ALA A 22 3.58 12.32 3.90
CA ALA A 22 3.52 11.75 5.25
C ALA A 22 4.66 10.76 5.50
N LEU A 23 4.93 9.89 4.52
CA LEU A 23 5.92 8.84 4.71
C LEU A 23 7.35 9.39 4.62
N GLU A 24 7.57 10.39 3.77
CA GLU A 24 8.90 11.02 3.68
C GLU A 24 9.15 11.89 4.92
N LYS A 25 8.06 12.31 5.54
CA LYS A 25 8.12 13.05 6.80
C LYS A 25 8.72 12.16 7.88
N MET A 26 8.18 10.94 7.95
CA MET A 26 8.66 9.92 8.87
C MET A 26 10.02 9.36 8.42
N GLY A 27 10.37 9.62 7.16
CA GLY A 27 11.66 9.22 6.63
C GLY A 27 11.65 7.84 6.02
N VAL A 28 10.46 7.29 5.78
CA VAL A 28 10.33 5.97 5.20
C VAL A 28 10.16 6.07 3.68
N THR A 29 10.67 5.08 2.94
CA THR A 29 10.52 5.06 1.49
C THR A 29 9.09 4.65 1.11
N PRO A 30 8.51 5.28 0.06
CA PRO A 30 7.17 4.91 -0.43
C PRO A 30 7.05 3.40 -0.62
N SER A 31 8.00 2.83 -1.36
CA SER A 31 8.05 1.40 -1.65
C SER A 31 8.07 0.58 -0.35
N GLU A 32 8.64 1.16 0.71
CA GLU A 32 8.73 0.47 2.00
C GLU A 32 7.37 0.51 2.71
N ALA A 33 6.74 1.69 2.75
CA ALA A 33 5.42 1.84 3.34
C ALA A 33 4.41 0.93 2.63
N LEU A 34 4.53 0.84 1.33
CA LEU A 34 3.68 -0.01 0.50
C LEU A 34 3.98 -1.48 0.78
N ARG A 35 5.24 -1.77 1.10
CA ARG A 35 5.68 -3.13 1.44
C ARG A 35 4.96 -3.62 2.69
N LEU A 36 5.00 -2.81 3.76
CA LEU A 36 4.40 -3.20 5.03
C LEU A 36 2.89 -3.32 4.89
N MET A 37 2.35 -2.58 3.91
CA MET A 37 0.94 -2.69 3.59
C MET A 37 0.63 -4.08 3.06
N LEU A 38 1.46 -4.53 2.12
CA LEU A 38 1.28 -5.84 1.50
C LEU A 38 1.38 -6.92 2.56
N GLU A 39 2.15 -6.64 3.60
CA GLU A 39 2.27 -7.55 4.72
C GLU A 39 0.97 -7.64 5.49
N TYR A 40 0.37 -6.50 5.85
CA TYR A 40 -0.82 -6.51 6.70
C TYR A 40 -2.03 -7.08 5.96
N ILE A 41 -2.09 -6.87 4.64
CA ILE A 41 -3.22 -7.43 3.86
C ILE A 41 -3.07 -8.94 3.73
N ALA A 42 -1.87 -9.41 3.47
CA ALA A 42 -1.61 -10.85 3.37
C ALA A 42 -1.91 -11.56 4.70
N ASP A 43 -1.59 -10.86 5.80
CA ASP A 43 -1.77 -11.40 7.14
C ASP A 43 -3.24 -11.40 7.59
N ASN A 44 -3.90 -10.24 7.47
CA ASN A 44 -5.25 -10.06 8.00
C ASN A 44 -6.32 -10.43 6.99
N GLU A 45 -6.04 -10.19 5.70
CA GLU A 45 -7.01 -10.46 4.64
C GLU A 45 -8.33 -9.73 4.88
N ARG A 46 -8.26 -8.44 5.26
CA ARG A 46 -9.47 -7.69 5.60
C ARG A 46 -9.40 -6.23 5.14
N LEU A 47 -8.25 -5.58 5.29
CA LEU A 47 -8.08 -4.15 4.92
C LEU A 47 -8.93 -3.24 5.83
N PRO A 48 -8.47 -2.01 6.08
CA PRO A 48 -9.25 -1.02 6.86
C PRO A 48 -10.53 -0.58 6.14
N PHE A 49 -10.36 -0.18 4.88
CA PHE A 49 -11.48 0.32 4.06
C PHE A 49 -12.12 -0.81 3.26
N LYS A 50 -11.30 -1.47 2.43
CA LYS A 50 -11.74 -2.56 1.54
C LYS A 50 -13.01 -2.20 0.76
N GLN A 51 -13.18 -0.92 0.51
CA GLN A 51 -14.37 -0.38 -0.13
C GLN A 51 -14.57 -0.95 -1.53
N THR A 52 -15.81 -0.99 -1.97
CA THR A 52 -16.16 -1.36 -3.31
C THR A 52 -16.91 -0.23 -3.98
N LEU A 53 -16.83 0.94 -3.36
CA LEU A 53 -17.55 2.14 -3.80
C LEU A 53 -19.06 1.92 -3.62
N MET B 4 -4.87 11.26 -12.50
CA MET B 4 -4.26 10.03 -11.91
C MET B 4 -2.91 9.75 -12.53
N GLY B 5 -2.05 9.09 -11.75
CA GLY B 5 -0.75 8.70 -12.24
C GLY B 5 -0.34 7.34 -11.74
N SER B 6 0.74 6.80 -12.30
CA SER B 6 1.23 5.48 -11.93
C SER B 6 2.62 5.58 -11.31
N ILE B 7 2.85 4.74 -10.31
CA ILE B 7 4.13 4.71 -9.59
C ILE B 7 4.64 3.27 -9.53
N ASN B 8 5.90 3.10 -9.20
CA ASN B 8 6.54 1.78 -9.14
C ASN B 8 6.68 1.32 -7.70
N LEU B 9 6.22 0.10 -7.45
CA LEU B 9 6.32 -0.54 -6.13
C LEU B 9 7.31 -1.72 -6.27
N ARG B 10 8.14 -1.98 -5.26
CA ARG B 10 9.17 -2.99 -5.36
C ARG B 10 9.23 -3.80 -4.06
N ILE B 11 8.84 -5.07 -4.13
CA ILE B 11 8.86 -5.95 -2.94
C ILE B 11 9.31 -7.34 -3.32
N ASP B 12 9.50 -8.20 -2.34
CA ASP B 12 9.83 -9.60 -2.60
C ASP B 12 8.63 -10.28 -3.26
N ASP B 13 8.89 -11.06 -4.29
CA ASP B 13 7.83 -11.75 -5.04
C ASP B 13 7.00 -12.63 -4.11
N GLU B 14 7.64 -13.15 -3.06
CA GLU B 14 6.99 -14.04 -2.12
C GLU B 14 5.91 -13.28 -1.35
N LEU B 15 6.12 -12.00 -1.10
CA LEU B 15 5.20 -11.19 -0.32
C LEU B 15 4.07 -10.71 -1.24
N LYS B 16 4.48 -10.34 -2.45
CA LYS B 16 3.55 -9.97 -3.49
C LYS B 16 2.47 -11.02 -3.65
N ALA B 17 2.90 -12.28 -3.78
CA ALA B 17 2.00 -13.37 -4.05
C ALA B 17 0.91 -13.46 -2.95
N ARG B 18 1.35 -13.46 -1.69
CA ARG B 18 0.42 -13.61 -0.57
C ARG B 18 -0.56 -12.43 -0.48
N SER B 19 -0.04 -11.21 -0.54
CA SER B 19 -0.84 -10.00 -0.40
C SER B 19 -1.90 -9.94 -1.51
N TYR B 20 -1.46 -10.10 -2.75
CA TYR B 20 -2.35 -10.12 -3.90
C TYR B 20 -3.40 -11.22 -3.76
N ALA B 21 -3.00 -12.35 -3.21
CA ALA B 21 -3.92 -13.47 -3.01
C ALA B 21 -5.06 -13.05 -2.06
N ALA B 22 -4.70 -12.38 -0.98
CA ALA B 22 -5.64 -11.94 0.03
C ALA B 22 -6.66 -10.94 -0.53
N LEU B 23 -6.18 -9.98 -1.30
CA LEU B 23 -7.04 -8.91 -1.81
C LEU B 23 -7.94 -9.40 -2.95
N GLU B 24 -7.44 -10.32 -3.78
CA GLU B 24 -8.25 -10.88 -4.86
C GLU B 24 -9.28 -11.85 -4.27
N LYS B 25 -8.96 -12.37 -3.09
CA LYS B 25 -9.87 -13.22 -2.35
C LYS B 25 -11.12 -12.41 -1.95
N MET B 26 -10.85 -11.22 -1.42
CA MET B 26 -11.88 -10.25 -1.02
C MET B 26 -12.51 -9.62 -2.28
N GLY B 27 -11.83 -9.76 -3.41
CA GLY B 27 -12.35 -9.27 -4.68
C GLY B 27 -11.97 -7.83 -4.98
N VAL B 28 -11.01 -7.30 -4.24
CA VAL B 28 -10.55 -5.94 -4.43
C VAL B 28 -9.32 -5.92 -5.34
N THR B 29 -9.18 -4.85 -6.12
CA THR B 29 -8.03 -4.70 -6.99
C THR B 29 -6.79 -4.31 -6.19
N PRO B 30 -5.59 -4.87 -6.53
CA PRO B 30 -4.33 -4.48 -5.88
C PRO B 30 -4.18 -2.97 -5.80
N SER B 31 -4.31 -2.31 -6.94
CA SER B 31 -4.20 -0.87 -7.04
C SER B 31 -5.20 -0.17 -6.11
N GLU B 32 -6.32 -0.81 -5.83
CA GLU B 32 -7.34 -0.25 -4.96
C GLU B 32 -6.92 -0.39 -3.50
N ALA B 33 -6.48 -1.57 -3.12
CA ALA B 33 -5.98 -1.83 -1.76
C ALA B 33 -4.82 -0.90 -1.43
N LEU B 34 -3.96 -0.69 -2.42
CA LEU B 34 -2.81 0.20 -2.27
C LEU B 34 -3.29 1.66 -2.19
N ARG B 35 -4.39 1.96 -2.86
CA ARG B 35 -4.99 3.29 -2.82
C ARG B 35 -5.43 3.64 -1.40
N LEU B 36 -6.20 2.75 -0.76
CA LEU B 36 -6.73 3.01 0.57
C LEU B 36 -5.59 3.07 1.58
N MET B 37 -4.50 2.42 1.24
CA MET B 37 -3.29 2.48 2.05
C MET B 37 -2.74 3.92 2.03
N LEU B 38 -2.66 4.47 0.82
CA LEU B 38 -2.14 5.81 0.65
C LEU B 38 -3.02 6.80 1.41
N GLU B 39 -4.30 6.45 1.53
CA GLU B 39 -5.23 7.27 2.29
C GLU B 39 -4.88 7.24 3.78
N TYR B 40 -4.68 6.05 4.36
CA TYR B 40 -4.47 5.97 5.79
C TYR B 40 -3.11 6.55 6.21
N ILE B 41 -2.13 6.47 5.33
CA ILE B 41 -0.82 7.03 5.66
C ILE B 41 -0.88 8.56 5.62
N ALA B 42 -1.55 9.09 4.62
CA ALA B 42 -1.70 10.54 4.49
C ALA B 42 -2.48 11.10 5.68
N ASP B 43 -3.48 10.33 6.12
CA ASP B 43 -4.34 10.74 7.21
C ASP B 43 -3.66 10.64 8.58
N ASN B 44 -3.10 9.48 8.88
CA ASN B 44 -2.53 9.19 10.20
C ASN B 44 -1.08 9.65 10.32
N GLU B 45 -0.37 9.60 9.18
CA GLU B 45 1.05 9.99 9.12
C GLU B 45 1.88 9.26 10.19
N ARG B 46 1.69 7.95 10.29
CA ARG B 46 2.43 7.15 11.27
C ARG B 46 2.64 5.69 10.87
N LEU B 47 1.73 5.16 10.04
CA LEU B 47 1.75 3.75 9.65
C LEU B 47 1.47 2.83 10.83
N PRO B 48 1.03 1.57 10.60
CA PRO B 48 0.69 0.63 11.67
C PRO B 48 1.93 -0.04 12.28
N PHE B 49 3.05 -0.05 11.56
CA PHE B 49 4.27 -0.75 11.99
C PHE B 49 5.50 0.05 11.63
N LYS B 50 5.63 0.43 10.35
CA LYS B 50 6.80 1.12 9.79
C LYS B 50 7.96 0.13 9.59
N GLN B 51 7.71 -1.17 9.81
CA GLN B 51 8.72 -2.23 9.64
C GLN B 51 9.90 -1.99 10.57
N THR B 52 11.00 -2.68 10.29
CA THR B 52 12.26 -2.42 10.96
C THR B 52 13.35 -2.24 9.90
N LEU B 53 12.92 -1.77 8.73
CA LEU B 53 13.80 -1.53 7.58
C LEU B 53 14.38 -2.85 7.06
N MET A 4 13.03 -9.77 -5.50
CA MET A 4 12.07 -8.64 -5.41
C MET A 4 11.59 -8.24 -6.78
N GLY A 5 10.28 -8.06 -6.93
CA GLY A 5 9.70 -7.66 -8.18
C GLY A 5 9.06 -6.30 -8.06
N SER A 6 8.85 -5.67 -9.21
CA SER A 6 8.22 -4.35 -9.27
C SER A 6 6.85 -4.43 -9.97
N ILE A 7 5.90 -3.66 -9.46
CA ILE A 7 4.56 -3.58 -10.01
C ILE A 7 4.15 -2.13 -10.21
N ASN A 8 3.04 -1.93 -10.89
CA ASN A 8 2.52 -0.58 -11.15
C ASN A 8 1.30 -0.32 -10.26
N LEU A 9 1.31 0.82 -9.61
CA LEU A 9 0.21 1.27 -8.75
C LEU A 9 -0.42 2.51 -9.41
N ARG A 10 -1.74 2.71 -9.30
CA ARG A 10 -2.40 3.83 -9.96
C ARG A 10 -3.40 4.44 -9.00
N ILE A 11 -3.23 5.71 -8.66
CA ILE A 11 -4.15 6.40 -7.73
C ILE A 11 -4.31 7.85 -8.13
N ASP A 12 -5.24 8.55 -7.49
CA ASP A 12 -5.41 9.96 -7.69
C ASP A 12 -4.13 10.69 -7.32
N ASP A 13 -3.64 11.53 -8.25
CA ASP A 13 -2.39 12.26 -8.06
C ASP A 13 -2.44 13.06 -6.75
N GLU A 14 -3.61 13.60 -6.46
CA GLU A 14 -3.79 14.40 -5.27
C GLU A 14 -3.52 13.58 -4.01
N LEU A 15 -3.88 12.31 -4.03
CA LEU A 15 -3.76 11.47 -2.87
C LEU A 15 -2.31 11.04 -2.69
N LYS A 16 -1.69 10.74 -3.83
CA LYS A 16 -0.28 10.34 -3.84
C LYS A 16 0.57 11.41 -3.17
N ALA A 17 0.24 12.67 -3.40
CA ALA A 17 0.96 13.78 -2.81
C ALA A 17 0.92 13.74 -1.28
N ARG A 18 -0.29 13.65 -0.71
CA ARG A 18 -0.43 13.70 0.74
C ARG A 18 0.20 12.48 1.41
N SER A 19 -0.07 11.29 0.87
CA SER A 19 0.47 10.04 1.41
C SER A 19 1.98 10.04 1.40
N TYR A 20 2.56 10.28 0.22
CA TYR A 20 4.02 10.34 0.07
C TYR A 20 4.63 11.38 1.02
N ALA A 21 3.93 12.52 1.14
CA ALA A 21 4.41 13.60 2.02
C ALA A 21 4.48 13.14 3.48
N ALA A 22 3.46 12.40 3.90
CA ALA A 22 3.36 11.92 5.28
C ALA A 22 4.46 10.91 5.60
N LEU A 23 4.75 10.02 4.66
CA LEU A 23 5.70 8.94 4.91
C LEU A 23 7.14 9.45 4.83
N GLU A 24 7.40 10.40 3.93
CA GLU A 24 8.73 11.00 3.84
C GLU A 24 8.98 11.89 5.05
N LYS A 25 7.89 12.33 5.64
CA LYS A 25 7.93 13.14 6.86
C LYS A 25 8.48 12.29 8.00
N MET A 26 7.83 11.14 8.21
CA MET A 26 8.29 10.18 9.21
C MET A 26 9.68 9.66 8.85
N GLY A 27 10.03 9.73 7.57
CA GLY A 27 11.36 9.33 7.12
C GLY A 27 11.36 7.96 6.50
N VAL A 28 10.17 7.40 6.28
CA VAL A 28 10.06 6.06 5.70
C VAL A 28 9.82 6.13 4.19
N THR A 29 10.46 5.22 3.46
CA THR A 29 10.38 5.20 2.01
C THR A 29 8.99 4.73 1.56
N PRO A 30 8.42 5.34 0.49
CA PRO A 30 7.08 4.95 -0.03
C PRO A 30 6.98 3.46 -0.30
N SER A 31 7.98 2.90 -0.98
CA SER A 31 8.04 1.49 -1.28
C SER A 31 7.99 0.65 -0.01
N GLU A 32 8.51 1.20 1.09
CA GLU A 32 8.52 0.53 2.36
C GLU A 32 7.14 0.57 3.02
N ALA A 33 6.50 1.73 3.01
CA ALA A 33 5.15 1.87 3.53
C ALA A 33 4.17 0.94 2.82
N LEU A 34 4.38 0.75 1.52
CA LEU A 34 3.56 -0.14 0.73
C LEU A 34 3.97 -1.60 0.99
N ARG A 35 5.24 -1.81 1.35
CA ARG A 35 5.77 -3.14 1.64
C ARG A 35 5.08 -3.71 2.89
N LEU A 36 5.01 -2.91 3.97
CA LEU A 36 4.36 -3.34 5.19
C LEU A 36 2.86 -3.48 4.99
N MET A 37 2.31 -2.74 4.03
CA MET A 37 0.89 -2.84 3.70
C MET A 37 0.57 -4.23 3.18
N LEU A 38 1.42 -4.73 2.30
CA LEU A 38 1.24 -6.07 1.70
C LEU A 38 1.29 -7.12 2.80
N GLU A 39 1.99 -6.81 3.88
CA GLU A 39 2.03 -7.68 5.04
C GLU A 39 0.65 -7.77 5.70
N TYR A 40 0.06 -6.63 6.03
CA TYR A 40 -1.19 -6.61 6.83
C TYR A 40 -2.38 -7.12 6.03
N ILE A 41 -2.34 -6.99 4.72
CA ILE A 41 -3.42 -7.51 3.89
C ILE A 41 -3.37 -9.04 3.82
N ALA A 42 -2.16 -9.58 3.66
CA ALA A 42 -1.99 -11.05 3.61
C ALA A 42 -2.30 -11.68 4.97
N ASP A 43 -2.01 -10.94 6.04
CA ASP A 43 -2.19 -11.42 7.40
C ASP A 43 -3.66 -11.28 7.86
N ASN A 44 -4.24 -10.10 7.62
CA ASN A 44 -5.57 -9.78 8.15
C ASN A 44 -6.66 -10.23 7.15
N GLU A 45 -6.37 -10.11 5.86
CA GLU A 45 -7.33 -10.44 4.79
C GLU A 45 -8.67 -9.70 4.99
N ARG A 46 -8.61 -8.41 5.29
CA ARG A 46 -9.82 -7.60 5.49
C ARG A 46 -9.68 -6.18 4.96
N LEU A 47 -8.51 -5.56 5.14
CA LEU A 47 -8.24 -4.16 4.77
C LEU A 47 -9.06 -3.20 5.65
N PRO A 48 -8.49 -2.03 5.97
CA PRO A 48 -9.17 -1.03 6.82
C PRO A 48 -10.42 -0.47 6.13
N PHE A 49 -10.29 -0.10 4.84
CA PHE A 49 -11.40 0.46 4.10
C PHE A 49 -11.32 0.00 2.66
N LYS A 50 -11.88 -1.17 2.35
CA LYS A 50 -11.78 -1.70 1.00
C LYS A 50 -12.93 -1.23 0.12
N GLN A 51 -12.87 0.02 -0.25
CA GLN A 51 -13.81 0.63 -1.20
C GLN A 51 -13.20 0.64 -2.58
N THR A 52 -14.04 0.63 -3.61
CA THR A 52 -13.65 1.13 -4.91
C THR A 52 -13.64 2.66 -4.85
N LEU A 53 -14.81 3.19 -4.50
CA LEU A 53 -15.03 4.63 -4.25
C LEU A 53 -16.38 4.81 -3.56
N MET B 4 -5.14 10.66 -12.34
CA MET B 4 -4.51 9.49 -11.70
C MET B 4 -3.16 9.20 -12.32
N GLY B 5 -2.16 9.00 -11.45
CA GLY B 5 -0.82 8.69 -11.90
C GLY B 5 -0.42 7.30 -11.47
N SER B 6 0.60 6.78 -12.14
CA SER B 6 1.13 5.45 -11.83
C SER B 6 2.55 5.55 -11.29
N ILE B 7 2.85 4.69 -10.32
CA ILE B 7 4.17 4.62 -9.71
C ILE B 7 4.66 3.18 -9.68
N ASN B 8 5.93 2.99 -9.33
CA ASN B 8 6.50 1.66 -9.23
C ASN B 8 6.68 1.27 -7.78
N LEU B 9 6.25 0.06 -7.45
CA LEU B 9 6.38 -0.49 -6.11
C LEU B 9 7.35 -1.70 -6.20
N ARG B 10 8.16 -1.95 -5.18
CA ARG B 10 9.15 -3.04 -5.23
C ARG B 10 9.12 -3.77 -3.89
N ILE B 11 8.83 -5.06 -3.91
CA ILE B 11 8.78 -5.88 -2.68
C ILE B 11 9.26 -7.29 -2.96
N ASP B 12 9.41 -8.08 -1.91
CA ASP B 12 9.78 -9.47 -2.05
C ASP B 12 8.68 -10.19 -2.83
N ASP B 13 9.07 -10.91 -3.88
CA ASP B 13 8.11 -11.61 -4.74
C ASP B 13 7.23 -12.53 -3.92
N GLU B 14 7.81 -13.15 -2.89
CA GLU B 14 7.08 -14.08 -2.05
C GLU B 14 5.93 -13.37 -1.34
N LEU B 15 6.14 -12.11 -0.95
CA LEU B 15 5.17 -11.37 -0.20
C LEU B 15 4.05 -10.91 -1.13
N LYS B 16 4.44 -10.45 -2.30
CA LYS B 16 3.49 -10.01 -3.32
C LYS B 16 2.47 -11.12 -3.59
N ALA B 17 2.93 -12.35 -3.63
CA ALA B 17 2.06 -13.49 -3.88
C ALA B 17 0.95 -13.59 -2.83
N ARG B 18 1.33 -13.60 -1.56
CA ARG B 18 0.36 -13.80 -0.45
C ARG B 18 -0.62 -12.63 -0.38
N SER B 19 -0.08 -11.41 -0.44
CA SER B 19 -0.90 -10.21 -0.34
C SER B 19 -1.92 -10.14 -1.47
N TYR B 20 -1.43 -10.25 -2.72
CA TYR B 20 -2.30 -10.23 -3.89
C TYR B 20 -3.35 -11.34 -3.81
N ALA B 21 -2.94 -12.50 -3.31
CA ALA B 21 -3.83 -13.66 -3.19
C ALA B 21 -4.99 -13.33 -2.23
N ALA B 22 -4.65 -12.70 -1.10
CA ALA B 22 -5.62 -12.33 -0.09
C ALA B 22 -6.64 -11.32 -0.59
N LEU B 23 -6.18 -10.33 -1.34
CA LEU B 23 -7.05 -9.24 -1.79
C LEU B 23 -7.94 -9.68 -2.94
N GLU B 24 -7.42 -10.53 -3.84
CA GLU B 24 -8.22 -11.06 -4.94
C GLU B 24 -9.24 -12.06 -4.39
N LYS B 25 -8.92 -12.61 -3.22
CA LYS B 25 -9.81 -13.53 -2.53
C LYS B 25 -11.05 -12.77 -2.09
N MET B 26 -10.83 -11.67 -1.37
CA MET B 26 -11.92 -10.78 -0.95
C MET B 26 -12.61 -10.18 -2.17
N GLY B 27 -11.89 -10.12 -3.29
CA GLY B 27 -12.46 -9.63 -4.53
C GLY B 27 -12.08 -8.19 -4.82
N VAL B 28 -11.15 -7.67 -4.06
CA VAL B 28 -10.70 -6.28 -4.21
C VAL B 28 -9.43 -6.23 -5.05
N THR B 29 -9.36 -5.22 -5.93
CA THR B 29 -8.23 -5.04 -6.83
C THR B 29 -6.98 -4.59 -6.05
N PRO B 30 -5.78 -5.13 -6.39
CA PRO B 30 -4.53 -4.75 -5.71
C PRO B 30 -4.32 -3.24 -5.68
N SER B 31 -4.52 -2.59 -6.82
CA SER B 31 -4.40 -1.13 -6.94
C SER B 31 -5.34 -0.43 -5.99
N GLU B 32 -6.47 -1.08 -5.69
CA GLU B 32 -7.45 -0.52 -4.77
C GLU B 32 -7.01 -0.68 -3.32
N ALA B 33 -6.51 -1.87 -2.99
CA ALA B 33 -5.99 -2.11 -1.62
C ALA B 33 -4.85 -1.14 -1.30
N LEU B 34 -4.02 -0.84 -2.30
CA LEU B 34 -2.94 0.12 -2.14
C LEU B 34 -3.49 1.54 -2.12
N ARG B 35 -4.61 1.76 -2.79
CA ARG B 35 -5.24 3.08 -2.87
C ARG B 35 -5.72 3.52 -1.49
N LEU B 36 -6.41 2.60 -0.80
CA LEU B 36 -6.92 2.89 0.55
C LEU B 36 -5.77 2.99 1.55
N MET B 37 -4.67 2.32 1.23
CA MET B 37 -3.47 2.40 2.07
C MET B 37 -2.96 3.83 2.10
N LEU B 38 -2.87 4.44 0.92
CA LEU B 38 -2.38 5.81 0.80
C LEU B 38 -3.26 6.76 1.57
N GLU B 39 -4.54 6.39 1.75
CA GLU B 39 -5.45 7.13 2.59
C GLU B 39 -5.01 7.08 4.05
N TYR B 40 -4.79 5.90 4.62
CA TYR B 40 -4.56 5.77 6.05
C TYR B 40 -3.19 6.30 6.46
N ILE B 41 -2.23 6.29 5.53
CA ILE B 41 -0.91 6.85 5.83
C ILE B 41 -0.99 8.37 5.90
N ALA B 42 -1.70 8.98 4.95
CA ALA B 42 -1.85 10.43 4.92
C ALA B 42 -2.67 10.93 6.12
N ASP B 43 -3.63 10.11 6.53
CA ASP B 43 -4.52 10.46 7.63
C ASP B 43 -3.88 10.22 9.00
N ASN B 44 -3.28 9.03 9.18
CA ASN B 44 -2.73 8.63 10.47
C ASN B 44 -1.28 9.12 10.65
N GLU B 45 -0.54 9.14 9.54
CA GLU B 45 0.87 9.55 9.56
C GLU B 45 1.65 8.81 10.62
N ARG B 46 1.56 7.49 10.61
CA ARG B 46 2.26 6.66 11.59
C ARG B 46 2.54 5.26 11.07
N LEU B 47 1.60 4.69 10.33
CA LEU B 47 1.74 3.31 9.81
C LEU B 47 1.74 2.30 10.97
N PRO B 48 1.24 1.07 10.74
CA PRO B 48 1.21 0.02 11.77
C PRO B 48 2.62 -0.51 12.09
N PHE B 49 3.57 -0.33 11.17
CA PHE B 49 4.91 -0.87 11.35
C PHE B 49 5.98 0.15 10.92
N LYS B 50 5.84 0.63 9.69
CA LYS B 50 6.82 1.49 9.02
C LYS B 50 8.26 1.00 9.20
N GLN B 51 8.49 -0.24 8.78
CA GLN B 51 9.85 -0.78 8.65
C GLN B 51 10.59 -0.08 7.50
N THR B 52 11.85 -0.44 7.31
CA THR B 52 12.63 0.08 6.21
C THR B 52 13.59 -1.01 5.68
N LEU B 53 13.26 -2.26 5.99
CA LEU B 53 14.10 -3.42 5.62
C LEU B 53 15.53 -3.23 6.14
N MET A 4 13.13 -9.81 -5.78
CA MET A 4 12.13 -8.70 -5.73
C MET A 4 11.52 -8.47 -7.11
N GLY A 5 10.32 -7.90 -7.09
CA GLY A 5 9.62 -7.54 -8.31
C GLY A 5 8.94 -6.19 -8.16
N SER A 6 8.65 -5.56 -9.28
CA SER A 6 7.99 -4.28 -9.30
C SER A 6 6.56 -4.41 -9.88
N ILE A 7 5.63 -3.68 -9.29
CA ILE A 7 4.25 -3.63 -9.75
C ILE A 7 3.83 -2.20 -9.99
N ASN A 8 2.78 -2.00 -10.77
CA ASN A 8 2.26 -0.67 -11.02
C ASN A 8 1.06 -0.39 -10.15
N LEU A 9 1.04 0.77 -9.53
CA LEU A 9 -0.09 1.23 -8.74
C LEU A 9 -0.78 2.36 -9.52
N ARG A 10 -2.07 2.56 -9.30
CA ARG A 10 -2.83 3.59 -9.99
C ARG A 10 -3.73 4.27 -8.96
N ILE A 11 -3.39 5.49 -8.59
CA ILE A 11 -4.13 6.22 -7.56
C ILE A 11 -4.32 7.66 -7.99
N ASP A 12 -5.12 8.42 -7.25
CA ASP A 12 -5.28 9.82 -7.55
C ASP A 12 -3.97 10.54 -7.29
N ASP A 13 -3.46 11.26 -8.27
CA ASP A 13 -2.14 11.90 -8.16
C ASP A 13 -2.06 12.83 -6.95
N GLU A 14 -3.20 13.44 -6.61
CA GLU A 14 -3.27 14.32 -5.45
C GLU A 14 -3.05 13.53 -4.18
N LEU A 15 -3.59 12.33 -4.11
CA LEU A 15 -3.53 11.49 -2.92
C LEU A 15 -2.13 10.96 -2.73
N LYS A 16 -1.52 10.61 -3.87
CA LYS A 16 -0.13 10.20 -3.92
C LYS A 16 0.77 11.24 -3.22
N ALA A 17 0.50 12.51 -3.49
CA ALA A 17 1.28 13.60 -2.87
C ALA A 17 1.21 13.56 -1.36
N ARG A 18 0.00 13.53 -0.81
CA ARG A 18 -0.19 13.59 0.64
C ARG A 18 0.39 12.37 1.34
N SER A 19 0.15 11.20 0.77
CA SER A 19 0.64 9.95 1.34
C SER A 19 2.17 9.90 1.39
N TYR A 20 2.79 10.12 0.24
CA TYR A 20 4.24 10.14 0.14
C TYR A 20 4.83 11.19 1.10
N ALA A 21 4.15 12.33 1.20
CA ALA A 21 4.59 13.41 2.11
C ALA A 21 4.60 12.92 3.55
N ALA A 22 3.54 12.23 3.95
CA ALA A 22 3.39 11.72 5.31
C ALA A 22 4.52 10.75 5.67
N LEU A 23 4.82 9.84 4.75
CA LEU A 23 5.78 8.78 5.02
C LEU A 23 7.23 9.30 4.96
N GLU A 24 7.48 10.31 4.11
CA GLU A 24 8.83 10.89 4.02
C GLU A 24 9.10 11.77 5.25
N LYS A 25 8.03 12.18 5.93
CA LYS A 25 8.14 12.92 7.20
C LYS A 25 8.75 12.02 8.27
N MET A 26 8.14 10.84 8.41
CA MET A 26 8.61 9.81 9.33
C MET A 26 10.00 9.31 8.91
N GLY A 27 10.25 9.40 7.62
CA GLY A 27 11.53 8.98 7.07
C GLY A 27 11.54 7.55 6.63
N VAL A 28 10.36 7.07 6.18
CA VAL A 28 10.23 5.70 5.69
C VAL A 28 10.17 5.70 4.17
N THR A 29 10.79 4.70 3.55
CA THR A 29 10.82 4.59 2.10
C THR A 29 9.40 4.29 1.57
N PRO A 30 8.97 5.03 0.51
CA PRO A 30 7.64 4.84 -0.10
C PRO A 30 7.41 3.39 -0.51
N SER A 31 8.41 2.81 -1.17
CA SER A 31 8.34 1.40 -1.59
C SER A 31 8.19 0.48 -0.39
N GLU A 32 8.65 0.92 0.78
CA GLU A 32 8.60 0.13 1.98
C GLU A 32 7.23 0.22 2.66
N ALA A 33 6.66 1.43 2.70
CA ALA A 33 5.33 1.62 3.27
C ALA A 33 4.30 0.72 2.54
N LEU A 34 4.42 0.63 1.23
CA LEU A 34 3.51 -0.22 0.45
C LEU A 34 3.85 -1.68 0.65
N ARG A 35 5.13 -1.95 0.93
CA ARG A 35 5.60 -3.30 1.17
C ARG A 35 4.99 -3.88 2.45
N LEU A 36 5.04 -3.10 3.53
CA LEU A 36 4.47 -3.52 4.82
C LEU A 36 2.95 -3.57 4.73
N MET A 37 2.40 -2.77 3.81
CA MET A 37 0.97 -2.85 3.51
C MET A 37 0.63 -4.23 2.97
N LEU A 38 1.45 -4.71 2.04
CA LEU A 38 1.23 -6.01 1.43
C LEU A 38 1.33 -7.09 2.49
N GLU A 39 2.15 -6.84 3.50
CA GLU A 39 2.26 -7.75 4.63
C GLU A 39 0.95 -7.80 5.43
N TYR A 40 0.38 -6.64 5.79
CA TYR A 40 -0.80 -6.64 6.66
C TYR A 40 -2.02 -7.17 5.93
N ILE A 41 -2.10 -7.00 4.61
CA ILE A 41 -3.22 -7.54 3.86
C ILE A 41 -3.05 -9.06 3.72
N ALA A 42 -1.82 -9.52 3.56
CA ALA A 42 -1.55 -10.95 3.49
C ALA A 42 -1.90 -11.64 4.79
N ASP A 43 -1.66 -10.95 5.91
CA ASP A 43 -1.93 -11.50 7.24
C ASP A 43 -3.41 -11.41 7.59
N ASN A 44 -3.93 -10.19 7.66
CA ASN A 44 -5.28 -9.93 8.12
C ASN A 44 -6.31 -10.29 7.06
N GLU A 45 -5.94 -10.12 5.79
CA GLU A 45 -6.84 -10.41 4.67
C GLU A 45 -8.22 -9.72 4.86
N ARG A 46 -8.21 -8.43 5.22
CA ARG A 46 -9.47 -7.70 5.46
C ARG A 46 -9.37 -6.23 5.08
N LEU A 47 -8.20 -5.62 5.31
CA LEU A 47 -7.98 -4.19 5.01
C LEU A 47 -8.82 -3.31 5.96
N PRO A 48 -8.32 -2.10 6.29
CA PRO A 48 -9.06 -1.16 7.12
C PRO A 48 -10.40 -0.75 6.46
N PHE A 49 -10.32 -0.34 5.19
CA PHE A 49 -11.49 0.06 4.41
C PHE A 49 -11.32 -0.41 2.98
N LYS A 50 -11.90 -1.55 2.63
CA LYS A 50 -11.62 -2.19 1.33
C LYS A 50 -12.69 -1.89 0.30
N GLN A 51 -13.28 -0.71 0.40
CA GLN A 51 -14.21 -0.24 -0.62
C GLN A 51 -13.52 -0.15 -1.98
N THR A 52 -14.29 -0.29 -3.05
CA THR A 52 -13.77 -0.18 -4.41
C THR A 52 -14.44 0.97 -5.15
N LEU A 53 -14.18 2.20 -4.68
CA LEU A 53 -14.74 3.39 -5.27
C LEU A 53 -13.72 4.55 -5.25
N MET B 4 -5.40 10.75 -12.42
CA MET B 4 -4.70 9.60 -11.80
C MET B 4 -3.27 9.48 -12.33
N GLY B 5 -2.42 8.87 -11.50
CA GLY B 5 -1.06 8.61 -11.89
C GLY B 5 -0.63 7.22 -11.43
N SER B 6 0.42 6.70 -12.06
CA SER B 6 0.94 5.39 -11.73
C SER B 6 2.33 5.50 -11.11
N ILE B 7 2.59 4.67 -10.10
CA ILE B 7 3.89 4.62 -9.44
C ILE B 7 4.41 3.20 -9.45
N ASN B 8 5.71 3.02 -9.24
CA ASN B 8 6.31 1.70 -9.19
C ASN B 8 6.53 1.30 -7.74
N LEU B 9 6.14 0.08 -7.44
CA LEU B 9 6.40 -0.50 -6.14
C LEU B 9 7.48 -1.57 -6.28
N ARG B 10 8.22 -1.84 -5.22
CA ARG B 10 9.28 -2.83 -5.24
C ARG B 10 9.21 -3.65 -3.96
N ILE B 11 8.77 -4.90 -4.07
CA ILE B 11 8.59 -5.74 -2.90
C ILE B 11 9.07 -7.15 -3.22
N ASP B 12 9.14 -8.01 -2.21
CA ASP B 12 9.50 -9.40 -2.44
C ASP B 12 8.41 -10.06 -3.27
N ASP B 13 8.81 -10.66 -4.40
CA ASP B 13 7.85 -11.24 -5.35
C ASP B 13 6.97 -12.29 -4.66
N GLU B 14 7.53 -12.99 -3.68
CA GLU B 14 6.80 -13.96 -2.90
C GLU B 14 5.70 -13.30 -2.09
N LEU B 15 5.98 -12.13 -1.56
CA LEU B 15 5.05 -11.44 -0.67
C LEU B 15 3.91 -10.86 -1.50
N LYS B 16 4.28 -10.39 -2.68
CA LYS B 16 3.35 -9.91 -3.67
C LYS B 16 2.28 -10.95 -3.96
N ALA B 17 2.69 -12.22 -4.06
CA ALA B 17 1.78 -13.33 -4.31
C ALA B 17 0.71 -13.44 -3.21
N ARG B 18 1.17 -13.54 -1.95
CA ARG B 18 0.26 -13.74 -0.80
C ARG B 18 -0.71 -12.55 -0.63
N SER B 19 -0.18 -11.34 -0.73
CA SER B 19 -0.97 -10.14 -0.55
C SER B 19 -2.07 -10.04 -1.62
N TYR B 20 -1.67 -10.12 -2.89
CA TYR B 20 -2.62 -10.08 -4.01
C TYR B 20 -3.65 -11.17 -3.87
N ALA B 21 -3.24 -12.35 -3.41
CA ALA B 21 -4.13 -13.48 -3.21
C ALA B 21 -5.22 -13.14 -2.17
N ALA B 22 -4.77 -12.55 -1.08
CA ALA B 22 -5.67 -12.18 0.02
C ALA B 22 -6.75 -11.20 -0.44
N LEU B 23 -6.33 -10.18 -1.19
CA LEU B 23 -7.25 -9.12 -1.60
C LEU B 23 -8.18 -9.59 -2.72
N GLU B 24 -7.72 -10.48 -3.59
CA GLU B 24 -8.56 -11.00 -4.67
C GLU B 24 -9.59 -11.97 -4.10
N LYS B 25 -9.32 -12.49 -2.91
CA LYS B 25 -10.26 -13.36 -2.21
C LYS B 25 -11.48 -12.55 -1.81
N MET B 26 -11.21 -11.43 -1.14
CA MET B 26 -12.26 -10.48 -0.74
C MET B 26 -12.93 -9.89 -1.99
N GLY B 27 -12.18 -9.82 -3.07
CA GLY B 27 -12.70 -9.29 -4.33
C GLY B 27 -12.45 -7.81 -4.49
N VAL B 28 -11.34 -7.35 -3.91
CA VAL B 28 -10.94 -5.95 -4.00
C VAL B 28 -9.81 -5.80 -5.02
N THR B 29 -9.85 -4.72 -5.80
CA THR B 29 -8.85 -4.45 -6.80
C THR B 29 -7.48 -4.17 -6.14
N PRO B 30 -6.39 -4.83 -6.63
CA PRO B 30 -5.05 -4.62 -6.06
C PRO B 30 -4.65 -3.14 -6.03
N SER B 31 -4.90 -2.45 -7.13
CA SER B 31 -4.61 -1.03 -7.24
C SER B 31 -5.40 -0.23 -6.20
N GLU B 32 -6.54 -0.77 -5.78
CA GLU B 32 -7.39 -0.10 -4.83
C GLU B 32 -6.92 -0.32 -3.40
N ALA B 33 -6.50 -1.55 -3.07
CA ALA B 33 -5.97 -1.84 -1.74
C ALA B 33 -4.78 -0.95 -1.42
N LEU B 34 -3.91 -0.72 -2.40
CA LEU B 34 -2.76 0.16 -2.21
C LEU B 34 -3.23 1.62 -2.14
N ARG B 35 -4.31 1.91 -2.84
CA ARG B 35 -4.88 3.25 -2.90
C ARG B 35 -5.39 3.67 -1.51
N LEU B 36 -6.17 2.79 -0.89
CA LEU B 36 -6.70 3.07 0.45
C LEU B 36 -5.58 3.03 1.48
N MET B 37 -4.51 2.33 1.17
CA MET B 37 -3.31 2.37 1.99
C MET B 37 -2.75 3.78 2.00
N LEU B 38 -2.67 4.38 0.82
CA LEU B 38 -2.13 5.73 0.69
C LEU B 38 -3.01 6.70 1.46
N GLU B 39 -4.28 6.37 1.56
CA GLU B 39 -5.22 7.17 2.34
C GLU B 39 -4.89 7.10 3.84
N TYR B 40 -4.69 5.88 4.37
CA TYR B 40 -4.48 5.74 5.81
C TYR B 40 -3.13 6.29 6.25
N ILE B 41 -2.14 6.25 5.37
CA ILE B 41 -0.83 6.82 5.70
C ILE B 41 -0.91 8.34 5.65
N ALA B 42 -1.67 8.88 4.70
CA ALA B 42 -1.87 10.32 4.62
C ALA B 42 -2.60 10.87 5.84
N ASP B 43 -3.54 10.07 6.35
CA ASP B 43 -4.33 10.47 7.53
C ASP B 43 -3.55 10.29 8.82
N ASN B 44 -3.18 9.05 9.11
CA ASN B 44 -2.56 8.68 10.37
C ASN B 44 -1.09 9.11 10.40
N GLU B 45 -0.45 9.15 9.25
CA GLU B 45 0.94 9.57 9.11
C GLU B 45 1.84 8.84 10.12
N ARG B 46 1.61 7.53 10.27
CA ARG B 46 2.37 6.74 11.26
C ARG B 46 2.63 5.31 10.76
N LEU B 47 1.65 4.74 10.03
CA LEU B 47 1.69 3.32 9.63
C LEU B 47 1.51 2.42 10.87
N PRO B 48 0.90 1.22 10.70
CA PRO B 48 0.70 0.28 11.82
C PRO B 48 2.06 -0.21 12.35
N PHE B 49 2.95 -0.48 11.40
CA PHE B 49 4.33 -0.88 11.67
C PHE B 49 5.19 -0.36 10.51
N LYS B 50 5.86 0.77 10.72
CA LYS B 50 6.71 1.37 9.67
C LYS B 50 8.12 0.81 9.75
N GLN B 51 8.40 0.12 10.86
CA GLN B 51 9.74 -0.43 11.13
C GLN B 51 10.80 0.68 10.97
N THR B 52 12.05 0.28 10.84
CA THR B 52 13.12 1.21 10.53
C THR B 52 13.48 1.14 9.04
N LEU B 53 12.46 0.96 8.20
CA LEU B 53 12.63 0.80 6.75
C LEU B 53 13.06 2.11 6.07
N MET A 4 13.21 -9.71 -5.78
CA MET A 4 12.12 -8.74 -5.56
C MET A 4 11.80 -8.01 -6.87
N GLY A 5 10.52 -7.80 -7.12
CA GLY A 5 10.10 -7.23 -8.41
C GLY A 5 9.29 -5.98 -8.25
N SER A 6 8.81 -5.45 -9.35
CA SER A 6 8.07 -4.18 -9.37
C SER A 6 6.65 -4.35 -9.90
N ILE A 7 5.73 -3.54 -9.36
CA ILE A 7 4.34 -3.52 -9.81
C ILE A 7 3.91 -2.09 -10.09
N ASN A 8 2.76 -1.92 -10.73
CA ASN A 8 2.20 -0.62 -11.04
C ASN A 8 0.99 -0.31 -10.16
N LEU A 9 1.01 0.87 -9.56
CA LEU A 9 -0.10 1.36 -8.77
C LEU A 9 -0.75 2.50 -9.58
N ARG A 10 -2.07 2.73 -9.48
CA ARG A 10 -2.70 3.83 -10.17
C ARG A 10 -3.67 4.50 -9.21
N ILE A 11 -3.35 5.71 -8.77
CA ILE A 11 -4.17 6.43 -7.79
C ILE A 11 -4.36 7.86 -8.18
N ASP A 12 -5.28 8.52 -7.47
CA ASP A 12 -5.45 9.95 -7.58
C ASP A 12 -4.13 10.64 -7.28
N ASP A 13 -3.58 11.35 -8.27
CA ASP A 13 -2.28 12.00 -8.11
C ASP A 13 -2.31 12.97 -6.95
N GLU A 14 -3.48 13.57 -6.72
CA GLU A 14 -3.65 14.52 -5.62
C GLU A 14 -3.47 13.83 -4.28
N LEU A 15 -3.92 12.57 -4.18
CA LEU A 15 -3.83 11.82 -2.93
C LEU A 15 -2.40 11.33 -2.75
N LYS A 16 -1.83 10.89 -3.86
CA LYS A 16 -0.44 10.48 -3.91
C LYS A 16 0.45 11.53 -3.24
N ALA A 17 0.31 12.77 -3.67
CA ALA A 17 1.06 13.87 -3.11
C ALA A 17 0.97 13.92 -1.58
N ARG A 18 -0.24 13.73 -1.06
CA ARG A 18 -0.47 13.75 0.41
C ARG A 18 0.29 12.61 1.09
N SER A 19 -0.01 11.38 0.66
CA SER A 19 0.55 10.19 1.28
C SER A 19 2.09 10.21 1.26
N TYR A 20 2.65 10.46 0.09
CA TYR A 20 4.10 10.55 -0.08
C TYR A 20 4.67 11.63 0.82
N ALA A 21 3.98 12.76 0.93
CA ALA A 21 4.41 13.87 1.77
C ALA A 21 4.54 13.44 3.23
N ALA A 22 3.54 12.74 3.72
CA ALA A 22 3.50 12.29 5.12
C ALA A 22 4.65 11.31 5.42
N LEU A 23 4.87 10.36 4.52
CA LEU A 23 5.85 9.30 4.78
C LEU A 23 7.27 9.82 4.64
N GLU A 24 7.50 10.77 3.73
CA GLU A 24 8.83 11.37 3.57
C GLU A 24 9.15 12.32 4.73
N LYS A 25 8.10 12.72 5.43
CA LYS A 25 8.25 13.55 6.63
C LYS A 25 8.88 12.68 7.73
N MET A 26 8.32 11.49 7.90
CA MET A 26 8.86 10.52 8.86
C MET A 26 10.20 9.99 8.38
N GLY A 27 10.44 10.08 7.07
CA GLY A 27 11.71 9.63 6.50
C GLY A 27 11.62 8.22 5.94
N VAL A 28 10.41 7.68 5.85
CA VAL A 28 10.21 6.34 5.32
C VAL A 28 10.03 6.41 3.81
N THR A 29 10.65 5.50 3.09
CA THR A 29 10.52 5.46 1.65
C THR A 29 9.12 4.98 1.23
N PRO A 30 8.52 5.58 0.18
CA PRO A 30 7.20 5.17 -0.32
C PRO A 30 7.17 3.66 -0.59
N SER A 31 8.22 3.16 -1.21
CA SER A 31 8.35 1.73 -1.49
C SER A 31 8.27 0.90 -0.21
N GLU A 32 8.76 1.48 0.89
CA GLU A 32 8.79 0.79 2.17
C GLU A 32 7.39 0.79 2.78
N ALA A 33 6.75 1.96 2.81
CA ALA A 33 5.39 2.07 3.35
C ALA A 33 4.43 1.17 2.61
N LEU A 34 4.59 1.08 1.30
CA LEU A 34 3.75 0.21 0.48
C LEU A 34 4.08 -1.25 0.76
N ARG A 35 5.33 -1.52 1.12
CA ARG A 35 5.77 -2.87 1.41
C ARG A 35 5.11 -3.38 2.69
N LEU A 36 5.11 -2.57 3.74
CA LEU A 36 4.54 -2.97 5.03
C LEU A 36 3.02 -3.11 4.91
N MET A 37 2.45 -2.44 3.93
CA MET A 37 1.03 -2.59 3.64
C MET A 37 0.75 -4.02 3.18
N LEU A 38 1.56 -4.50 2.24
CA LEU A 38 1.40 -5.86 1.70
C LEU A 38 1.50 -6.87 2.82
N GLU A 39 2.31 -6.53 3.84
CA GLU A 39 2.44 -7.35 5.03
C GLU A 39 1.11 -7.49 5.76
N TYR A 40 0.43 -6.36 6.03
CA TYR A 40 -0.80 -6.39 6.83
C TYR A 40 -1.97 -6.99 6.08
N ILE A 41 -2.03 -6.81 4.75
CA ILE A 41 -3.15 -7.37 3.96
C ILE A 41 -3.06 -8.89 3.91
N ALA A 42 -1.84 -9.42 3.76
CA ALA A 42 -1.63 -10.86 3.70
C ALA A 42 -1.99 -11.52 5.05
N ASP A 43 -1.77 -10.75 6.12
CA ASP A 43 -2.04 -11.23 7.47
C ASP A 43 -3.55 -11.17 7.80
N ASN A 44 -4.09 -9.96 7.78
CA ASN A 44 -5.49 -9.74 8.17
C ASN A 44 -6.45 -10.25 7.11
N GLU A 45 -6.04 -10.14 5.85
CA GLU A 45 -6.85 -10.59 4.71
C GLU A 45 -8.24 -9.93 4.73
N ARG A 46 -8.31 -8.64 5.09
CA ARG A 46 -9.59 -7.92 5.13
C ARG A 46 -9.45 -6.44 4.78
N LEU A 47 -8.33 -5.82 5.19
CA LEU A 47 -8.09 -4.38 4.97
C LEU A 47 -8.96 -3.53 5.93
N PRO A 48 -8.45 -2.36 6.33
CA PRO A 48 -9.20 -1.43 7.21
C PRO A 48 -10.40 -0.81 6.48
N PHE A 49 -10.14 -0.30 5.27
CA PHE A 49 -11.18 0.38 4.49
C PHE A 49 -11.81 -0.55 3.47
N LYS A 50 -10.96 -1.31 2.78
CA LYS A 50 -11.35 -2.25 1.71
C LYS A 50 -12.46 -1.69 0.84
N GLN A 51 -12.36 -0.39 0.53
CA GLN A 51 -13.24 0.26 -0.44
C GLN A 51 -13.14 -0.40 -1.82
N THR A 52 -13.76 0.20 -2.82
CA THR A 52 -13.69 -0.29 -4.19
C THR A 52 -14.07 0.82 -5.15
N LEU A 53 -13.81 2.08 -4.74
CA LEU A 53 -14.14 3.26 -5.54
C LEU A 53 -15.63 3.27 -5.89
N MET B 4 -5.60 10.86 -12.59
CA MET B 4 -4.91 9.85 -11.73
C MET B 4 -3.75 9.23 -12.51
N GLY B 5 -2.64 8.98 -11.79
CA GLY B 5 -1.43 8.52 -12.44
C GLY B 5 -0.91 7.23 -11.85
N SER B 6 0.23 6.77 -12.35
CA SER B 6 0.80 5.49 -11.93
C SER B 6 2.17 5.67 -11.28
N ILE B 7 2.46 4.78 -10.31
CA ILE B 7 3.76 4.75 -9.65
C ILE B 7 4.31 3.32 -9.68
N ASN B 8 5.58 3.18 -9.31
CA ASN B 8 6.23 1.88 -9.26
C ASN B 8 6.46 1.45 -7.81
N LEU B 9 6.09 0.22 -7.51
CA LEU B 9 6.34 -0.37 -6.21
C LEU B 9 7.40 -1.45 -6.41
N ARG B 10 8.25 -1.73 -5.43
CA ARG B 10 9.25 -2.79 -5.57
C ARG B 10 9.28 -3.59 -4.26
N ILE B 11 8.79 -4.82 -4.30
CA ILE B 11 8.70 -5.62 -3.06
C ILE B 11 9.17 -7.04 -3.32
N ASP B 12 9.33 -7.78 -2.24
CA ASP B 12 9.58 -9.20 -2.30
C ASP B 12 8.46 -9.88 -3.09
N ASP B 13 8.81 -10.48 -4.24
CA ASP B 13 7.81 -11.09 -5.12
C ASP B 13 7.03 -12.19 -4.38
N GLU B 14 7.71 -12.83 -3.44
CA GLU B 14 7.10 -13.87 -2.61
C GLU B 14 6.00 -13.30 -1.76
N LEU B 15 6.19 -12.07 -1.27
CA LEU B 15 5.22 -11.42 -0.38
C LEU B 15 4.07 -10.90 -1.23
N LYS B 16 4.43 -10.34 -2.37
CA LYS B 16 3.47 -9.88 -3.36
C LYS B 16 2.41 -10.94 -3.61
N ALA B 17 2.87 -12.15 -3.90
CA ALA B 17 1.99 -13.29 -4.15
C ALA B 17 0.97 -13.46 -3.02
N ARG B 18 1.43 -13.35 -1.77
CA ARG B 18 0.57 -13.51 -0.60
C ARG B 18 -0.51 -12.40 -0.56
N SER B 19 -0.04 -11.17 -0.53
CA SER B 19 -0.90 -10.01 -0.41
C SER B 19 -1.96 -9.98 -1.49
N TYR B 20 -1.52 -10.11 -2.74
CA TYR B 20 -2.42 -10.13 -3.89
C TYR B 20 -3.43 -11.27 -3.77
N ALA B 21 -2.96 -12.41 -3.29
CA ALA B 21 -3.83 -13.58 -3.11
C ALA B 21 -4.98 -13.28 -2.14
N ALA B 22 -4.64 -12.66 -1.02
CA ALA B 22 -5.64 -12.33 0.00
C ALA B 22 -6.68 -11.35 -0.50
N LEU B 23 -6.24 -10.30 -1.20
CA LEU B 23 -7.14 -9.25 -1.63
C LEU B 23 -8.05 -9.71 -2.77
N GLU B 24 -7.52 -10.57 -3.65
CA GLU B 24 -8.32 -11.10 -4.77
C GLU B 24 -9.33 -12.12 -4.26
N LYS B 25 -9.07 -12.63 -3.05
CA LYS B 25 -9.99 -13.54 -2.41
C LYS B 25 -11.25 -12.77 -2.01
N MET B 26 -11.03 -11.62 -1.38
CA MET B 26 -12.12 -10.72 -1.02
C MET B 26 -12.76 -10.11 -2.26
N GLY B 27 -12.00 -10.07 -3.34
CA GLY B 27 -12.50 -9.53 -4.59
C GLY B 27 -12.10 -8.08 -4.81
N VAL B 28 -11.19 -7.57 -3.96
CA VAL B 28 -10.72 -6.19 -4.08
C VAL B 28 -9.50 -6.14 -5.00
N THR B 29 -9.47 -5.14 -5.87
CA THR B 29 -8.38 -4.97 -6.80
C THR B 29 -7.11 -4.52 -6.06
N PRO B 30 -5.93 -5.05 -6.41
CA PRO B 30 -4.66 -4.64 -5.82
C PRO B 30 -4.50 -3.12 -5.83
N SER B 31 -4.81 -2.52 -6.97
CA SER B 31 -4.74 -1.07 -7.14
C SER B 31 -5.64 -0.36 -6.11
N GLU B 32 -6.74 -1.01 -5.72
CA GLU B 32 -7.69 -0.44 -4.79
C GLU B 32 -7.16 -0.54 -3.36
N ALA B 33 -6.68 -1.74 -3.00
CA ALA B 33 -6.10 -1.94 -1.67
C ALA B 33 -4.93 -1.01 -1.43
N LEU B 34 -4.11 -0.79 -2.47
CA LEU B 34 -2.96 0.11 -2.36
C LEU B 34 -3.44 1.56 -2.27
N ARG B 35 -4.60 1.84 -2.87
CA ARG B 35 -5.19 3.17 -2.88
C ARG B 35 -5.64 3.55 -1.47
N LEU B 36 -6.36 2.63 -0.80
CA LEU B 36 -6.87 2.90 0.53
C LEU B 36 -5.73 3.00 1.55
N MET B 37 -4.59 2.42 1.20
CA MET B 37 -3.39 2.55 2.03
C MET B 37 -2.92 3.99 2.02
N LEU B 38 -2.87 4.58 0.83
CA LEU B 38 -2.42 5.96 0.68
C LEU B 38 -3.31 6.88 1.48
N GLU B 39 -4.58 6.47 1.60
CA GLU B 39 -5.55 7.18 2.40
C GLU B 39 -5.13 7.21 3.87
N TYR B 40 -4.80 6.04 4.46
CA TYR B 40 -4.52 5.95 5.89
C TYR B 40 -3.18 6.60 6.24
N ILE B 41 -2.19 6.51 5.35
CA ILE B 41 -0.88 7.10 5.64
C ILE B 41 -0.94 8.63 5.66
N ALA B 42 -1.72 9.20 4.73
CA ALA B 42 -1.88 10.66 4.66
C ALA B 42 -2.62 11.18 5.91
N ASP B 43 -3.48 10.33 6.46
CA ASP B 43 -4.28 10.68 7.64
C ASP B 43 -3.47 10.54 8.93
N ASN B 44 -3.02 9.32 9.20
CA ASN B 44 -2.29 9.00 10.43
C ASN B 44 -0.88 9.57 10.41
N GLU B 45 -0.25 9.56 9.22
CA GLU B 45 1.11 10.05 9.05
C GLU B 45 2.09 9.37 10.02
N ARG B 46 1.87 8.06 10.26
CA ARG B 46 2.70 7.33 11.21
C ARG B 46 2.92 5.86 10.81
N LEU B 47 1.99 5.30 10.02
CA LEU B 47 2.03 3.90 9.60
C LEU B 47 1.65 2.98 10.76
N PRO B 48 1.10 1.78 10.49
CA PRO B 48 0.60 0.87 11.52
C PRO B 48 1.70 0.02 12.15
N PHE B 49 2.79 -0.19 11.41
CA PHE B 49 3.89 -1.05 11.87
C PHE B 49 5.23 -0.42 11.59
N LYS B 50 5.52 -0.26 10.29
CA LYS B 50 6.86 0.12 9.85
C LYS B 50 7.89 -0.91 10.34
N GLN B 51 7.77 -2.13 9.80
CA GLN B 51 8.73 -3.21 10.09
C GLN B 51 10.17 -2.79 9.83
N THR B 52 11.07 -3.35 10.62
CA THR B 52 12.50 -3.10 10.46
C THR B 52 13.17 -4.36 9.91
N LEU B 53 12.49 -5.49 10.07
CA LEU B 53 12.95 -6.80 9.60
C LEU B 53 14.31 -7.15 10.20
N MET A 4 13.39 -9.89 -5.77
CA MET A 4 12.18 -9.04 -5.68
C MET A 4 11.88 -8.41 -7.03
N GLY A 5 10.66 -7.90 -7.19
CA GLY A 5 10.25 -7.32 -8.44
C GLY A 5 9.44 -6.03 -8.25
N SER A 6 9.07 -5.43 -9.37
CA SER A 6 8.36 -4.17 -9.38
C SER A 6 6.98 -4.33 -10.03
N ILE A 7 6.00 -3.62 -9.48
CA ILE A 7 4.63 -3.65 -9.98
C ILE A 7 4.12 -2.25 -10.16
N ASN A 8 3.01 -2.09 -10.90
CA ASN A 8 2.45 -0.77 -11.14
C ASN A 8 1.25 -0.52 -10.23
N LEU A 9 1.26 0.63 -9.61
CA LEU A 9 0.19 1.08 -8.72
C LEU A 9 -0.44 2.30 -9.41
N ARG A 10 -1.73 2.56 -9.21
CA ARG A 10 -2.39 3.71 -9.87
C ARG A 10 -3.28 4.40 -8.86
N ILE A 11 -3.05 5.68 -8.61
CA ILE A 11 -3.84 6.45 -7.62
C ILE A 11 -3.97 7.88 -8.08
N ASP A 12 -4.80 8.63 -7.37
CA ASP A 12 -4.95 10.04 -7.65
C ASP A 12 -3.64 10.75 -7.34
N ASP A 13 -3.19 11.62 -8.24
CA ASP A 13 -1.91 12.30 -8.10
C ASP A 13 -1.92 13.17 -6.84
N GLU A 14 -3.09 13.68 -6.49
CA GLU A 14 -3.23 14.53 -5.32
C GLU A 14 -3.08 13.71 -4.04
N LEU A 15 -3.50 12.46 -4.09
CA LEU A 15 -3.51 11.62 -2.88
C LEU A 15 -2.10 11.09 -2.59
N LYS A 16 -1.42 10.65 -3.61
CA LYS A 16 -0.04 10.15 -3.48
C LYS A 16 0.82 11.22 -2.85
N ALA A 17 0.70 12.45 -3.36
CA ALA A 17 1.37 13.61 -2.79
C ALA A 17 1.28 13.63 -1.26
N ARG A 18 0.06 13.53 -0.72
CA ARG A 18 -0.15 13.59 0.74
C ARG A 18 0.50 12.42 1.46
N SER A 19 0.22 11.20 1.00
CA SER A 19 0.74 10.00 1.64
C SER A 19 2.26 10.02 1.71
N TYR A 20 2.86 10.20 0.54
CA TYR A 20 4.30 10.30 0.40
C TYR A 20 4.88 11.36 1.33
N ALA A 21 4.25 12.51 1.35
CA ALA A 21 4.71 13.65 2.15
C ALA A 21 4.79 13.26 3.63
N ALA A 22 3.78 12.54 4.08
CA ALA A 22 3.71 12.13 5.50
C ALA A 22 4.82 11.12 5.86
N LEU A 23 4.98 10.11 5.03
CA LEU A 23 5.87 8.99 5.32
C LEU A 23 7.33 9.38 5.17
N GLU A 24 7.65 10.21 4.17
CA GLU A 24 9.03 10.63 3.95
C GLU A 24 9.51 11.45 5.14
N LYS A 25 8.59 12.26 5.64
CA LYS A 25 8.80 13.03 6.87
C LYS A 25 9.11 12.10 8.03
N MET A 26 8.40 10.98 8.09
CA MET A 26 8.65 9.96 9.11
C MET A 26 9.93 9.18 8.80
N GLY A 27 10.56 9.52 7.68
CA GLY A 27 11.82 8.89 7.29
C GLY A 27 11.61 7.56 6.59
N VAL A 28 10.38 7.34 6.15
CA VAL A 28 10.01 6.08 5.47
C VAL A 28 9.93 6.30 3.95
N THR A 29 10.19 5.23 3.19
CA THR A 29 10.08 5.26 1.74
C THR A 29 8.71 4.68 1.31
N PRO A 30 8.04 5.29 0.32
CA PRO A 30 6.73 4.80 -0.15
C PRO A 30 6.74 3.33 -0.49
N SER A 31 7.78 2.90 -1.21
CA SER A 31 7.93 1.50 -1.62
C SER A 31 7.91 0.58 -0.40
N GLU A 32 8.43 1.09 0.72
CA GLU A 32 8.53 0.29 1.94
C GLU A 32 7.18 0.25 2.66
N ALA A 33 6.55 1.42 2.80
CA ALA A 33 5.25 1.51 3.44
C ALA A 33 4.22 0.64 2.72
N LEU A 34 4.33 0.58 1.40
CA LEU A 34 3.46 -0.27 0.59
C LEU A 34 3.84 -1.75 0.79
N ARG A 35 5.13 -1.99 0.99
CA ARG A 35 5.65 -3.36 1.21
C ARG A 35 5.03 -3.95 2.48
N LEU A 36 5.02 -3.17 3.56
CA LEU A 36 4.45 -3.65 4.82
C LEU A 36 2.93 -3.75 4.75
N MET A 37 2.34 -2.96 3.84
CA MET A 37 0.92 -3.03 3.59
C MET A 37 0.53 -4.39 3.03
N LEU A 38 1.33 -4.86 2.06
CA LEU A 38 1.06 -6.14 1.43
C LEU A 38 1.15 -7.26 2.47
N GLU A 39 1.92 -7.01 3.52
CA GLU A 39 2.05 -7.96 4.62
C GLU A 39 0.75 -8.04 5.41
N TYR A 40 0.14 -6.91 5.75
CA TYR A 40 -1.04 -6.92 6.62
C TYR A 40 -2.28 -7.37 5.88
N ILE A 41 -2.33 -7.19 4.57
CA ILE A 41 -3.45 -7.70 3.79
C ILE A 41 -3.34 -9.22 3.66
N ALA A 42 -2.13 -9.71 3.43
CA ALA A 42 -1.90 -11.14 3.32
C ALA A 42 -2.20 -11.85 4.65
N ASP A 43 -1.86 -11.18 5.74
CA ASP A 43 -1.99 -11.77 7.08
C ASP A 43 -3.41 -11.58 7.65
N ASN A 44 -3.90 -10.37 7.59
CA ASN A 44 -5.21 -10.02 8.18
C ASN A 44 -6.35 -10.43 7.27
N GLU A 45 -6.14 -10.30 5.97
CA GLU A 45 -7.18 -10.60 4.96
C GLU A 45 -8.50 -9.89 5.29
N ARG A 46 -8.43 -8.58 5.52
CA ARG A 46 -9.64 -7.78 5.81
C ARG A 46 -9.57 -6.37 5.23
N LEU A 47 -8.44 -5.71 5.42
CA LEU A 47 -8.26 -4.29 5.09
C LEU A 47 -9.13 -3.40 6.01
N PRO A 48 -8.71 -2.15 6.26
CA PRO A 48 -9.48 -1.19 7.08
C PRO A 48 -10.73 -0.67 6.35
N PHE A 49 -10.53 -0.25 5.10
CA PHE A 49 -11.63 0.28 4.27
C PHE A 49 -11.39 -0.14 2.84
N LYS A 50 -12.02 -1.24 2.42
CA LYS A 50 -11.81 -1.78 1.08
C LYS A 50 -12.94 -1.38 0.14
N GLN A 51 -13.58 -0.24 0.45
CA GLN A 51 -14.63 0.33 -0.39
C GLN A 51 -14.20 0.38 -1.86
N THR A 52 -15.00 -0.27 -2.69
CA THR A 52 -14.73 -0.37 -4.12
C THR A 52 -15.35 0.80 -4.88
N LEU A 53 -14.74 1.97 -4.72
CA LEU A 53 -15.05 3.15 -5.54
C LEU A 53 -13.80 4.01 -5.69
N MET B 4 -5.36 10.81 -12.58
CA MET B 4 -4.57 9.89 -11.73
C MET B 4 -3.35 9.38 -12.48
N GLY B 5 -2.38 8.84 -11.76
CA GLY B 5 -1.16 8.37 -12.37
C GLY B 5 -0.70 7.05 -11.79
N SER B 6 0.40 6.54 -12.35
CA SER B 6 0.96 5.26 -11.95
C SER B 6 2.35 5.42 -11.39
N ILE B 7 2.66 4.62 -10.37
CA ILE B 7 3.96 4.64 -9.70
C ILE B 7 4.51 3.22 -9.62
N ASN B 8 5.81 3.11 -9.31
CA ASN B 8 6.45 1.81 -9.22
C ASN B 8 6.59 1.41 -7.75
N LEU B 9 6.19 0.18 -7.46
CA LEU B 9 6.32 -0.41 -6.13
C LEU B 9 7.31 -1.57 -6.27
N ARG B 10 8.06 -1.91 -5.22
CA ARG B 10 9.02 -3.01 -5.29
C ARG B 10 8.92 -3.85 -4.04
N ILE B 11 8.62 -5.14 -4.19
CA ILE B 11 8.50 -6.03 -3.02
C ILE B 11 8.99 -7.43 -3.38
N ASP B 12 9.11 -8.28 -2.36
CA ASP B 12 9.43 -9.68 -2.59
C ASP B 12 8.34 -10.35 -3.41
N ASP B 13 8.72 -11.06 -4.45
CA ASP B 13 7.77 -11.72 -5.35
C ASP B 13 6.91 -12.71 -4.60
N GLU B 14 7.49 -13.32 -3.57
CA GLU B 14 6.78 -14.29 -2.74
C GLU B 14 5.70 -13.62 -1.92
N LEU B 15 5.94 -12.37 -1.51
CA LEU B 15 5.05 -11.67 -0.60
C LEU B 15 3.85 -11.12 -1.37
N LYS B 16 4.12 -10.53 -2.52
CA LYS B 16 3.06 -10.00 -3.36
C LYS B 16 2.05 -11.08 -3.69
N ALA B 17 2.57 -12.24 -4.08
CA ALA B 17 1.73 -13.44 -4.29
C ALA B 17 0.68 -13.61 -3.21
N ARG B 18 1.12 -13.62 -1.94
CA ARG B 18 0.21 -13.85 -0.80
C ARG B 18 -0.82 -12.74 -0.67
N SER B 19 -0.35 -11.49 -0.64
CA SER B 19 -1.21 -10.33 -0.45
C SER B 19 -2.30 -10.28 -1.53
N TYR B 20 -1.86 -10.32 -2.79
CA TYR B 20 -2.74 -10.33 -3.94
C TYR B 20 -3.76 -11.45 -3.82
N ALA B 21 -3.29 -12.64 -3.48
CA ALA B 21 -4.15 -13.83 -3.40
C ALA B 21 -5.29 -13.60 -2.42
N ALA B 22 -4.98 -12.99 -1.29
CA ALA B 22 -5.96 -12.71 -0.24
C ALA B 22 -7.02 -11.72 -0.70
N LEU B 23 -6.56 -10.62 -1.28
CA LEU B 23 -7.46 -9.49 -1.59
C LEU B 23 -8.32 -9.79 -2.82
N GLU B 24 -7.78 -10.50 -3.80
CA GLU B 24 -8.54 -10.81 -5.01
C GLU B 24 -9.68 -11.74 -4.65
N LYS B 25 -9.40 -12.64 -3.71
CA LYS B 25 -10.38 -13.52 -3.13
C LYS B 25 -11.51 -12.70 -2.48
N MET B 26 -11.12 -11.64 -1.79
CA MET B 26 -12.07 -10.71 -1.16
C MET B 26 -12.75 -9.85 -2.23
N GLY B 27 -12.36 -10.07 -3.47
CA GLY B 27 -12.96 -9.32 -4.59
C GLY B 27 -12.37 -7.93 -4.76
N VAL B 28 -11.20 -7.72 -4.14
CA VAL B 28 -10.52 -6.43 -4.20
C VAL B 28 -9.36 -6.48 -5.20
N THR B 29 -9.02 -5.34 -5.80
CA THR B 29 -7.90 -5.22 -6.69
C THR B 29 -6.69 -4.64 -5.94
N PRO B 30 -5.46 -5.18 -6.17
CA PRO B 30 -4.24 -4.71 -5.48
C PRO B 30 -4.08 -3.21 -5.57
N SER B 31 -4.28 -2.66 -6.77
CA SER B 31 -4.15 -1.22 -7.02
C SER B 31 -5.08 -0.44 -6.08
N GLU B 32 -6.24 -1.03 -5.76
CA GLU B 32 -7.22 -0.38 -4.91
C GLU B 32 -6.80 -0.47 -3.44
N ALA B 33 -6.44 -1.65 -3.01
CA ALA B 33 -6.00 -1.89 -1.62
C ALA B 33 -4.82 -0.99 -1.27
N LEU B 34 -3.92 -0.79 -2.24
CA LEU B 34 -2.79 0.11 -2.06
C LEU B 34 -3.25 1.56 -2.06
N ARG B 35 -4.30 1.84 -2.83
CA ARG B 35 -4.87 3.19 -2.90
C ARG B 35 -5.39 3.63 -1.54
N LEU B 36 -6.15 2.75 -0.88
CA LEU B 36 -6.71 3.05 0.44
C LEU B 36 -5.61 3.07 1.51
N MET B 37 -4.52 2.37 1.25
CA MET B 37 -3.36 2.41 2.13
C MET B 37 -2.76 3.79 2.17
N LEU B 38 -2.62 4.40 0.99
CA LEU B 38 -2.02 5.73 0.88
C LEU B 38 -2.87 6.73 1.63
N GLU B 39 -4.16 6.41 1.76
CA GLU B 39 -5.08 7.24 2.50
C GLU B 39 -4.81 7.18 4.00
N TYR B 40 -4.58 5.98 4.57
CA TYR B 40 -4.41 5.85 6.01
C TYR B 40 -3.04 6.33 6.45
N ILE B 41 -2.05 6.29 5.57
CA ILE B 41 -0.73 6.82 5.93
C ILE B 41 -0.76 8.35 5.93
N ALA B 42 -1.45 8.91 4.95
CA ALA B 42 -1.61 10.36 4.86
C ALA B 42 -2.39 10.90 6.04
N ASP B 43 -3.40 10.15 6.47
CA ASP B 43 -4.31 10.59 7.53
C ASP B 43 -3.75 10.27 8.92
N ASN B 44 -3.31 9.04 9.11
CA ASN B 44 -2.85 8.56 10.41
C ASN B 44 -1.41 9.02 10.69
N GLU B 45 -0.60 9.06 9.64
CA GLU B 45 0.81 9.47 9.74
C GLU B 45 1.53 8.68 10.84
N ARG B 46 1.35 7.36 10.85
CA ARG B 46 1.99 6.50 11.87
C ARG B 46 2.36 5.13 11.30
N LEU B 47 1.48 4.58 10.44
CA LEU B 47 1.67 3.20 9.93
C LEU B 47 1.58 2.18 11.07
N PRO B 48 1.39 0.87 10.75
CA PRO B 48 1.49 -0.20 11.74
C PRO B 48 2.85 -0.16 12.45
N PHE B 49 3.90 0.07 11.64
CA PHE B 49 5.26 0.25 12.14
C PHE B 49 5.94 1.25 11.22
N LYS B 50 6.23 2.44 11.71
CA LYS B 50 6.94 3.43 10.88
C LYS B 50 8.44 3.26 11.00
N GLN B 51 8.95 2.49 10.06
CA GLN B 51 10.39 2.25 9.90
C GLN B 51 10.78 2.43 8.43
N THR B 52 12.06 2.62 8.17
CA THR B 52 12.54 2.52 6.81
C THR B 52 12.66 1.04 6.47
N LEU B 53 13.04 0.26 7.50
CA LEU B 53 13.07 -1.19 7.49
C LEU B 53 13.87 -1.68 8.69
N MET A 4 13.24 -9.50 -5.62
CA MET A 4 12.01 -8.68 -5.55
C MET A 4 11.41 -8.45 -6.93
N GLY A 5 10.24 -7.85 -6.95
CA GLY A 5 9.58 -7.52 -8.19
C GLY A 5 8.86 -6.19 -8.11
N SER A 6 8.65 -5.57 -9.26
CA SER A 6 7.99 -4.28 -9.34
C SER A 6 6.57 -4.40 -9.88
N ILE A 7 5.68 -3.56 -9.37
CA ILE A 7 4.30 -3.48 -9.83
C ILE A 7 3.92 -2.04 -10.11
N ASN A 8 2.92 -1.85 -10.96
CA ASN A 8 2.37 -0.54 -11.24
C ASN A 8 1.15 -0.29 -10.36
N LEU A 9 1.19 0.83 -9.64
CA LEU A 9 0.10 1.25 -8.79
C LEU A 9 -0.47 2.55 -9.35
N ARG A 10 -1.77 2.78 -9.25
CA ARG A 10 -2.40 3.95 -9.86
C ARG A 10 -3.41 4.51 -8.86
N ILE A 11 -3.25 5.76 -8.47
CA ILE A 11 -4.19 6.42 -7.57
C ILE A 11 -4.40 7.85 -7.97
N ASP A 12 -5.37 8.49 -7.34
CA ASP A 12 -5.62 9.89 -7.52
C ASP A 12 -4.34 10.68 -7.23
N ASP A 13 -3.81 11.32 -8.25
CA ASP A 13 -2.53 12.03 -8.12
C ASP A 13 -2.53 13.06 -7.01
N GLU A 14 -3.72 13.57 -6.68
CA GLU A 14 -3.88 14.51 -5.57
C GLU A 14 -3.58 13.82 -4.23
N LEU A 15 -4.01 12.57 -4.13
CA LEU A 15 -3.86 11.79 -2.89
C LEU A 15 -2.40 11.34 -2.80
N LYS A 16 -1.86 10.96 -3.95
CA LYS A 16 -0.46 10.57 -4.07
C LYS A 16 0.45 11.62 -3.46
N ALA A 17 0.17 12.89 -3.78
CA ALA A 17 0.99 14.00 -3.30
C ALA A 17 1.04 14.06 -1.77
N ARG A 18 -0.11 13.94 -1.12
CA ARG A 18 -0.18 14.05 0.34
C ARG A 18 0.41 12.83 1.04
N SER A 19 0.16 11.66 0.47
CA SER A 19 0.67 10.41 1.02
C SER A 19 2.19 10.39 1.00
N TYR A 20 2.75 10.58 -0.19
CA TYR A 20 4.20 10.61 -0.36
C TYR A 20 4.83 11.69 0.52
N ALA A 21 4.12 12.82 0.65
CA ALA A 21 4.57 13.90 1.50
C ALA A 21 4.70 13.43 2.93
N ALA A 22 3.70 12.71 3.40
CA ALA A 22 3.66 12.21 4.78
C ALA A 22 4.82 11.26 5.07
N LEU A 23 5.00 10.30 4.19
CA LEU A 23 5.98 9.24 4.41
C LEU A 23 7.42 9.79 4.27
N GLU A 24 7.61 10.78 3.40
CA GLU A 24 8.93 11.40 3.24
C GLU A 24 9.22 12.32 4.42
N LYS A 25 8.16 12.75 5.11
CA LYS A 25 8.30 13.53 6.34
C LYS A 25 8.93 12.64 7.41
N MET A 26 8.36 11.44 7.53
CA MET A 26 8.87 10.42 8.42
C MET A 26 10.20 9.87 7.91
N GLY A 27 10.53 10.22 6.67
CA GLY A 27 11.79 9.84 6.06
C GLY A 27 11.82 8.38 5.63
N VAL A 28 10.65 7.81 5.37
CA VAL A 28 10.54 6.44 4.92
C VAL A 28 10.37 6.35 3.40
N THR A 29 10.95 5.33 2.79
CA THR A 29 10.81 5.10 1.38
C THR A 29 9.39 4.63 1.07
N PRO A 30 8.75 5.18 0.00
CA PRO A 30 7.39 4.79 -0.38
C PRO A 30 7.29 3.29 -0.60
N SER A 31 8.32 2.72 -1.24
CA SER A 31 8.38 1.29 -1.50
C SER A 31 8.30 0.49 -0.20
N GLU A 32 8.76 1.09 0.89
CA GLU A 32 8.75 0.43 2.19
C GLU A 32 7.38 0.54 2.85
N ALA A 33 6.80 1.72 2.87
CA ALA A 33 5.48 1.93 3.44
C ALA A 33 4.43 1.03 2.77
N LEU A 34 4.54 0.86 1.46
CA LEU A 34 3.64 -0.02 0.72
C LEU A 34 3.98 -1.50 1.02
N ARG A 35 5.24 -1.78 1.36
CA ARG A 35 5.66 -3.15 1.71
C ARG A 35 4.90 -3.62 2.92
N LEU A 36 4.92 -2.82 4.00
CA LEU A 36 4.30 -3.24 5.26
C LEU A 36 2.79 -3.35 5.10
N MET A 37 2.27 -2.61 4.12
CA MET A 37 0.87 -2.72 3.77
C MET A 37 0.60 -4.11 3.18
N LEU A 38 1.46 -4.54 2.28
CA LEU A 38 1.29 -5.82 1.60
C LEU A 38 1.39 -6.96 2.63
N GLU A 39 2.16 -6.69 3.68
CA GLU A 39 2.30 -7.66 4.77
C GLU A 39 0.96 -7.82 5.51
N TYR A 40 0.33 -6.69 5.88
CA TYR A 40 -0.88 -6.75 6.72
C TYR A 40 -2.05 -7.35 5.96
N ILE A 41 -2.13 -7.09 4.66
CA ILE A 41 -3.20 -7.63 3.84
C ILE A 41 -3.02 -9.13 3.64
N ALA A 42 -1.75 -9.56 3.53
CA ALA A 42 -1.43 -10.99 3.35
C ALA A 42 -1.85 -11.81 4.57
N ASP A 43 -1.66 -11.22 5.76
CA ASP A 43 -1.98 -11.90 7.01
C ASP A 43 -3.46 -11.81 7.36
N ASN A 44 -4.00 -10.59 7.28
CA ASN A 44 -5.37 -10.31 7.73
C ASN A 44 -6.39 -10.64 6.65
N GLU A 45 -6.00 -10.40 5.39
CA GLU A 45 -6.87 -10.67 4.25
C GLU A 45 -8.25 -10.03 4.44
N ARG A 46 -8.27 -8.76 4.83
CA ARG A 46 -9.52 -8.04 5.07
C ARG A 46 -9.41 -6.54 4.78
N LEU A 47 -8.23 -5.95 5.03
CA LEU A 47 -7.99 -4.51 4.88
C LEU A 47 -8.75 -3.72 5.96
N PRO A 48 -8.24 -2.53 6.34
CA PRO A 48 -8.86 -1.72 7.40
C PRO A 48 -10.28 -1.27 7.05
N PHE A 49 -10.52 -1.11 5.76
CA PHE A 49 -11.81 -0.63 5.25
C PHE A 49 -12.33 -1.58 4.17
N LYS A 50 -11.60 -1.63 3.06
CA LYS A 50 -11.98 -2.47 1.93
C LYS A 50 -13.34 -2.02 1.38
N GLN A 51 -13.56 -0.71 1.41
CA GLN A 51 -14.79 -0.12 0.90
C GLN A 51 -14.88 -0.32 -0.62
N THR A 52 -16.09 -0.17 -1.15
CA THR A 52 -16.34 -0.32 -2.58
C THR A 52 -16.31 1.05 -3.28
N LEU A 53 -15.84 2.06 -2.55
CA LEU A 53 -15.71 3.43 -3.05
C LEU A 53 -17.08 4.03 -3.34
N MET B 4 -5.32 10.68 -12.45
CA MET B 4 -4.52 9.78 -11.59
C MET B 4 -3.10 9.68 -12.13
N GLY B 5 -2.24 9.01 -11.37
CA GLY B 5 -0.88 8.78 -11.80
C GLY B 5 -0.38 7.42 -11.34
N SER B 6 0.62 6.90 -12.03
CA SER B 6 1.18 5.58 -11.72
C SER B 6 2.56 5.70 -11.07
N ILE B 7 2.83 4.79 -10.15
CA ILE B 7 4.13 4.69 -9.49
C ILE B 7 4.63 3.26 -9.54
N ASN B 8 5.95 3.10 -9.42
CA ASN B 8 6.56 1.80 -9.36
C ASN B 8 6.80 1.42 -7.88
N LEU B 9 6.31 0.26 -7.51
CA LEU B 9 6.45 -0.30 -6.18
C LEU B 9 7.30 -1.56 -6.28
N ARG B 10 8.15 -1.83 -5.28
CA ARG B 10 9.06 -2.97 -5.37
C ARG B 10 9.07 -3.68 -4.01
N ILE B 11 8.71 -4.95 -3.97
CA ILE B 11 8.75 -5.71 -2.72
C ILE B 11 9.23 -7.12 -2.99
N ASP B 12 9.47 -7.84 -1.91
CA ASP B 12 9.82 -9.24 -1.98
C ASP B 12 8.75 -9.98 -2.77
N ASP B 13 9.13 -10.55 -3.90
CA ASP B 13 8.19 -11.19 -4.83
C ASP B 13 7.42 -12.31 -4.13
N GLU B 14 8.02 -12.89 -3.11
CA GLU B 14 7.37 -13.92 -2.30
C GLU B 14 6.17 -13.34 -1.54
N LEU B 15 6.35 -12.13 -1.05
CA LEU B 15 5.33 -11.46 -0.25
C LEU B 15 4.24 -10.95 -1.17
N LYS B 16 4.66 -10.43 -2.32
CA LYS B 16 3.79 -10.00 -3.39
C LYS B 16 2.76 -11.08 -3.70
N ALA B 17 3.21 -12.30 -3.86
CA ALA B 17 2.36 -13.44 -4.20
C ALA B 17 1.22 -13.61 -3.18
N ARG B 18 1.54 -13.61 -1.90
CA ARG B 18 0.56 -13.86 -0.85
C ARG B 18 -0.40 -12.67 -0.69
N SER B 19 0.12 -11.45 -0.80
CA SER B 19 -0.67 -10.25 -0.66
C SER B 19 -1.72 -10.16 -1.76
N TYR B 20 -1.25 -10.24 -3.00
CA TYR B 20 -2.13 -10.19 -4.17
C TYR B 20 -3.15 -11.32 -4.11
N ALA B 21 -2.71 -12.49 -3.63
CA ALA B 21 -3.60 -13.62 -3.46
C ALA B 21 -4.75 -13.27 -2.52
N ALA B 22 -4.41 -12.63 -1.41
CA ALA B 22 -5.39 -12.27 -0.39
C ALA B 22 -6.43 -11.31 -0.95
N LEU B 23 -5.96 -10.23 -1.58
CA LEU B 23 -6.85 -9.18 -2.04
C LEU B 23 -7.70 -9.65 -3.21
N GLU B 24 -7.18 -10.58 -4.04
CA GLU B 24 -7.97 -11.10 -5.16
C GLU B 24 -8.98 -12.12 -4.63
N LYS B 25 -8.73 -12.63 -3.44
CA LYS B 25 -9.67 -13.53 -2.76
C LYS B 25 -10.90 -12.71 -2.39
N MET B 26 -10.64 -11.55 -1.80
CA MET B 26 -11.68 -10.59 -1.46
C MET B 26 -12.25 -9.94 -2.72
N GLY B 27 -11.57 -10.17 -3.84
CA GLY B 27 -12.05 -9.66 -5.14
C GLY B 27 -11.79 -8.18 -5.32
N VAL B 28 -10.80 -7.66 -4.61
CA VAL B 28 -10.46 -6.24 -4.69
C VAL B 28 -9.27 -6.04 -5.63
N THR B 29 -9.27 -4.94 -6.36
CA THR B 29 -8.15 -4.59 -7.24
C THR B 29 -6.97 -4.15 -6.38
N PRO B 30 -5.74 -4.63 -6.70
CA PRO B 30 -4.54 -4.27 -5.95
C PRO B 30 -4.35 -2.75 -5.90
N SER B 31 -4.64 -2.10 -7.02
CA SER B 31 -4.53 -0.65 -7.11
C SER B 31 -5.44 0.04 -6.08
N GLU B 32 -6.51 -0.65 -5.72
CA GLU B 32 -7.47 -0.10 -4.76
C GLU B 32 -6.99 -0.32 -3.34
N ALA B 33 -6.55 -1.52 -3.01
CA ALA B 33 -6.05 -1.83 -1.68
C ALA B 33 -4.87 -0.91 -1.31
N LEU B 34 -4.00 -0.63 -2.29
CA LEU B 34 -2.89 0.28 -2.06
C LEU B 34 -3.39 1.72 -1.96
N ARG B 35 -4.51 2.02 -2.63
CA ARG B 35 -5.10 3.35 -2.55
C ARG B 35 -5.47 3.70 -1.10
N LEU B 36 -6.24 2.80 -0.47
CA LEU B 36 -6.72 3.08 0.89
C LEU B 36 -5.56 3.15 1.87
N MET B 37 -4.47 2.51 1.51
CA MET B 37 -3.24 2.58 2.29
C MET B 37 -2.69 4.01 2.21
N LEU B 38 -2.64 4.54 0.99
CA LEU B 38 -2.11 5.87 0.78
C LEU B 38 -2.96 6.91 1.49
N GLU B 39 -4.24 6.59 1.65
CA GLU B 39 -5.14 7.45 2.40
C GLU B 39 -4.76 7.49 3.87
N TYR B 40 -4.53 6.32 4.49
CA TYR B 40 -4.32 6.25 5.94
C TYR B 40 -2.97 6.88 6.30
N ILE B 41 -1.97 6.72 5.44
CA ILE B 41 -0.64 7.29 5.71
C ILE B 41 -0.69 8.82 5.56
N ALA B 42 -1.50 9.30 4.62
CA ALA B 42 -1.65 10.74 4.40
C ALA B 42 -2.26 11.43 5.62
N ASP B 43 -3.23 10.76 6.25
CA ASP B 43 -3.94 11.31 7.41
C ASP B 43 -3.15 11.12 8.69
N ASN B 44 -2.69 9.89 8.92
CA ASN B 44 -2.05 9.52 10.18
C ASN B 44 -0.58 9.92 10.22
N GLU B 45 0.08 9.84 9.07
CA GLU B 45 1.50 10.18 8.96
C GLU B 45 2.32 9.49 10.08
N ARG B 46 2.14 8.19 10.23
CA ARG B 46 2.79 7.46 11.32
C ARG B 46 2.97 5.97 10.98
N LEU B 47 2.02 5.41 10.22
CA LEU B 47 2.04 3.97 9.86
C LEU B 47 1.75 3.12 11.10
N PRO B 48 0.77 2.20 11.02
CA PRO B 48 0.40 1.31 12.13
C PRO B 48 1.53 0.34 12.44
N PHE B 49 2.18 -0.17 11.38
CA PHE B 49 3.29 -1.09 11.54
C PHE B 49 4.61 -0.35 11.41
N LYS B 50 4.66 0.52 10.41
CA LYS B 50 5.87 1.25 10.08
C LYS B 50 7.02 0.27 9.82
N GLN B 51 6.64 -0.89 9.26
CA GLN B 51 7.57 -1.98 8.93
C GLN B 51 8.39 -2.46 10.13
N THR B 52 9.03 -3.59 9.96
CA THR B 52 9.94 -4.13 10.94
C THR B 52 10.99 -4.99 10.23
N LEU B 53 11.88 -4.32 9.49
CA LEU B 53 12.96 -4.96 8.77
C LEU B 53 13.94 -5.62 9.75
N MET A 4 12.54 -10.15 -5.63
CA MET A 4 11.78 -8.88 -5.68
C MET A 4 11.39 -8.53 -7.10
N GLY A 5 10.17 -8.04 -7.26
CA GLY A 5 9.70 -7.61 -8.56
C GLY A 5 8.97 -6.28 -8.47
N SER A 6 8.75 -5.65 -9.62
CA SER A 6 8.11 -4.35 -9.69
C SER A 6 6.72 -4.43 -10.32
N ILE A 7 5.78 -3.67 -9.77
CA ILE A 7 4.40 -3.64 -10.24
C ILE A 7 3.99 -2.19 -10.46
N ASN A 8 2.87 -2.00 -11.17
CA ASN A 8 2.35 -0.66 -11.44
C ASN A 8 1.13 -0.39 -10.57
N LEU A 9 1.17 0.72 -9.86
CA LEU A 9 0.08 1.15 -8.98
C LEU A 9 -0.53 2.42 -9.58
N ARG A 10 -1.85 2.63 -9.45
CA ARG A 10 -2.52 3.76 -10.09
C ARG A 10 -3.53 4.33 -9.12
N ILE A 11 -3.35 5.59 -8.72
CA ILE A 11 -4.25 6.24 -7.76
C ILE A 11 -4.42 7.70 -8.08
N ASP A 12 -5.36 8.35 -7.41
CA ASP A 12 -5.54 9.78 -7.52
C ASP A 12 -4.25 10.49 -7.15
N ASP A 13 -3.72 11.30 -8.06
CA ASP A 13 -2.47 12.04 -7.81
C ASP A 13 -2.57 12.90 -6.56
N GLU A 14 -3.79 13.34 -6.27
CA GLU A 14 -4.05 14.16 -5.10
C GLU A 14 -3.72 13.38 -3.81
N LEU A 15 -4.08 12.11 -3.81
CA LEU A 15 -3.91 11.27 -2.64
C LEU A 15 -2.46 10.81 -2.55
N LYS A 16 -1.91 10.48 -3.73
CA LYS A 16 -0.50 10.13 -3.87
C LYS A 16 0.39 11.15 -3.19
N ALA A 17 0.23 12.41 -3.54
CA ALA A 17 1.04 13.51 -3.01
C ALA A 17 1.04 13.52 -1.48
N ARG A 18 -0.15 13.46 -0.87
CA ARG A 18 -0.27 13.52 0.60
C ARG A 18 0.35 12.30 1.27
N SER A 19 0.15 11.14 0.65
CA SER A 19 0.71 9.89 1.17
C SER A 19 2.24 9.95 1.21
N TYR A 20 2.83 10.25 0.05
CA TYR A 20 4.28 10.37 -0.05
C TYR A 20 4.81 11.41 0.92
N ALA A 21 4.04 12.48 1.10
CA ALA A 21 4.42 13.54 2.04
C ALA A 21 4.56 12.99 3.47
N ALA A 22 3.61 12.16 3.87
CA ALA A 22 3.61 11.56 5.20
C ALA A 22 4.82 10.65 5.40
N LEU A 23 5.03 9.74 4.46
CA LEU A 23 6.06 8.70 4.61
C LEU A 23 7.48 9.27 4.47
N GLU A 24 7.66 10.31 3.65
CA GLU A 24 8.97 10.95 3.51
C GLU A 24 9.33 11.70 4.80
N LYS A 25 8.31 12.08 5.53
CA LYS A 25 8.47 12.75 6.83
C LYS A 25 8.90 11.72 7.87
N MET A 26 8.21 10.58 7.83
CA MET A 26 8.52 9.44 8.71
C MET A 26 9.87 8.83 8.34
N GLY A 27 10.39 9.23 7.19
CA GLY A 27 11.67 8.71 6.74
C GLY A 27 11.58 7.30 6.21
N VAL A 28 10.40 6.93 5.74
CA VAL A 28 10.16 5.60 5.19
C VAL A 28 9.98 5.70 3.68
N THR A 29 10.73 4.89 2.94
CA THR A 29 10.63 4.83 1.49
C THR A 29 9.22 4.38 1.07
N PRO A 30 8.63 5.05 0.05
CA PRO A 30 7.29 4.71 -0.45
C PRO A 30 7.13 3.20 -0.69
N SER A 31 8.05 2.61 -1.44
CA SER A 31 8.01 1.19 -1.75
C SER A 31 7.98 0.33 -0.49
N GLU A 32 8.55 0.87 0.60
CA GLU A 32 8.62 0.15 1.87
C GLU A 32 7.30 0.23 2.62
N ALA A 33 6.70 1.43 2.68
CA ALA A 33 5.40 1.60 3.31
C ALA A 33 4.34 0.75 2.61
N LEU A 34 4.46 0.61 1.29
CA LEU A 34 3.56 -0.25 0.54
C LEU A 34 3.91 -1.73 0.82
N ARG A 35 5.19 -2.00 1.03
CA ARG A 35 5.64 -3.37 1.33
C ARG A 35 4.96 -3.88 2.59
N LEU A 36 4.98 -3.06 3.64
CA LEU A 36 4.41 -3.45 4.92
C LEU A 36 2.87 -3.51 4.84
N MET A 37 2.32 -2.80 3.87
CA MET A 37 0.90 -2.91 3.57
C MET A 37 0.58 -4.31 3.05
N LEU A 38 1.44 -4.80 2.16
CA LEU A 38 1.24 -6.09 1.53
C LEU A 38 1.29 -7.19 2.60
N GLU A 39 2.06 -6.91 3.65
CA GLU A 39 2.13 -7.80 4.80
C GLU A 39 0.77 -7.91 5.50
N TYR A 40 0.18 -6.76 5.87
CA TYR A 40 -1.03 -6.77 6.71
C TYR A 40 -2.24 -7.29 5.97
N ILE A 41 -2.30 -7.06 4.66
CA ILE A 41 -3.42 -7.55 3.86
C ILE A 41 -3.34 -9.07 3.72
N ALA A 42 -2.13 -9.58 3.48
CA ALA A 42 -1.91 -11.01 3.30
C ALA A 42 -2.31 -11.80 4.54
N ASP A 43 -2.09 -11.18 5.70
CA ASP A 43 -2.38 -11.82 6.99
C ASP A 43 -3.84 -11.64 7.39
N ASN A 44 -4.31 -10.40 7.39
CA ASN A 44 -5.62 -10.06 7.93
C ASN A 44 -6.74 -10.21 6.90
N GLU A 45 -6.41 -10.03 5.62
CA GLU A 45 -7.39 -10.21 4.53
C GLU A 45 -8.68 -9.38 4.75
N ARG A 46 -8.54 -8.21 5.36
CA ARG A 46 -9.73 -7.39 5.71
C ARG A 46 -9.62 -5.94 5.21
N LEU A 47 -8.45 -5.32 5.38
CA LEU A 47 -8.27 -3.90 5.06
C LEU A 47 -9.09 -3.01 6.03
N PRO A 48 -8.63 -1.77 6.27
CA PRO A 48 -9.31 -0.85 7.21
C PRO A 48 -10.75 -0.53 6.78
N PHE A 49 -10.94 -0.23 5.49
CA PHE A 49 -12.25 0.13 4.95
C PHE A 49 -12.58 -0.74 3.74
N LYS A 50 -11.80 -0.54 2.68
CA LYS A 50 -11.98 -1.25 1.42
C LYS A 50 -13.21 -0.74 0.67
N GLN A 51 -13.20 0.55 0.33
CA GLN A 51 -14.13 1.08 -0.67
C GLN A 51 -13.84 0.42 -2.03
N THR A 52 -14.63 0.75 -3.04
CA THR A 52 -14.42 0.22 -4.39
C THR A 52 -14.75 1.28 -5.46
N LEU A 53 -15.61 2.25 -5.10
CA LEU A 53 -15.99 3.35 -5.98
C LEU A 53 -16.78 2.83 -7.19
N MET B 4 -5.26 10.96 -11.79
CA MET B 4 -4.65 9.68 -11.40
C MET B 4 -3.34 9.45 -12.17
N GLY B 5 -2.35 8.92 -11.47
CA GLY B 5 -1.05 8.60 -12.07
C GLY B 5 -0.58 7.24 -11.66
N SER B 6 0.42 6.71 -12.37
CA SER B 6 0.97 5.39 -12.08
C SER B 6 2.38 5.49 -11.54
N ILE B 7 2.70 4.64 -10.55
CA ILE B 7 4.01 4.59 -9.93
C ILE B 7 4.52 3.15 -9.94
N ASN B 8 5.81 2.99 -9.65
CA ASN B 8 6.41 1.67 -9.64
C ASN B 8 6.68 1.26 -8.18
N LEU B 9 6.20 0.08 -7.83
CA LEU B 9 6.36 -0.47 -6.49
C LEU B 9 7.26 -1.72 -6.59
N ARG B 10 8.12 -1.98 -5.59
CA ARG B 10 9.09 -3.07 -5.70
C ARG B 10 9.13 -3.80 -4.34
N ILE B 11 8.77 -5.07 -4.32
CA ILE B 11 8.76 -5.85 -3.08
C ILE B 11 9.18 -7.28 -3.35
N ASP B 12 9.39 -8.04 -2.29
CA ASP B 12 9.65 -9.45 -2.37
C ASP B 12 8.51 -10.15 -3.10
N ASP B 13 8.80 -10.85 -4.19
CA ASP B 13 7.78 -11.54 -4.98
C ASP B 13 7.00 -12.52 -4.11
N GLU B 14 7.67 -13.05 -3.10
CA GLU B 14 7.06 -13.99 -2.18
C GLU B 14 5.90 -13.32 -1.45
N LEU B 15 6.09 -12.07 -1.05
CA LEU B 15 5.10 -11.34 -0.27
C LEU B 15 4.00 -10.86 -1.19
N LYS B 16 4.43 -10.39 -2.36
CA LYS B 16 3.52 -9.94 -3.42
C LYS B 16 2.44 -11.00 -3.68
N ALA B 17 2.87 -12.23 -3.93
CA ALA B 17 1.97 -13.31 -4.27
C ALA B 17 0.88 -13.50 -3.19
N ARG B 18 1.29 -13.55 -1.92
CA ARG B 18 0.34 -13.78 -0.81
C ARG B 18 -0.61 -12.59 -0.67
N SER B 19 -0.10 -11.38 -0.84
CA SER B 19 -0.91 -10.16 -0.73
C SER B 19 -2.00 -10.16 -1.80
N TYR B 20 -1.59 -10.32 -3.04
CA TYR B 20 -2.52 -10.36 -4.15
C TYR B 20 -3.56 -11.48 -3.96
N ALA B 21 -3.11 -12.60 -3.40
CA ALA B 21 -3.99 -13.72 -3.12
C ALA B 21 -5.11 -13.32 -2.16
N ALA B 22 -4.78 -12.57 -1.13
CA ALA B 22 -5.74 -12.12 -0.15
C ALA B 22 -6.78 -11.19 -0.77
N LEU B 23 -6.29 -10.17 -1.47
CA LEU B 23 -7.14 -9.12 -2.00
C LEU B 23 -8.04 -9.60 -3.15
N GLU B 24 -7.55 -10.54 -3.96
CA GLU B 24 -8.35 -11.10 -5.04
C GLU B 24 -9.48 -11.94 -4.48
N LYS B 25 -9.27 -12.47 -3.27
CA LYS B 25 -10.29 -13.25 -2.57
C LYS B 25 -11.36 -12.31 -2.03
N MET B 26 -10.90 -11.21 -1.45
CA MET B 26 -11.76 -10.15 -0.94
C MET B 26 -12.49 -9.45 -2.09
N GLY B 27 -12.02 -9.71 -3.31
CA GLY B 27 -12.63 -9.11 -4.48
C GLY B 27 -12.26 -7.64 -4.62
N VAL B 28 -11.09 -7.28 -4.08
CA VAL B 28 -10.60 -5.92 -4.17
C VAL B 28 -9.38 -5.86 -5.09
N THR B 29 -9.43 -4.95 -6.06
CA THR B 29 -8.34 -4.74 -7.00
C THR B 29 -7.06 -4.32 -6.26
N PRO B 30 -5.89 -4.88 -6.61
CA PRO B 30 -4.61 -4.55 -5.97
C PRO B 30 -4.38 -3.05 -5.87
N SER B 31 -4.52 -2.37 -6.99
CA SER B 31 -4.35 -0.90 -7.05
C SER B 31 -5.27 -0.19 -6.05
N GLU B 32 -6.42 -0.80 -5.75
CA GLU B 32 -7.38 -0.21 -4.84
C GLU B 32 -6.98 -0.43 -3.37
N ALA B 33 -6.56 -1.65 -3.03
CA ALA B 33 -6.07 -1.95 -1.69
C ALA B 33 -4.86 -1.07 -1.34
N LEU B 34 -4.03 -0.81 -2.34
CA LEU B 34 -2.89 0.09 -2.15
C LEU B 34 -3.38 1.54 -2.04
N ARG B 35 -4.45 1.85 -2.78
CA ARG B 35 -5.05 3.19 -2.76
C ARG B 35 -5.48 3.56 -1.33
N LEU B 36 -6.20 2.63 -0.69
CA LEU B 36 -6.72 2.87 0.65
C LEU B 36 -5.60 2.85 1.67
N MET B 37 -4.48 2.24 1.33
CA MET B 37 -3.27 2.31 2.14
C MET B 37 -2.74 3.74 2.14
N LEU B 38 -2.74 4.34 0.97
CA LEU B 38 -2.21 5.71 0.80
C LEU B 38 -3.04 6.67 1.60
N GLU B 39 -4.30 6.32 1.79
CA GLU B 39 -5.20 7.09 2.63
C GLU B 39 -4.76 7.06 4.09
N TYR B 40 -4.53 5.85 4.64
CA TYR B 40 -4.30 5.74 6.07
C TYR B 40 -2.93 6.29 6.48
N ILE B 41 -1.94 6.19 5.57
CA ILE B 41 -0.62 6.72 5.87
C ILE B 41 -0.65 8.24 5.85
N ALA B 42 -1.33 8.82 4.90
CA ALA B 42 -1.42 10.27 4.76
C ALA B 42 -2.07 10.89 6.00
N ASP B 43 -3.01 10.19 6.59
CA ASP B 43 -3.74 10.68 7.77
C ASP B 43 -2.98 10.40 9.06
N ASN B 44 -2.62 9.14 9.26
CA ASN B 44 -2.05 8.69 10.53
C ASN B 44 -0.54 8.93 10.63
N GLU B 45 0.11 8.95 9.48
CA GLU B 45 1.57 9.13 9.41
C GLU B 45 2.29 8.23 10.44
N ARG B 46 1.89 6.96 10.52
CA ARG B 46 2.42 6.06 11.53
C ARG B 46 2.74 4.67 10.96
N LEU B 47 1.84 4.15 10.11
CA LEU B 47 1.99 2.79 9.55
C LEU B 47 1.89 1.71 10.65
N PRO B 48 1.45 0.48 10.28
CA PRO B 48 1.38 -0.63 11.23
C PRO B 48 2.78 -1.18 11.59
N PHE B 49 3.62 -1.45 10.58
CA PHE B 49 4.96 -2.03 10.79
C PHE B 49 5.98 -0.90 10.93
N LYS B 50 5.84 0.10 10.05
CA LYS B 50 6.54 1.41 10.13
C LYS B 50 8.07 1.37 10.05
N GLN B 51 8.72 0.28 10.45
CA GLN B 51 10.19 0.18 10.45
C GLN B 51 10.82 1.32 11.27
N THR B 52 10.83 2.51 10.66
CA THR B 52 11.35 3.71 11.28
C THR B 52 12.84 3.58 11.55
N LEU B 53 13.59 3.26 10.50
CA LEU B 53 15.04 3.13 10.58
C LEU B 53 15.70 4.10 9.58
N MET A 4 12.38 -10.41 -5.90
CA MET A 4 11.53 -9.19 -5.83
C MET A 4 10.88 -8.92 -7.17
N GLY A 5 9.75 -8.22 -7.13
CA GLY A 5 9.07 -7.83 -8.35
C GLY A 5 8.48 -6.44 -8.21
N SER A 6 8.34 -5.76 -9.32
CA SER A 6 7.77 -4.42 -9.34
C SER A 6 6.39 -4.43 -9.98
N ILE A 7 5.47 -3.64 -9.39
CA ILE A 7 4.10 -3.57 -9.87
C ILE A 7 3.71 -2.11 -10.09
N ASN A 8 2.62 -1.91 -10.81
CA ASN A 8 2.13 -0.54 -11.05
C ASN A 8 0.95 -0.25 -10.13
N LEU A 9 1.00 0.92 -9.52
CA LEU A 9 -0.08 1.41 -8.68
C LEU A 9 -0.74 2.58 -9.43
N ARG A 10 -2.03 2.82 -9.24
CA ARG A 10 -2.72 3.93 -9.89
C ARG A 10 -3.63 4.60 -8.87
N ILE A 11 -3.29 5.81 -8.44
CA ILE A 11 -4.12 6.54 -7.47
C ILE A 11 -4.27 8.00 -7.90
N ASP A 12 -5.10 8.74 -7.20
CA ASP A 12 -5.22 10.16 -7.46
C ASP A 12 -3.90 10.84 -7.13
N ASP A 13 -3.37 11.58 -8.10
CA ASP A 13 -2.05 12.21 -7.94
C ASP A 13 -2.04 13.23 -6.82
N GLU A 14 -3.21 13.81 -6.51
CA GLU A 14 -3.31 14.75 -5.40
C GLU A 14 -3.13 14.02 -4.07
N LEU A 15 -3.59 12.79 -4.01
CA LEU A 15 -3.49 11.99 -2.81
C LEU A 15 -2.07 11.48 -2.67
N LYS A 16 -1.51 11.07 -3.81
CA LYS A 16 -0.14 10.62 -3.91
C LYS A 16 0.81 11.64 -3.30
N ALA A 17 0.54 12.92 -3.55
CA ALA A 17 1.35 14.00 -3.03
C ALA A 17 1.41 13.96 -1.50
N ARG A 18 0.22 13.90 -0.88
CA ARG A 18 0.11 13.96 0.59
C ARG A 18 0.71 12.71 1.24
N SER A 19 0.39 11.54 0.69
CA SER A 19 0.84 10.28 1.24
C SER A 19 2.36 10.16 1.22
N TYR A 20 2.93 10.39 0.03
CA TYR A 20 4.37 10.30 -0.16
C TYR A 20 5.10 11.35 0.65
N ALA A 21 4.49 12.53 0.77
CA ALA A 21 5.04 13.60 1.58
C ALA A 21 5.14 13.17 3.04
N ALA A 22 4.07 12.54 3.52
CA ALA A 22 4.01 12.09 4.91
C ALA A 22 5.10 11.08 5.23
N LEU A 23 5.32 10.11 4.33
CA LEU A 23 6.28 9.03 4.58
C LEU A 23 7.72 9.48 4.39
N GLU A 24 7.93 10.45 3.48
CA GLU A 24 9.28 11.00 3.29
C GLU A 24 9.63 11.96 4.43
N LYS A 25 8.60 12.39 5.15
CA LYS A 25 8.78 13.17 6.37
C LYS A 25 9.43 12.27 7.41
N MET A 26 8.90 11.08 7.54
CA MET A 26 9.40 10.07 8.45
C MET A 26 10.66 9.38 7.90
N GLY A 27 11.00 9.71 6.64
CA GLY A 27 12.24 9.20 6.04
C GLY A 27 12.13 7.74 5.63
N VAL A 28 10.91 7.28 5.39
CA VAL A 28 10.69 5.90 4.96
C VAL A 28 10.49 5.86 3.44
N THR A 29 10.97 4.80 2.80
CA THR A 29 10.78 4.62 1.38
C THR A 29 9.29 4.29 1.09
N PRO A 30 8.68 4.92 0.05
CA PRO A 30 7.29 4.61 -0.33
C PRO A 30 7.11 3.10 -0.57
N SER A 31 8.05 2.51 -1.30
CA SER A 31 8.02 1.08 -1.61
C SER A 31 8.04 0.26 -0.30
N GLU A 32 8.62 0.82 0.74
CA GLU A 32 8.68 0.15 2.05
C GLU A 32 7.33 0.20 2.75
N ALA A 33 6.75 1.39 2.85
CA ALA A 33 5.43 1.58 3.44
C ALA A 33 4.38 0.72 2.75
N LEU A 34 4.47 0.65 1.42
CA LEU A 34 3.57 -0.17 0.62
C LEU A 34 3.86 -1.64 0.86
N ARG A 35 5.13 -1.97 1.06
CA ARG A 35 5.55 -3.33 1.39
C ARG A 35 4.86 -3.81 2.67
N LEU A 36 4.80 -2.90 3.67
CA LEU A 36 4.16 -3.22 4.95
C LEU A 36 2.70 -3.58 4.72
N MET A 37 2.03 -2.67 4.00
CA MET A 37 0.63 -2.83 3.68
C MET A 37 0.34 -4.22 3.11
N LEU A 38 1.18 -4.68 2.16
CA LEU A 38 0.94 -5.94 1.51
C LEU A 38 1.01 -7.08 2.51
N GLU A 39 1.81 -6.88 3.55
CA GLU A 39 1.95 -7.87 4.59
C GLU A 39 0.65 -8.02 5.40
N TYR A 40 -0.02 -6.91 5.67
CA TYR A 40 -1.24 -6.95 6.50
C TYR A 40 -2.42 -7.50 5.71
N ILE A 41 -2.47 -7.22 4.41
CA ILE A 41 -3.54 -7.76 3.57
C ILE A 41 -3.34 -9.26 3.34
N ALA A 42 -2.09 -9.68 3.21
CA ALA A 42 -1.76 -11.09 3.01
C ALA A 42 -2.10 -11.92 4.25
N ASP A 43 -1.81 -11.37 5.42
CA ASP A 43 -2.04 -12.06 6.70
C ASP A 43 -3.51 -12.03 7.12
N ASN A 44 -4.09 -10.83 7.12
CA ASN A 44 -5.45 -10.62 7.63
C ASN A 44 -6.51 -10.95 6.58
N GLU A 45 -6.17 -10.72 5.31
CA GLU A 45 -7.07 -11.01 4.19
C GLU A 45 -8.49 -10.50 4.45
N ARG A 46 -8.58 -9.26 4.94
CA ARG A 46 -9.90 -8.70 5.32
C ARG A 46 -9.96 -7.19 5.10
N LEU A 47 -8.84 -6.49 5.30
CA LEU A 47 -8.79 -5.02 5.15
C LEU A 47 -9.67 -4.35 6.24
N PRO A 48 -9.50 -3.03 6.48
CA PRO A 48 -10.31 -2.29 7.46
C PRO A 48 -11.81 -2.32 7.12
N PHE A 49 -12.12 -2.11 5.84
CA PHE A 49 -13.52 -2.07 5.38
C PHE A 49 -13.76 -2.96 4.15
N LYS A 50 -12.67 -3.50 3.59
CA LYS A 50 -12.70 -4.31 2.38
C LYS A 50 -13.69 -3.80 1.31
N GLN A 51 -13.81 -2.48 1.24
CA GLN A 51 -14.56 -1.85 0.16
C GLN A 51 -13.81 -2.04 -1.15
N THR A 52 -14.50 -1.85 -2.28
CA THR A 52 -13.79 -1.72 -3.54
C THR A 52 -13.06 -0.39 -3.51
N LEU A 53 -13.84 0.66 -3.25
CA LEU A 53 -13.32 1.99 -2.94
C LEU A 53 -14.47 2.97 -2.84
N MET B 4 -4.91 11.35 -12.10
CA MET B 4 -4.31 10.11 -11.54
C MET B 4 -2.88 9.94 -12.02
N GLY B 5 -2.10 9.21 -11.24
CA GLY B 5 -0.74 8.88 -11.63
C GLY B 5 -0.37 7.48 -11.22
N SER B 6 0.56 6.90 -11.96
CA SER B 6 1.01 5.54 -11.68
C SER B 6 2.44 5.54 -11.12
N ILE B 7 2.69 4.69 -10.14
CA ILE B 7 3.99 4.60 -9.49
C ILE B 7 4.47 3.16 -9.51
N ASN B 8 5.76 2.95 -9.25
CA ASN B 8 6.33 1.63 -9.18
C ASN B 8 6.49 1.20 -7.71
N LEU B 9 6.06 0.00 -7.43
CA LEU B 9 6.23 -0.62 -6.11
C LEU B 9 7.28 -1.73 -6.27
N ARG B 10 8.04 -2.03 -5.22
CA ARG B 10 9.03 -3.10 -5.28
C ARG B 10 8.96 -3.89 -3.97
N ILE B 11 8.49 -5.14 -4.04
CA ILE B 11 8.38 -5.97 -2.84
C ILE B 11 8.85 -7.39 -3.17
N ASP B 12 8.96 -8.22 -2.15
CA ASP B 12 9.31 -9.62 -2.38
C ASP B 12 8.18 -10.30 -3.15
N ASP B 13 8.52 -10.92 -4.28
CA ASP B 13 7.53 -11.49 -5.15
C ASP B 13 6.74 -12.62 -4.48
N GLU B 14 7.36 -13.26 -3.49
CA GLU B 14 6.66 -14.30 -2.72
C GLU B 14 5.56 -13.70 -1.87
N LEU B 15 5.79 -12.48 -1.38
CA LEU B 15 4.83 -11.80 -0.54
C LEU B 15 3.71 -11.26 -1.46
N LYS B 16 4.14 -10.72 -2.60
CA LYS B 16 3.23 -10.22 -3.60
C LYS B 16 2.17 -11.25 -3.98
N ALA B 17 2.60 -12.52 -4.03
CA ALA B 17 1.68 -13.61 -4.36
C ALA B 17 0.55 -13.70 -3.34
N ARG B 18 0.92 -13.75 -2.06
CA ARG B 18 -0.05 -13.93 -0.98
C ARG B 18 -0.98 -12.73 -0.85
N SER B 19 -0.40 -11.53 -0.90
CA SER B 19 -1.17 -10.30 -0.70
C SER B 19 -2.21 -10.14 -1.82
N TYR B 20 -1.74 -10.23 -3.06
CA TYR B 20 -2.61 -10.06 -4.23
C TYR B 20 -3.65 -11.17 -4.28
N ALA B 21 -3.27 -12.36 -3.87
CA ALA B 21 -4.19 -13.50 -3.80
C ALA B 21 -5.33 -13.19 -2.82
N ALA B 22 -4.96 -12.64 -1.67
CA ALA B 22 -5.93 -12.33 -0.62
C ALA B 22 -6.95 -11.30 -1.08
N LEU B 23 -6.50 -10.26 -1.80
CA LEU B 23 -7.36 -9.18 -2.21
C LEU B 23 -8.22 -9.58 -3.42
N GLU B 24 -7.70 -10.45 -4.28
CA GLU B 24 -8.49 -10.90 -5.44
C GLU B 24 -9.51 -11.94 -4.97
N LYS B 25 -9.29 -12.49 -3.78
CA LYS B 25 -10.24 -13.37 -3.13
C LYS B 25 -11.49 -12.56 -2.79
N MET B 26 -11.25 -11.38 -2.22
CA MET B 26 -12.29 -10.43 -1.86
C MET B 26 -12.81 -9.68 -3.07
N GLY B 27 -12.13 -9.86 -4.22
CA GLY B 27 -12.59 -9.26 -5.47
C GLY B 27 -12.27 -7.78 -5.55
N VAL B 28 -11.27 -7.33 -4.81
CA VAL B 28 -10.86 -5.93 -4.82
C VAL B 28 -9.61 -5.77 -5.72
N THR B 29 -9.52 -4.62 -6.40
CA THR B 29 -8.38 -4.33 -7.24
C THR B 29 -7.17 -4.01 -6.37
N PRO B 30 -5.98 -4.57 -6.68
CA PRO B 30 -4.75 -4.28 -5.93
C PRO B 30 -4.52 -2.78 -5.83
N SER B 31 -4.66 -2.09 -6.95
CA SER B 31 -4.49 -0.64 -7.02
C SER B 31 -5.46 0.08 -6.05
N GLU B 32 -6.60 -0.57 -5.78
CA GLU B 32 -7.60 -0.01 -4.88
C GLU B 32 -7.17 -0.18 -3.43
N ALA B 33 -6.77 -1.40 -3.06
CA ALA B 33 -6.29 -1.68 -1.72
C ALA B 33 -5.10 -0.80 -1.36
N LEU B 34 -4.20 -0.62 -2.33
CA LEU B 34 -3.04 0.24 -2.18
C LEU B 34 -3.47 1.72 -2.08
N ARG B 35 -4.53 2.07 -2.82
CA ARG B 35 -5.10 3.41 -2.77
C ARG B 35 -5.58 3.73 -1.35
N LEU B 36 -6.20 2.75 -0.71
CA LEU B 36 -6.68 2.91 0.68
C LEU B 36 -5.50 3.23 1.58
N MET B 37 -4.49 2.38 1.51
CA MET B 37 -3.28 2.52 2.30
C MET B 37 -2.72 3.93 2.24
N LEU B 38 -2.66 4.49 1.03
CA LEU B 38 -2.08 5.81 0.84
C LEU B 38 -2.90 6.85 1.59
N GLU B 39 -4.18 6.60 1.71
CA GLU B 39 -5.08 7.49 2.44
C GLU B 39 -4.75 7.52 3.92
N TYR B 40 -4.42 6.36 4.50
CA TYR B 40 -4.19 6.28 5.95
C TYR B 40 -2.81 6.86 6.30
N ILE B 41 -1.83 6.70 5.41
CA ILE B 41 -0.51 7.27 5.65
C ILE B 41 -0.54 8.81 5.47
N ALA B 42 -1.34 9.27 4.54
CA ALA B 42 -1.49 10.71 4.29
C ALA B 42 -2.17 11.40 5.46
N ASP B 43 -3.20 10.76 6.01
CA ASP B 43 -3.98 11.32 7.12
C ASP B 43 -3.25 11.19 8.45
N ASN B 44 -2.80 9.97 8.78
CA ASN B 44 -2.22 9.68 10.08
C ASN B 44 -0.74 10.07 10.14
N GLU B 45 -0.07 9.94 9.00
CA GLU B 45 1.34 10.35 8.87
C GLU B 45 2.23 9.67 9.92
N ARG B 46 1.91 8.41 10.25
CA ARG B 46 2.65 7.70 11.32
C ARG B 46 3.11 6.31 10.91
N LEU B 47 2.24 5.52 10.29
CA LEU B 47 2.53 4.11 9.99
C LEU B 47 2.70 3.30 11.29
N PRO B 48 2.30 2.01 11.28
CA PRO B 48 2.38 1.16 12.47
C PRO B 48 3.80 0.69 12.78
N PHE B 49 4.70 0.83 11.81
CA PHE B 49 6.06 0.33 11.97
C PHE B 49 7.04 1.23 11.22
N LYS B 50 6.63 1.64 10.01
CA LYS B 50 7.50 2.35 9.10
C LYS B 50 8.56 1.33 8.66
N GLN B 51 9.58 1.19 9.49
CA GLN B 51 10.61 0.16 9.36
C GLN B 51 10.66 -0.54 10.71
N THR B 52 11.30 0.16 11.65
CA THR B 52 11.11 -0.06 13.06
C THR B 52 11.40 1.27 13.76
N LEU B 53 11.14 2.34 13.01
CA LEU B 53 11.59 3.69 13.36
C LEU B 53 10.65 4.35 14.37
N MET A 4 13.16 -9.92 -5.41
CA MET A 4 12.24 -8.76 -5.46
C MET A 4 11.80 -8.45 -6.89
N GLY A 5 10.57 -7.98 -7.03
CA GLY A 5 10.04 -7.54 -8.30
C GLY A 5 9.33 -6.23 -8.19
N SER A 6 9.07 -5.59 -9.31
CA SER A 6 8.37 -4.30 -9.34
C SER A 6 6.95 -4.44 -9.90
N ILE A 7 6.02 -3.72 -9.31
CA ILE A 7 4.64 -3.67 -9.76
C ILE A 7 4.27 -2.24 -10.09
N ASN A 8 3.25 -2.05 -10.91
CA ASN A 8 2.77 -0.71 -11.24
C ASN A 8 1.49 -0.43 -10.46
N LEU A 9 1.48 0.71 -9.77
CA LEU A 9 0.32 1.13 -9.00
C LEU A 9 -0.23 2.41 -9.64
N ARG A 10 -1.55 2.63 -9.61
CA ARG A 10 -2.16 3.74 -10.31
C ARG A 10 -3.21 4.38 -9.41
N ILE A 11 -3.01 5.64 -9.02
CA ILE A 11 -3.93 6.34 -8.14
C ILE A 11 -4.00 7.80 -8.52
N ASP A 12 -4.95 8.54 -7.94
CA ASP A 12 -5.06 9.96 -8.21
C ASP A 12 -3.83 10.67 -7.66
N ASP A 13 -3.23 11.53 -8.47
CA ASP A 13 -1.97 12.16 -8.11
C ASP A 13 -2.08 12.96 -6.81
N GLU A 14 -3.29 13.47 -6.54
CA GLU A 14 -3.50 14.28 -5.34
C GLU A 14 -3.31 13.46 -4.08
N LEU A 15 -3.74 12.20 -4.09
CA LEU A 15 -3.69 11.35 -2.91
C LEU A 15 -2.26 10.83 -2.77
N LYS A 16 -1.69 10.46 -3.90
CA LYS A 16 -0.30 10.06 -3.99
C LYS A 16 0.62 11.05 -3.27
N ALA A 17 0.52 12.30 -3.66
CA ALA A 17 1.32 13.39 -3.07
C ALA A 17 1.26 13.37 -1.54
N ARG A 18 0.05 13.30 -0.98
CA ARG A 18 -0.14 13.33 0.48
C ARG A 18 0.51 12.11 1.13
N SER A 19 0.37 10.95 0.51
CA SER A 19 0.92 9.69 1.03
C SER A 19 2.45 9.78 1.09
N TYR A 20 3.06 10.00 -0.07
CA TYR A 20 4.52 10.10 -0.17
C TYR A 20 5.07 11.17 0.79
N ALA A 21 4.33 12.27 0.93
CA ALA A 21 4.75 13.35 1.83
C ALA A 21 4.79 12.86 3.28
N ALA A 22 3.72 12.22 3.71
CA ALA A 22 3.57 11.75 5.10
C ALA A 22 4.72 10.82 5.48
N LEU A 23 5.04 9.87 4.61
CA LEU A 23 6.03 8.84 4.93
C LEU A 23 7.46 9.39 4.88
N GLU A 24 7.73 10.29 3.92
CA GLU A 24 9.07 10.87 3.80
C GLU A 24 9.36 11.80 4.98
N LYS A 25 8.29 12.31 5.58
CA LYS A 25 8.37 13.14 6.78
C LYS A 25 8.70 12.26 7.98
N MET A 26 7.99 11.14 8.06
CA MET A 26 8.27 10.09 9.06
C MET A 26 9.66 9.54 8.88
N GLY A 27 10.26 9.76 7.73
CA GLY A 27 11.59 9.23 7.42
C GLY A 27 11.54 7.82 6.86
N VAL A 28 10.32 7.40 6.48
CA VAL A 28 10.11 6.07 5.94
C VAL A 28 10.22 6.07 4.41
N THR A 29 10.85 5.05 3.86
CA THR A 29 10.95 4.88 2.44
C THR A 29 9.60 4.41 1.87
N PRO A 30 9.12 5.00 0.74
CA PRO A 30 7.83 4.62 0.14
C PRO A 30 7.73 3.11 -0.05
N SER A 31 8.77 2.52 -0.63
CA SER A 31 8.82 1.06 -0.87
C SER A 31 8.52 0.30 0.41
N GLU A 32 8.85 0.87 1.55
CA GLU A 32 8.66 0.21 2.84
C GLU A 32 7.20 0.31 3.26
N ALA A 33 6.63 1.51 3.22
CA ALA A 33 5.24 1.71 3.63
C ALA A 33 4.27 0.85 2.84
N LEU A 34 4.52 0.66 1.53
CA LEU A 34 3.65 -0.17 0.71
C LEU A 34 3.91 -1.65 1.06
N ARG A 35 5.17 -1.97 1.39
CA ARG A 35 5.55 -3.34 1.72
C ARG A 35 4.80 -3.82 2.99
N LEU A 36 4.76 -2.99 4.02
CA LEU A 36 4.07 -3.35 5.27
C LEU A 36 2.59 -3.47 5.03
N MET A 37 2.09 -2.76 4.02
CA MET A 37 0.69 -2.87 3.63
C MET A 37 0.42 -4.25 3.07
N LEU A 38 1.33 -4.73 2.23
CA LEU A 38 1.19 -6.04 1.61
C LEU A 38 1.16 -7.13 2.67
N GLU A 39 1.85 -6.85 3.78
CA GLU A 39 1.87 -7.77 4.91
C GLU A 39 0.49 -7.88 5.55
N TYR A 40 -0.15 -6.74 5.85
CA TYR A 40 -1.38 -6.76 6.63
C TYR A 40 -2.56 -7.30 5.80
N ILE A 41 -2.55 -7.04 4.49
CA ILE A 41 -3.65 -7.51 3.62
C ILE A 41 -3.60 -9.04 3.52
N ALA A 42 -2.39 -9.59 3.36
CA ALA A 42 -2.21 -11.02 3.26
C ALA A 42 -2.59 -11.73 4.55
N ASP A 43 -2.31 -11.07 5.67
CA ASP A 43 -2.55 -11.65 7.00
C ASP A 43 -4.03 -11.57 7.40
N ASN A 44 -4.62 -10.41 7.16
CA ASN A 44 -5.98 -10.14 7.62
C ASN A 44 -7.04 -10.47 6.56
N GLU A 45 -6.66 -10.27 5.29
CA GLU A 45 -7.56 -10.57 4.15
C GLU A 45 -8.92 -9.86 4.32
N ARG A 46 -8.90 -8.63 4.78
CA ARG A 46 -10.16 -7.90 5.02
C ARG A 46 -10.00 -6.38 4.79
N LEU A 47 -8.81 -5.84 5.00
CA LEU A 47 -8.55 -4.41 4.84
C LEU A 47 -9.27 -3.60 5.92
N PRO A 48 -8.62 -2.56 6.45
CA PRO A 48 -9.16 -1.73 7.54
C PRO A 48 -10.39 -0.90 7.11
N PHE A 49 -10.44 -0.57 5.82
CA PHE A 49 -11.54 0.23 5.29
C PHE A 49 -12.14 -0.41 4.04
N LYS A 50 -11.31 -0.48 2.98
CA LYS A 50 -11.73 -1.09 1.71
C LYS A 50 -12.77 -0.20 1.01
N GLN A 51 -12.77 1.09 1.37
CA GLN A 51 -13.76 2.10 0.89
C GLN A 51 -15.19 1.56 0.90
N THR A 52 -15.50 0.73 -0.08
CA THR A 52 -16.83 0.17 -0.24
C THR A 52 -16.90 -0.66 -1.53
N LEU A 53 -16.00 -0.34 -2.48
CA LEU A 53 -15.88 -1.06 -3.74
C LEU A 53 -17.07 -0.76 -4.64
N MET B 4 -4.84 10.79 -12.64
CA MET B 4 -4.16 9.61 -12.06
C MET B 4 -2.78 9.41 -12.67
N GLY B 5 -1.85 8.91 -11.86
CA GLY B 5 -0.53 8.57 -12.33
C GLY B 5 -0.09 7.21 -11.82
N SER B 6 0.98 6.68 -12.40
CA SER B 6 1.51 5.37 -11.99
C SER B 6 2.83 5.52 -11.28
N ILE B 7 3.03 4.70 -10.26
CA ILE B 7 4.27 4.64 -9.50
C ILE B 7 4.81 3.23 -9.55
N ASN B 8 6.11 3.08 -9.30
CA ASN B 8 6.73 1.76 -9.27
C ASN B 8 6.97 1.35 -7.83
N LEU B 9 6.49 0.15 -7.48
CA LEU B 9 6.70 -0.39 -6.15
C LEU B 9 7.59 -1.62 -6.26
N ARG B 10 8.42 -1.89 -5.25
CA ARG B 10 9.40 -2.96 -5.34
C ARG B 10 9.43 -3.72 -4.01
N ILE B 11 9.06 -4.99 -4.03
CA ILE B 11 9.01 -5.82 -2.82
C ILE B 11 9.42 -7.24 -3.14
N ASP B 12 9.65 -8.06 -2.13
CA ASP B 12 9.99 -9.46 -2.36
C ASP B 12 8.79 -10.16 -3.00
N ASP B 13 9.06 -10.92 -4.06
CA ASP B 13 8.00 -11.54 -4.84
C ASP B 13 7.13 -12.45 -3.99
N GLU B 14 7.71 -13.05 -2.95
CA GLU B 14 6.98 -13.96 -2.08
C GLU B 14 5.85 -13.26 -1.35
N LEU B 15 6.09 -12.02 -0.92
CA LEU B 15 5.12 -11.28 -0.14
C LEU B 15 4.05 -10.72 -1.07
N LYS B 16 4.54 -10.23 -2.21
CA LYS B 16 3.69 -9.76 -3.29
C LYS B 16 2.60 -10.79 -3.59
N ALA B 17 3.02 -12.01 -3.91
CA ALA B 17 2.10 -13.10 -4.22
C ALA B 17 0.97 -13.22 -3.21
N ARG B 18 1.32 -13.26 -1.91
CA ARG B 18 0.34 -13.43 -0.84
C ARG B 18 -0.64 -12.24 -0.80
N SER B 19 -0.11 -11.04 -0.97
CA SER B 19 -0.94 -9.83 -0.96
C SER B 19 -1.96 -9.87 -2.11
N TYR B 20 -1.47 -9.95 -3.33
CA TYR B 20 -2.33 -9.97 -4.52
C TYR B 20 -3.37 -11.10 -4.41
N ALA B 21 -2.95 -12.24 -3.86
CA ALA B 21 -3.85 -13.37 -3.69
C ALA B 21 -5.01 -13.03 -2.75
N ALA B 22 -4.68 -12.47 -1.60
CA ALA B 22 -5.65 -12.14 -0.57
C ALA B 22 -6.75 -11.21 -1.11
N LEU B 23 -6.32 -10.16 -1.81
CA LEU B 23 -7.24 -9.14 -2.27
C LEU B 23 -8.11 -9.63 -3.45
N GLU B 24 -7.53 -10.43 -4.34
CA GLU B 24 -8.27 -10.94 -5.51
C GLU B 24 -9.31 -11.97 -5.04
N LYS B 25 -9.06 -12.56 -3.88
CA LYS B 25 -9.98 -13.49 -3.26
C LYS B 25 -11.14 -12.71 -2.68
N MET B 26 -10.81 -11.63 -2.00
CA MET B 26 -11.79 -10.69 -1.45
C MET B 26 -12.60 -10.06 -2.57
N GLY B 27 -12.08 -10.14 -3.80
CA GLY B 27 -12.72 -9.55 -4.96
C GLY B 27 -12.33 -8.10 -5.14
N VAL B 28 -11.27 -7.70 -4.42
CA VAL B 28 -10.80 -6.30 -4.48
C VAL B 28 -9.71 -6.17 -5.54
N THR B 29 -9.73 -5.06 -6.28
CA THR B 29 -8.70 -4.77 -7.26
C THR B 29 -7.43 -4.30 -6.56
N PRO B 30 -6.24 -4.80 -6.96
CA PRO B 30 -4.97 -4.42 -6.34
C PRO B 30 -4.82 -2.90 -6.25
N SER B 31 -5.10 -2.21 -7.36
CA SER B 31 -4.99 -0.74 -7.41
C SER B 31 -5.80 -0.10 -6.29
N GLU B 32 -6.87 -0.79 -5.87
CA GLU B 32 -7.77 -0.25 -4.84
C GLU B 32 -7.14 -0.43 -3.46
N ALA B 33 -6.68 -1.66 -3.16
CA ALA B 33 -6.09 -1.95 -1.86
C ALA B 33 -4.89 -1.04 -1.55
N LEU B 34 -4.06 -0.76 -2.55
CA LEU B 34 -2.93 0.14 -2.35
C LEU B 34 -3.40 1.59 -2.19
N ARG B 35 -4.49 1.91 -2.91
CA ARG B 35 -5.06 3.27 -2.84
C ARG B 35 -5.55 3.60 -1.43
N LEU B 36 -6.26 2.67 -0.81
CA LEU B 36 -6.80 2.88 0.53
C LEU B 36 -5.68 2.96 1.55
N MET B 37 -4.54 2.34 1.20
CA MET B 37 -3.35 2.43 2.03
C MET B 37 -2.82 3.85 1.99
N LEU B 38 -2.79 4.46 0.80
CA LEU B 38 -2.28 5.80 0.64
C LEU B 38 -3.13 6.76 1.44
N GLU B 39 -4.38 6.43 1.60
CA GLU B 39 -5.32 7.22 2.39
C GLU B 39 -4.91 7.22 3.86
N TYR B 40 -4.68 6.03 4.44
CA TYR B 40 -4.46 5.92 5.89
C TYR B 40 -3.10 6.47 6.31
N ILE B 41 -2.09 6.35 5.43
CA ILE B 41 -0.76 6.87 5.76
C ILE B 41 -0.78 8.41 5.77
N ALA B 42 -1.46 8.99 4.81
CA ALA B 42 -1.58 10.45 4.73
C ALA B 42 -2.34 11.01 5.93
N ASP B 43 -3.35 10.26 6.37
CA ASP B 43 -4.22 10.71 7.46
C ASP B 43 -3.57 10.53 8.83
N ASN B 44 -2.93 9.38 9.05
CA ASN B 44 -2.42 9.02 10.36
C ASN B 44 -0.95 9.41 10.49
N GLU B 45 -0.20 9.33 9.39
CA GLU B 45 1.25 9.63 9.42
C GLU B 45 1.96 8.82 10.53
N ARG B 46 1.72 7.53 10.60
CA ARG B 46 2.33 6.71 11.64
C ARG B 46 2.55 5.28 11.19
N LEU B 47 1.63 4.75 10.37
CA LEU B 47 1.73 3.38 9.86
C LEU B 47 1.55 2.35 10.98
N PRO B 48 1.00 1.16 10.68
CA PRO B 48 0.81 0.08 11.66
C PRO B 48 2.14 -0.39 12.22
N PHE B 49 3.17 -0.44 11.36
CA PHE B 49 4.51 -0.85 11.73
C PHE B 49 5.45 0.09 11.03
N LYS B 50 5.90 1.12 11.74
CA LYS B 50 6.73 2.12 11.10
C LYS B 50 8.21 1.84 11.26
N GLN B 51 8.75 1.21 10.25
CA GLN B 51 10.21 1.05 10.07
C GLN B 51 10.58 1.45 8.65
N THR B 52 11.85 1.31 8.30
CA THR B 52 12.31 1.55 6.96
C THR B 52 13.66 0.84 6.76
N LEU B 53 13.58 -0.48 6.63
CA LEU B 53 14.76 -1.34 6.52
C LEU B 53 15.68 -0.86 5.39
#